data_7WWS
# 
_entry.id   7WWS 
# 
_audit_conform.dict_name       mmcif_pdbx.dic 
_audit_conform.dict_version    5.380 
_audit_conform.dict_location   http://mmcif.pdb.org/dictionaries/ascii/mmcif_pdbx.dic 
# 
loop_
_database_2.database_id 
_database_2.database_code 
_database_2.pdbx_database_accession 
_database_2.pdbx_DOI 
PDB   7WWS         pdb_00007wws 10.2210/pdb7wws/pdb 
WWPDB D_1300027628 ?            ?                   
# 
_pdbx_database_status.status_code                     REL 
_pdbx_database_status.status_code_sf                  REL 
_pdbx_database_status.status_code_mr                  ? 
_pdbx_database_status.entry_id                        7WWS 
_pdbx_database_status.recvd_initial_deposition_date   2022-02-14 
_pdbx_database_status.SG_entry                        N 
_pdbx_database_status.deposit_site                    PDBJ 
_pdbx_database_status.process_site                    PDBJ 
_pdbx_database_status.status_code_cs                  ? 
_pdbx_database_status.status_code_nmr_data            ? 
_pdbx_database_status.methods_development_category    ? 
_pdbx_database_status.pdb_format_compatible           Y 
# 
loop_
_audit_author.name 
_audit_author.pdbx_ordinal 
_audit_author.identifier_ORCID 
'Qian, S.' 1 ? 
'Li, H.'   2 ? 
'Fan, X.'  3 ? 
'Tian, X.' 4 ? 
'Li, J.'   5 ? 
'Wang, L.' 6 ? 
'Chu, Y.'  7 ? 
# 
_citation.abstract                  ? 
_citation.abstract_id_CAS           ? 
_citation.book_id_ISBN              ? 
_citation.book_publisher            ? 
_citation.book_publisher_city       ? 
_citation.book_title                ? 
_citation.coordinate_linkage        ? 
_citation.country                   ? 
_citation.database_id_Medline       ? 
_citation.details                   ? 
_citation.id                        primary 
_citation.journal_abbrev            'To Be Published' 
_citation.journal_id_ASTM           ? 
_citation.journal_id_CSD            0353 
_citation.journal_id_ISSN           ? 
_citation.journal_full              ? 
_citation.journal_issue             ? 
_citation.journal_volume            ? 
_citation.language                  ? 
_citation.page_first                ? 
_citation.page_last                 ? 
_citation.title                     'Structure of a triple-helix region of human collagen type III from Trautec' 
_citation.year                      ? 
_citation.database_id_CSD           ? 
_citation.pdbx_database_id_DOI      ? 
_citation.pdbx_database_id_PubMed   ? 
_citation.pdbx_database_id_patent   ? 
_citation.unpublished_flag          ? 
# 
loop_
_citation_author.citation_id 
_citation_author.name 
_citation_author.ordinal 
_citation_author.identifier_ORCID 
primary 'Qian, S.' 1 ? 
primary 'Li, H.'   2 ? 
primary 'Fan, X.'  3 ? 
primary 'Tian, X.' 4 ? 
primary 'Li, J.'   5 ? 
primary 'Wang, L.' 6 ? 
primary 'Chu, Y.'  7 ? 
# 
_cell.angle_alpha                  90.000 
_cell.angle_alpha_esd              ? 
_cell.angle_beta                   96.886 
_cell.angle_beta_esd               ? 
_cell.angle_gamma                  90.000 
_cell.angle_gamma_esd              ? 
_cell.entry_id                     7WWS 
_cell.details                      ? 
_cell.formula_units_Z              ? 
_cell.length_a                     18.582 
_cell.length_a_esd                 ? 
_cell.length_b                     19.320 
_cell.length_b_esd                 ? 
_cell.length_c                     74.234 
_cell.length_c_esd                 ? 
_cell.volume                       ? 
_cell.volume_esd                   ? 
_cell.Z_PDB                        6 
_cell.reciprocal_angle_alpha       ? 
_cell.reciprocal_angle_beta        ? 
_cell.reciprocal_angle_gamma       ? 
_cell.reciprocal_angle_alpha_esd   ? 
_cell.reciprocal_angle_beta_esd    ? 
_cell.reciprocal_angle_gamma_esd   ? 
_cell.reciprocal_length_a          ? 
_cell.reciprocal_length_b          ? 
_cell.reciprocal_length_c          ? 
_cell.reciprocal_length_a_esd      ? 
_cell.reciprocal_length_b_esd      ? 
_cell.reciprocal_length_c_esd      ? 
_cell.pdbx_unique_axis             ? 
# 
_symmetry.entry_id                         7WWS 
_symmetry.cell_setting                     ? 
_symmetry.Int_Tables_number                4 
_symmetry.space_group_name_Hall            ? 
_symmetry.space_group_name_H-M             'P 1 21 1' 
_symmetry.pdbx_full_space_group_name_H-M   ? 
# 
loop_
_entity.id 
_entity.type 
_entity.src_method 
_entity.pdbx_description 
_entity.formula_weight 
_entity.pdbx_number_of_molecules 
_entity.pdbx_ec 
_entity.pdbx_mutation 
_entity.pdbx_fragment 
_entity.details 
1 polymer syn 'Collagen alpha-1(III) chain' 2464.582 3   ? ? ? ? 
2 water   nat water                         18.015   156 ? ? ? ? 
# 
_entity_poly.entity_id                      1 
_entity_poly.type                           'polypeptide(L)' 
_entity_poly.nstd_linkage                   no 
_entity_poly.nstd_monomer                   yes 
_entity_poly.pdbx_seq_one_letter_code       'P(HYP)GP(HYP)GP(HYP)GANGLSGERGP(HYP)GP(HYP)GP(HYP)G' 
_entity_poly.pdbx_seq_one_letter_code_can   PPGPPGPPGANGLSGERGPPGPPGPPG 
_entity_poly.pdbx_strand_id                 A,B,C 
_entity_poly.pdbx_target_identifier         ? 
# 
loop_
_entity_poly_seq.entity_id 
_entity_poly_seq.num 
_entity_poly_seq.mon_id 
_entity_poly_seq.hetero 
1 1  PRO n 
1 2  HYP n 
1 3  GLY n 
1 4  PRO n 
1 5  HYP n 
1 6  GLY n 
1 7  PRO n 
1 8  HYP n 
1 9  GLY n 
1 10 ALA n 
1 11 ASN n 
1 12 GLY n 
1 13 LEU n 
1 14 SER n 
1 15 GLY n 
1 16 GLU n 
1 17 ARG n 
1 18 GLY n 
1 19 PRO n 
1 20 HYP n 
1 21 GLY n 
1 22 PRO n 
1 23 HYP n 
1 24 GLY n 
1 25 PRO n 
1 26 HYP n 
1 27 GLY n 
# 
_pdbx_entity_src_syn.entity_id              1 
_pdbx_entity_src_syn.pdbx_src_id            1 
_pdbx_entity_src_syn.pdbx_alt_source_flag   sample 
_pdbx_entity_src_syn.pdbx_beg_seq_num       1 
_pdbx_entity_src_syn.pdbx_end_seq_num       27 
_pdbx_entity_src_syn.organism_scientific    'Homo sapiens' 
_pdbx_entity_src_syn.organism_common_name   human 
_pdbx_entity_src_syn.ncbi_taxonomy_id       9606 
_pdbx_entity_src_syn.details                ? 
# 
_struct_ref.id                         1 
_struct_ref.db_name                    UNP 
_struct_ref.db_code                    CO3A1_HUMAN 
_struct_ref.pdbx_db_accession          P02461 
_struct_ref.pdbx_db_isoform            ? 
_struct_ref.entity_id                  1 
_struct_ref.pdbx_seq_one_letter_code   VKGESGKPGANGLSGERGPPGPQGLPG 
_struct_ref.pdbx_align_begin           976 
# 
loop_
_struct_ref_seq.align_id 
_struct_ref_seq.ref_id 
_struct_ref_seq.pdbx_PDB_id_code 
_struct_ref_seq.pdbx_strand_id 
_struct_ref_seq.seq_align_beg 
_struct_ref_seq.pdbx_seq_align_beg_ins_code 
_struct_ref_seq.seq_align_end 
_struct_ref_seq.pdbx_seq_align_end_ins_code 
_struct_ref_seq.pdbx_db_accession 
_struct_ref_seq.db_align_beg 
_struct_ref_seq.pdbx_db_align_beg_ins_code 
_struct_ref_seq.db_align_end 
_struct_ref_seq.pdbx_db_align_end_ins_code 
_struct_ref_seq.pdbx_auth_seq_align_beg 
_struct_ref_seq.pdbx_auth_seq_align_end 
1 1 7WWS A 1 ? 27 ? P02461 976 ? 1002 ? 1 27 
2 1 7WWS B 1 ? 27 ? P02461 976 ? 1002 ? 1 27 
3 1 7WWS C 1 ? 27 ? P02461 976 ? 1002 ? 1 27 
# 
loop_
_struct_ref_seq_dif.align_id 
_struct_ref_seq_dif.pdbx_pdb_id_code 
_struct_ref_seq_dif.mon_id 
_struct_ref_seq_dif.pdbx_pdb_strand_id 
_struct_ref_seq_dif.seq_num 
_struct_ref_seq_dif.pdbx_pdb_ins_code 
_struct_ref_seq_dif.pdbx_seq_db_name 
_struct_ref_seq_dif.pdbx_seq_db_accession_code 
_struct_ref_seq_dif.db_mon_id 
_struct_ref_seq_dif.pdbx_seq_db_seq_num 
_struct_ref_seq_dif.details 
_struct_ref_seq_dif.pdbx_auth_seq_num 
_struct_ref_seq_dif.pdbx_ordinal 
1 7WWS PRO A 1  ? UNP P02461 VAL 976  conflict 1  1  
1 7WWS HYP A 2  ? UNP P02461 LYS 977  conflict 2  2  
1 7WWS PRO A 4  ? UNP P02461 GLU 979  conflict 4  3  
1 7WWS HYP A 5  ? UNP P02461 SER 980  conflict 5  4  
1 7WWS PRO A 7  ? UNP P02461 LYS 982  conflict 7  5  
1 7WWS HYP A 23 ? UNP P02461 GLN 998  conflict 23 6  
1 7WWS PRO A 25 ? UNP P02461 LEU 1000 conflict 25 7  
2 7WWS PRO B 1  ? UNP P02461 VAL 976  conflict 1  8  
2 7WWS HYP B 2  ? UNP P02461 LYS 977  conflict 2  9  
2 7WWS PRO B 4  ? UNP P02461 GLU 979  conflict 4  10 
2 7WWS HYP B 5  ? UNP P02461 SER 980  conflict 5  11 
2 7WWS PRO B 7  ? UNP P02461 LYS 982  conflict 7  12 
2 7WWS HYP B 23 ? UNP P02461 GLN 998  conflict 23 13 
2 7WWS PRO B 25 ? UNP P02461 LEU 1000 conflict 25 14 
3 7WWS PRO C 1  ? UNP P02461 VAL 976  conflict 1  15 
3 7WWS HYP C 2  ? UNP P02461 LYS 977  conflict 2  16 
3 7WWS PRO C 4  ? UNP P02461 GLU 979  conflict 4  17 
3 7WWS HYP C 5  ? UNP P02461 SER 980  conflict 5  18 
3 7WWS PRO C 7  ? UNP P02461 LYS 982  conflict 7  19 
3 7WWS HYP C 23 ? UNP P02461 GLN 998  conflict 23 20 
3 7WWS PRO C 25 ? UNP P02461 LEU 1000 conflict 25 21 
# 
loop_
_chem_comp.id 
_chem_comp.type 
_chem_comp.mon_nstd_flag 
_chem_comp.name 
_chem_comp.pdbx_synonyms 
_chem_comp.formula 
_chem_comp.formula_weight 
ALA 'L-peptide linking' y ALANINE          ?              'C3 H7 N O2'     89.093  
ARG 'L-peptide linking' y ARGININE         ?              'C6 H15 N4 O2 1' 175.209 
ASN 'L-peptide linking' y ASPARAGINE       ?              'C4 H8 N2 O3'    132.118 
GLN 'L-peptide linking' y GLUTAMINE        ?              'C5 H10 N2 O3'   146.144 
GLU 'L-peptide linking' y 'GLUTAMIC ACID'  ?              'C5 H9 N O4'     147.129 
GLY 'peptide linking'   y GLYCINE          ?              'C2 H5 N O2'     75.067  
HOH non-polymer         . WATER            ?              'H2 O'           18.015  
HYP 'L-peptide linking' n 4-HYDROXYPROLINE HYDROXYPROLINE 'C5 H9 N O3'     131.130 
LEU 'L-peptide linking' y LEUCINE          ?              'C6 H13 N O2'    131.173 
LYS 'L-peptide linking' y LYSINE           ?              'C6 H15 N2 O2 1' 147.195 
PRO 'L-peptide linking' y PROLINE          ?              'C5 H9 N O2'     115.130 
SER 'L-peptide linking' y SERINE           ?              'C3 H7 N O3'     105.093 
VAL 'L-peptide linking' y VALINE           ?              'C5 H11 N O2'    117.146 
# 
_exptl.absorpt_coefficient_mu     ? 
_exptl.absorpt_correction_T_max   ? 
_exptl.absorpt_correction_T_min   ? 
_exptl.absorpt_correction_type    ? 
_exptl.absorpt_process_details    ? 
_exptl.entry_id                   7WWS 
_exptl.crystals_number            1 
_exptl.details                    ? 
_exptl.method                     'X-RAY DIFFRACTION' 
_exptl.method_details             ? 
# 
_exptl_crystal.colour                      ? 
_exptl_crystal.density_diffrn              ? 
_exptl_crystal.density_Matthews            1.79 
_exptl_crystal.density_method              ? 
_exptl_crystal.density_percent_sol         31.25 
_exptl_crystal.description                 ? 
_exptl_crystal.F_000                       ? 
_exptl_crystal.id                          1 
_exptl_crystal.preparation                 ? 
_exptl_crystal.size_max                    ? 
_exptl_crystal.size_mid                    ? 
_exptl_crystal.size_min                    ? 
_exptl_crystal.size_rad                    ? 
_exptl_crystal.colour_lustre               ? 
_exptl_crystal.colour_modifier             ? 
_exptl_crystal.colour_primary              ? 
_exptl_crystal.density_meas                ? 
_exptl_crystal.density_meas_esd            ? 
_exptl_crystal.density_meas_gt             ? 
_exptl_crystal.density_meas_lt             ? 
_exptl_crystal.density_meas_temp           ? 
_exptl_crystal.density_meas_temp_esd       ? 
_exptl_crystal.density_meas_temp_gt        ? 
_exptl_crystal.density_meas_temp_lt        ? 
_exptl_crystal.pdbx_crystal_image_url      ? 
_exptl_crystal.pdbx_crystal_image_format   ? 
_exptl_crystal.pdbx_mosaicity              ? 
_exptl_crystal.pdbx_mosaicity_esd          ? 
# 
_exptl_crystal_grow.apparatus       ? 
_exptl_crystal_grow.atmosphere      ? 
_exptl_crystal_grow.crystal_id      1 
_exptl_crystal_grow.details         ? 
_exptl_crystal_grow.method          'VAPOR DIFFUSION, SITTING DROP' 
_exptl_crystal_grow.method_ref      ? 
_exptl_crystal_grow.pH              ? 
_exptl_crystal_grow.pressure        ? 
_exptl_crystal_grow.pressure_esd    ? 
_exptl_crystal_grow.seeding         ? 
_exptl_crystal_grow.seeding_ref     ? 
_exptl_crystal_grow.temp            293 
_exptl_crystal_grow.temp_details    ? 
_exptl_crystal_grow.temp_esd        ? 
_exptl_crystal_grow.time            ? 
_exptl_crystal_grow.pdbx_details    '0.2M MgAc2, 0.1M Na cacodylate pH6.5, 20% PEG 8000' 
_exptl_crystal_grow.pdbx_pH_range   ? 
# 
_diffrn.ambient_environment              ? 
_diffrn.ambient_temp                     100 
_diffrn.ambient_temp_details             ? 
_diffrn.ambient_temp_esd                 ? 
_diffrn.crystal_id                       1 
_diffrn.crystal_support                  ? 
_diffrn.crystal_treatment                ? 
_diffrn.details                          ? 
_diffrn.id                               1 
_diffrn.ambient_pressure                 ? 
_diffrn.ambient_pressure_esd             ? 
_diffrn.ambient_pressure_gt              ? 
_diffrn.ambient_pressure_lt              ? 
_diffrn.ambient_temp_gt                  ? 
_diffrn.ambient_temp_lt                  ? 
_diffrn.pdbx_serial_crystal_experiment   N 
# 
_diffrn_detector.details                      ? 
_diffrn_detector.detector                     PIXEL 
_diffrn_detector.diffrn_id                    1 
_diffrn_detector.type                         'DECTRIS PILATUS3 6M' 
_diffrn_detector.area_resol_mean              ? 
_diffrn_detector.dtime                        ? 
_diffrn_detector.pdbx_frames_total            ? 
_diffrn_detector.pdbx_collection_time_total   ? 
_diffrn_detector.pdbx_collection_date         2022-01-14 
_diffrn_detector.pdbx_frequency               ? 
# 
_diffrn_radiation.collimation                      ? 
_diffrn_radiation.diffrn_id                        1 
_diffrn_radiation.filter_edge                      ? 
_diffrn_radiation.inhomogeneity                    ? 
_diffrn_radiation.monochromator                    ? 
_diffrn_radiation.polarisn_norm                    ? 
_diffrn_radiation.polarisn_ratio                   ? 
_diffrn_radiation.probe                            ? 
_diffrn_radiation.type                             ? 
_diffrn_radiation.xray_symbol                      ? 
_diffrn_radiation.wavelength_id                    1 
_diffrn_radiation.pdbx_monochromatic_or_laue_m_l   M 
_diffrn_radiation.pdbx_wavelength_list             ? 
_diffrn_radiation.pdbx_wavelength                  ? 
_diffrn_radiation.pdbx_diffrn_protocol             'SINGLE WAVELENGTH' 
_diffrn_radiation.pdbx_analyzer                    ? 
_diffrn_radiation.pdbx_scattering_type             x-ray 
# 
_diffrn_radiation_wavelength.id           1 
_diffrn_radiation_wavelength.wavelength   0.7749 
_diffrn_radiation_wavelength.wt           1.0 
# 
_diffrn_source.current                     ? 
_diffrn_source.details                     ? 
_diffrn_source.diffrn_id                   1 
_diffrn_source.power                       ? 
_diffrn_source.size                        ? 
_diffrn_source.source                      SYNCHROTRON 
_diffrn_source.target                      ? 
_diffrn_source.type                        'CLSI BEAMLINE 08ID-1' 
_diffrn_source.voltage                     ? 
_diffrn_source.take-off_angle              ? 
_diffrn_source.pdbx_wavelength_list        0.7749 
_diffrn_source.pdbx_wavelength             ? 
_diffrn_source.pdbx_synchrotron_beamline   08ID-1 
_diffrn_source.pdbx_synchrotron_site       CLSI 
# 
_reflns.B_iso_Wilson_estimate                          ? 
_reflns.entry_id                                       7WWS 
_reflns.data_reduction_details                         ? 
_reflns.data_reduction_method                          ? 
_reflns.d_resolution_high                              1.30 
_reflns.d_resolution_low                               36.85 
_reflns.details                                        ? 
_reflns.limit_h_max                                    ? 
_reflns.limit_h_min                                    ? 
_reflns.limit_k_max                                    ? 
_reflns.limit_k_min                                    ? 
_reflns.limit_l_max                                    ? 
_reflns.limit_l_min                                    ? 
_reflns.number_all                                     ? 
_reflns.number_obs                                     13244 
_reflns.observed_criterion                             ? 
_reflns.observed_criterion_F_max                       ? 
_reflns.observed_criterion_F_min                       ? 
_reflns.observed_criterion_I_max                       ? 
_reflns.observed_criterion_I_min                       ? 
_reflns.observed_criterion_sigma_F                     ? 
_reflns.observed_criterion_sigma_I                     ? 
_reflns.percent_possible_obs                           99.9 
_reflns.R_free_details                                 ? 
_reflns.Rmerge_F_all                                   ? 
_reflns.Rmerge_F_obs                                   ? 
_reflns.Friedel_coverage                               ? 
_reflns.number_gt                                      ? 
_reflns.threshold_expression                           ? 
_reflns.pdbx_redundancy                                6.5 
_reflns.pdbx_Rmerge_I_obs                              0.020 
_reflns.pdbx_Rmerge_I_all                              ? 
_reflns.pdbx_Rsym_value                                ? 
_reflns.pdbx_netI_over_av_sigmaI                       ? 
_reflns.pdbx_netI_over_sigmaI                          58.8 
_reflns.pdbx_res_netI_over_av_sigmaI_2                 ? 
_reflns.pdbx_res_netI_over_sigmaI_2                    ? 
_reflns.pdbx_chi_squared                               ? 
_reflns.pdbx_scaling_rejects                           ? 
_reflns.pdbx_d_res_high_opt                            ? 
_reflns.pdbx_d_res_low_opt                             ? 
_reflns.pdbx_d_res_opt_method                          ? 
_reflns.phase_calculation_details                      ? 
_reflns.pdbx_Rrim_I_all                                ? 
_reflns.pdbx_Rpim_I_all                                ? 
_reflns.pdbx_d_opt                                     ? 
_reflns.pdbx_number_measured_all                       ? 
_reflns.pdbx_diffrn_id                                 1 
_reflns.pdbx_ordinal                                   1 
_reflns.pdbx_CC_half                                   ? 
_reflns.pdbx_CC_star                                   ? 
_reflns.pdbx_R_split                                   ? 
_reflns.pdbx_aniso_diffraction_limit_axis_1_ortho[1]   ? 
_reflns.pdbx_aniso_diffraction_limit_axis_1_ortho[2]   ? 
_reflns.pdbx_aniso_diffraction_limit_axis_1_ortho[3]   ? 
_reflns.pdbx_aniso_diffraction_limit_axis_2_ortho[1]   ? 
_reflns.pdbx_aniso_diffraction_limit_axis_2_ortho[2]   ? 
_reflns.pdbx_aniso_diffraction_limit_axis_2_ortho[3]   ? 
_reflns.pdbx_aniso_diffraction_limit_axis_3_ortho[1]   ? 
_reflns.pdbx_aniso_diffraction_limit_axis_3_ortho[2]   ? 
_reflns.pdbx_aniso_diffraction_limit_axis_3_ortho[3]   ? 
_reflns.pdbx_aniso_diffraction_limit_1                 ? 
_reflns.pdbx_aniso_diffraction_limit_2                 ? 
_reflns.pdbx_aniso_diffraction_limit_3                 ? 
_reflns.pdbx_aniso_B_tensor_eigenvector_1_ortho[1]     ? 
_reflns.pdbx_aniso_B_tensor_eigenvector_1_ortho[2]     ? 
_reflns.pdbx_aniso_B_tensor_eigenvector_1_ortho[3]     ? 
_reflns.pdbx_aniso_B_tensor_eigenvector_2_ortho[1]     ? 
_reflns.pdbx_aniso_B_tensor_eigenvector_2_ortho[2]     ? 
_reflns.pdbx_aniso_B_tensor_eigenvector_2_ortho[3]     ? 
_reflns.pdbx_aniso_B_tensor_eigenvector_3_ortho[1]     ? 
_reflns.pdbx_aniso_B_tensor_eigenvector_3_ortho[2]     ? 
_reflns.pdbx_aniso_B_tensor_eigenvector_3_ortho[3]     ? 
_reflns.pdbx_aniso_B_tensor_eigenvalue_1               ? 
_reflns.pdbx_aniso_B_tensor_eigenvalue_2               ? 
_reflns.pdbx_aniso_B_tensor_eigenvalue_3               ? 
_reflns.pdbx_orthogonalization_convention              ? 
_reflns.pdbx_percent_possible_ellipsoidal              ? 
_reflns.pdbx_percent_possible_spherical                ? 
_reflns.pdbx_percent_possible_ellipsoidal_anomalous    ? 
_reflns.pdbx_percent_possible_spherical_anomalous      ? 
_reflns.pdbx_redundancy_anomalous                      ? 
_reflns.pdbx_CC_half_anomalous                         ? 
_reflns.pdbx_absDiff_over_sigma_anomalous              ? 
_reflns.pdbx_percent_possible_anomalous                ? 
_reflns.pdbx_observed_signal_threshold                 ? 
_reflns.pdbx_signal_type                               ? 
_reflns.pdbx_signal_details                            ? 
_reflns.pdbx_signal_software_id                        ? 
# 
_reflns_shell.d_res_high                                    1.30 
_reflns_shell.d_res_low                                     1.32 
_reflns_shell.meanI_over_sigI_all                           ? 
_reflns_shell.meanI_over_sigI_obs                           ? 
_reflns_shell.number_measured_all                           ? 
_reflns_shell.number_measured_obs                           ? 
_reflns_shell.number_possible                               ? 
_reflns_shell.number_unique_all                             ? 
_reflns_shell.number_unique_obs                             658 
_reflns_shell.percent_possible_all                          ? 
_reflns_shell.percent_possible_obs                          ? 
_reflns_shell.Rmerge_F_all                                  ? 
_reflns_shell.Rmerge_F_obs                                  ? 
_reflns_shell.Rmerge_I_all                                  ? 
_reflns_shell.Rmerge_I_obs                                  0.041 
_reflns_shell.meanI_over_sigI_gt                            ? 
_reflns_shell.meanI_over_uI_all                             ? 
_reflns_shell.meanI_over_uI_gt                              ? 
_reflns_shell.number_measured_gt                            ? 
_reflns_shell.number_unique_gt                              ? 
_reflns_shell.percent_possible_gt                           ? 
_reflns_shell.Rmerge_F_gt                                   ? 
_reflns_shell.Rmerge_I_gt                                   ? 
_reflns_shell.pdbx_redundancy                               ? 
_reflns_shell.pdbx_Rsym_value                               ? 
_reflns_shell.pdbx_chi_squared                              ? 
_reflns_shell.pdbx_netI_over_sigmaI_all                     ? 
_reflns_shell.pdbx_netI_over_sigmaI_obs                     ? 
_reflns_shell.pdbx_Rrim_I_all                               ? 
_reflns_shell.pdbx_Rpim_I_all                               ? 
_reflns_shell.pdbx_rejects                                  ? 
_reflns_shell.pdbx_ordinal                                  1 
_reflns_shell.pdbx_diffrn_id                                1 
_reflns_shell.pdbx_CC_half                                  ? 
_reflns_shell.pdbx_CC_star                                  ? 
_reflns_shell.pdbx_R_split                                  ? 
_reflns_shell.pdbx_percent_possible_ellipsoidal             ? 
_reflns_shell.pdbx_percent_possible_spherical               ? 
_reflns_shell.pdbx_percent_possible_ellipsoidal_anomalous   ? 
_reflns_shell.pdbx_percent_possible_spherical_anomalous     ? 
_reflns_shell.pdbx_redundancy_anomalous                     ? 
_reflns_shell.pdbx_CC_half_anomalous                        ? 
_reflns_shell.pdbx_absDiff_over_sigma_anomalous             ? 
_reflns_shell.pdbx_percent_possible_anomalous               ? 
# 
_refine.aniso_B[1][1]                            -0.080 
_refine.aniso_B[1][2]                            0.000 
_refine.aniso_B[1][3]                            -0.299 
_refine.aniso_B[2][2]                            -0.012 
_refine.aniso_B[2][3]                            0.000 
_refine.aniso_B[3][3]                            0.160 
_refine.B_iso_max                                ? 
_refine.B_iso_mean                               13.945 
_refine.B_iso_min                                ? 
_refine.correlation_coeff_Fo_to_Fc               0.980 
_refine.correlation_coeff_Fo_to_Fc_free          0.962 
_refine.details                                  'Hydrogens have been added in their riding positions' 
_refine.diff_density_max                         ? 
_refine.diff_density_max_esd                     ? 
_refine.diff_density_min                         ? 
_refine.diff_density_min_esd                     ? 
_refine.diff_density_rms                         ? 
_refine.diff_density_rms_esd                     ? 
_refine.entry_id                                 7WWS 
_refine.pdbx_refine_id                           'X-RAY DIFFRACTION' 
_refine.ls_abs_structure_details                 ? 
_refine.ls_abs_structure_Flack                   ? 
_refine.ls_abs_structure_Flack_esd               ? 
_refine.ls_abs_structure_Rogers                  ? 
_refine.ls_abs_structure_Rogers_esd              ? 
_refine.ls_d_res_high                            1.300 
_refine.ls_d_res_low                             24.578 
_refine.ls_extinction_coef                       ? 
_refine.ls_extinction_coef_esd                   ? 
_refine.ls_extinction_expression                 ? 
_refine.ls_extinction_method                     ? 
_refine.ls_goodness_of_fit_all                   ? 
_refine.ls_goodness_of_fit_all_esd               ? 
_refine.ls_goodness_of_fit_obs                   ? 
_refine.ls_goodness_of_fit_obs_esd               ? 
_refine.ls_hydrogen_treatment                    ? 
_refine.ls_matrix_type                           ? 
_refine.ls_number_constraints                    ? 
_refine.ls_number_parameters                     ? 
_refine.ls_number_reflns_all                     ? 
_refine.ls_number_reflns_obs                     13236 
_refine.ls_number_reflns_R_free                  629 
_refine.ls_number_reflns_R_work                  12607 
_refine.ls_number_restraints                     ? 
_refine.ls_percent_reflns_obs                    99.887 
_refine.ls_percent_reflns_R_free                 4.752 
_refine.ls_R_factor_all                          0.116 
_refine.ls_R_factor_obs                          ? 
_refine.ls_R_factor_R_free                       0.1582 
_refine.ls_R_factor_R_free_error                 ? 
_refine.ls_R_factor_R_free_error_details         ? 
_refine.ls_R_factor_R_work                       0.1144 
_refine.ls_R_Fsqd_factor_obs                     ? 
_refine.ls_R_I_factor_obs                        ? 
_refine.ls_redundancy_reflns_all                 ? 
_refine.ls_redundancy_reflns_obs                 ? 
_refine.ls_restrained_S_all                      ? 
_refine.ls_restrained_S_obs                      ? 
_refine.ls_shift_over_esd_max                    ? 
_refine.ls_shift_over_esd_mean                   ? 
_refine.ls_structure_factor_coef                 ? 
_refine.ls_weighting_details                     ? 
_refine.ls_weighting_scheme                      ? 
_refine.ls_wR_factor_all                         ? 
_refine.ls_wR_factor_obs                         ? 
_refine.ls_wR_factor_R_free                      ? 
_refine.ls_wR_factor_R_work                      ? 
_refine.occupancy_max                            ? 
_refine.occupancy_min                            ? 
_refine.solvent_model_details                    'MASK BULK SOLVENT' 
_refine.solvent_model_param_bsol                 ? 
_refine.solvent_model_param_ksol                 ? 
_refine.pdbx_R_complete                          ? 
_refine.ls_R_factor_gt                           ? 
_refine.ls_goodness_of_fit_gt                    ? 
_refine.ls_goodness_of_fit_ref                   ? 
_refine.ls_shift_over_su_max                     ? 
_refine.ls_shift_over_su_max_lt                  ? 
_refine.ls_shift_over_su_mean                    ? 
_refine.ls_shift_over_su_mean_lt                 ? 
_refine.pdbx_ls_sigma_I                          ? 
_refine.pdbx_ls_sigma_F                          ? 
_refine.pdbx_ls_sigma_Fsqd                       ? 
_refine.pdbx_data_cutoff_high_absF               ? 
_refine.pdbx_data_cutoff_high_rms_absF           ? 
_refine.pdbx_data_cutoff_low_absF                ? 
_refine.pdbx_isotropic_thermal_model             ? 
_refine.pdbx_ls_cross_valid_method               'FREE R-VALUE' 
_refine.pdbx_method_to_determine_struct          'MOLECULAR REPLACEMENT' 
_refine.pdbx_starting_model                      2cuo 
_refine.pdbx_stereochemistry_target_values       ? 
_refine.pdbx_R_Free_selection_details            ? 
_refine.pdbx_stereochem_target_val_spec_case     ? 
_refine.pdbx_overall_ESU_R                       0.049 
_refine.pdbx_overall_ESU_R_Free                  0.049 
_refine.pdbx_solvent_vdw_probe_radii             1.200 
_refine.pdbx_solvent_ion_probe_radii             0.800 
_refine.pdbx_solvent_shrinkage_radii             0.800 
_refine.pdbx_real_space_R                        ? 
_refine.pdbx_density_correlation                 ? 
_refine.pdbx_pd_number_of_powder_patterns        ? 
_refine.pdbx_pd_number_of_points                 ? 
_refine.pdbx_pd_meas_number_of_points            ? 
_refine.pdbx_pd_proc_ls_prof_R_factor            ? 
_refine.pdbx_pd_proc_ls_prof_wR_factor           ? 
_refine.pdbx_pd_Marquardt_correlation_coeff      ? 
_refine.pdbx_pd_Fsqrd_R_factor                   ? 
_refine.pdbx_pd_ls_matrix_band_width             ? 
_refine.pdbx_overall_phase_error                 ? 
_refine.pdbx_overall_SU_R_free_Cruickshank_DPI   ? 
_refine.pdbx_overall_SU_R_free_Blow_DPI          ? 
_refine.pdbx_overall_SU_R_Blow_DPI               ? 
_refine.pdbx_TLS_residual_ADP_flag               ? 
_refine.pdbx_diffrn_id                           1 
_refine.overall_SU_B                             1.209 
_refine.overall_SU_ML                            0.024 
_refine.overall_SU_R_Cruickshank_DPI             ? 
_refine.overall_SU_R_free                        ? 
_refine.overall_FOM_free_R_set                   ? 
_refine.overall_FOM_work_R_set                   ? 
_refine.pdbx_average_fsc_overall                 ? 
_refine.pdbx_average_fsc_work                    ? 
_refine.pdbx_average_fsc_free                    ? 
# 
_refine_hist.pdbx_refine_id                   'X-RAY DIFFRACTION' 
_refine_hist.cycle_id                         LAST 
_refine_hist.pdbx_number_atoms_protein        522 
_refine_hist.pdbx_number_atoms_nucleic_acid   0 
_refine_hist.pdbx_number_atoms_ligand         0 
_refine_hist.number_atoms_solvent             156 
_refine_hist.number_atoms_total               678 
_refine_hist.d_res_high                       1.300 
_refine_hist.d_res_low                        24.578 
# 
loop_
_refine_ls_restr.pdbx_refine_id 
_refine_ls_restr.criterion 
_refine_ls_restr.dev_ideal 
_refine_ls_restr.dev_ideal_target 
_refine_ls_restr.number 
_refine_ls_restr.rejects 
_refine_ls_restr.type 
_refine_ls_restr.weight 
_refine_ls_restr.pdbx_restraint_function 
'X-RAY DIFFRACTION' ? 0.015  0.012  559  ? r_bond_refined_d               ? ? 
'X-RAY DIFFRACTION' ? 0.002  0.016  456  ? r_bond_other_d                 ? ? 
'X-RAY DIFFRACTION' ? 1.976  1.751  793  ? r_angle_refined_deg            ? ? 
'X-RAY DIFFRACTION' ? 1.199  1.551  1122 ? r_angle_other_deg              ? ? 
'X-RAY DIFFRACTION' ? 5.872  5.000  80   ? r_dihedral_angle_1_deg         ? ? 
'X-RAY DIFFRACTION' ? 18.853 20.000 12   ? r_dihedral_angle_2_deg         ? ? 
'X-RAY DIFFRACTION' ? 10.525 15.000 28   ? r_dihedral_angle_3_deg         ? ? 
'X-RAY DIFFRACTION' ? 10.070 15.000 3    ? r_dihedral_angle_4_deg         ? ? 
'X-RAY DIFFRACTION' ? 0.084  0.200  73   ? r_chiral_restr                 ? ? 
'X-RAY DIFFRACTION' ? 0.011  0.020  655  ? r_gen_planes_refined           ? ? 
'X-RAY DIFFRACTION' ? 0.001  0.020  67   ? r_gen_planes_other             ? ? 
'X-RAY DIFFRACTION' ? 0.232  0.200  198  ? r_nbd_refined                  ? ? 
'X-RAY DIFFRACTION' ? 0.198  0.200  403  ? r_symmetry_nbd_other           ? ? 
'X-RAY DIFFRACTION' ? 0.170  0.200  308  ? r_nbtor_refined                ? ? 
'X-RAY DIFFRACTION' ? 0.091  0.200  211  ? r_symmetry_nbtor_other         ? ? 
'X-RAY DIFFRACTION' ? 0.258  0.200  88   ? r_xyhbond_nbd_refined          ? ? 
'X-RAY DIFFRACTION' ? 0.162  0.200  16   ? r_symmetry_nbd_refined         ? ? 
'X-RAY DIFFRACTION' ? 0.251  0.200  59   ? r_nbd_other                    ? ? 
'X-RAY DIFFRACTION' ? 0.366  0.200  48   ? r_symmetry_xyhbond_nbd_refined ? ? 
'X-RAY DIFFRACTION' ? 2.258  1.128  323  ? r_mcbond_it                    ? ? 
'X-RAY DIFFRACTION' ? 2.264  1.130  321  ? r_mcbond_other                 ? ? 
'X-RAY DIFFRACTION' ? 2.437  1.679  399  ? r_mcangle_it                   ? ? 
'X-RAY DIFFRACTION' ? 2.436  1.678  399  ? r_mcangle_other                ? ? 
'X-RAY DIFFRACTION' ? 2.963  1.429  236  ? r_scbond_it                    ? ? 
'X-RAY DIFFRACTION' ? 2.937  1.428  236  ? r_scbond_other                 ? ? 
'X-RAY DIFFRACTION' ? 3.559  2.065  393  ? r_scangle_it                   ? ? 
'X-RAY DIFFRACTION' ? 3.550  2.064  393  ? r_scangle_other                ? ? 
'X-RAY DIFFRACTION' ? 4.249  18.979 703  ? r_lrange_it                    ? ? 
'X-RAY DIFFRACTION' ? 4.051  17.960 659  ? r_lrange_other                 ? ? 
'X-RAY DIFFRACTION' ? 8.076  3.000  1015 ? r_rigid_bond_restr             ? ? 
# 
loop_
_refine_ls_shell.pdbx_refine_id 
_refine_ls_shell.d_res_high 
_refine_ls_shell.d_res_low 
_refine_ls_shell.number_reflns_all 
_refine_ls_shell.number_reflns_obs 
_refine_ls_shell.number_reflns_R_free 
_refine_ls_shell.number_reflns_R_work 
_refine_ls_shell.percent_reflns_obs 
_refine_ls_shell.percent_reflns_R_free 
_refine_ls_shell.R_factor_all 
_refine_ls_shell.R_factor_obs 
_refine_ls_shell.R_factor_R_free 
_refine_ls_shell.R_factor_R_free_error 
_refine_ls_shell.R_factor_R_work 
_refine_ls_shell.redundancy_reflns_all 
_refine_ls_shell.redundancy_reflns_obs 
_refine_ls_shell.wR_factor_all 
_refine_ls_shell.wR_factor_obs 
_refine_ls_shell.wR_factor_R_free 
_refine_ls_shell.wR_factor_R_work 
_refine_ls_shell.pdbx_R_complete 
_refine_ls_shell.pdbx_total_number_of_bins_used 
_refine_ls_shell.pdbx_phase_error 
_refine_ls_shell.pdbx_fsc_work 
_refine_ls_shell.pdbx_fsc_free 
'X-RAY DIFFRACTION' 1.300 1.334  . . 56 914 100.0000 . . . 0.145 . 0.091 . . . . . . . . . . . 
'X-RAY DIFFRACTION' 1.334 1.370  . . 47 886 100.0000 . . . 0.172 . 0.094 . . . . . . . . . . . 
'X-RAY DIFFRACTION' 1.370 1.410  . . 47 880 99.8922  . . . 0.143 . 0.109 . . . . . . . . . . . 
'X-RAY DIFFRACTION' 1.410 1.453  . . 36 846 99.8867  . . . 0.145 . 0.095 . . . . . . . . . . . 
'X-RAY DIFFRACTION' 1.453 1.501  . . 42 821 100.0000 . . . 0.162 . 0.106 . . . . . . . . . . . 
'X-RAY DIFFRACTION' 1.501 1.554  . . 41 807 99.8822  . . . 0.166 . 0.104 . . . . . . . . . . . 
'X-RAY DIFFRACTION' 1.554 1.612  . . 37 762 100.0000 . . . 0.145 . 0.096 . . . . . . . . . . . 
'X-RAY DIFFRACTION' 1.612 1.678  . . 40 758 100.0000 . . . 0.123 . 0.100 . . . . . . . . . . . 
'X-RAY DIFFRACTION' 1.678 1.753  . . 30 709 100.0000 . . . 0.113 . 0.100 . . . . . . . . . . . 
'X-RAY DIFFRACTION' 1.753 1.838  . . 30 669 99.5726  . . . 0.160 . 0.099 . . . . . . . . . . . 
'X-RAY DIFFRACTION' 1.838 1.938  . . 35 661 99.7135  . . . 0.179 . 0.103 . . . . . . . . . . . 
'X-RAY DIFFRACTION' 1.938 2.055  . . 36 611 99.8457  . . . 0.142 . 0.104 . . . . . . . . . . . 
'X-RAY DIFFRACTION' 2.055 2.197  . . 34 576 99.8363  . . . 0.183 . 0.104 . . . . . . . . . . . 
'X-RAY DIFFRACTION' 2.197 2.373  . . 34 536 100.0000 . . . 0.141 . 0.113 . . . . . . . . . . . 
'X-RAY DIFFRACTION' 2.373 2.599  . . 19 492 100.0000 . . . 0.193 . 0.121 . . . . . . . . . . . 
'X-RAY DIFFRACTION' 2.599 2.905  . . 20 464 99.7938  . . . 0.097 . 0.118 . . . . . . . . . . . 
'X-RAY DIFFRACTION' 2.905 3.354  . . 10 426 99.7712  . . . 0.160 . 0.132 . . . . . . . . . . . 
'X-RAY DIFFRACTION' 3.354 4.105  . . 14 338 99.7167  . . . 0.140 . 0.122 . . . . . . . . . . . 
'X-RAY DIFFRACTION' 4.105 5.797  . . 10 288 100.0000 . . . 0.125 . 0.149 . . . . . . . . . . . 
'X-RAY DIFFRACTION' 5.797 24.578 . . 11 163 99.4286  . . . 0.518 . 0.282 . . . . . . . . . . . 
# 
_struct.entry_id                     7WWS 
_struct.title                        'Structure of a triple-helix region of human collagen type III from Trautec' 
_struct.pdbx_model_details           ? 
_struct.pdbx_formula_weight          ? 
_struct.pdbx_formula_weight_method   ? 
_struct.pdbx_model_type_details      ? 
_struct.pdbx_CASP_flag               N 
# 
_struct_keywords.entry_id        7WWS 
_struct_keywords.text            
'Human collagen type III Triple-helix region Crystal structure Integrin recognition motif, STRUCTURAL PROTEIN' 
_struct_keywords.pdbx_keywords   'STRUCTURAL PROTEIN' 
# 
loop_
_struct_asym.id 
_struct_asym.pdbx_blank_PDB_chainid_flag 
_struct_asym.pdbx_modified 
_struct_asym.entity_id 
_struct_asym.details 
A N N 1 ? 
B N N 1 ? 
C N N 1 ? 
D N N 2 ? 
E N N 2 ? 
F N N 2 ? 
# 
loop_
_struct_conn.id 
_struct_conn.conn_type_id 
_struct_conn.pdbx_leaving_atom_flag 
_struct_conn.pdbx_PDB_id 
_struct_conn.ptnr1_label_asym_id 
_struct_conn.ptnr1_label_comp_id 
_struct_conn.ptnr1_label_seq_id 
_struct_conn.ptnr1_label_atom_id 
_struct_conn.pdbx_ptnr1_label_alt_id 
_struct_conn.pdbx_ptnr1_PDB_ins_code 
_struct_conn.pdbx_ptnr1_standard_comp_id 
_struct_conn.ptnr1_symmetry 
_struct_conn.ptnr2_label_asym_id 
_struct_conn.ptnr2_label_comp_id 
_struct_conn.ptnr2_label_seq_id 
_struct_conn.ptnr2_label_atom_id 
_struct_conn.pdbx_ptnr2_label_alt_id 
_struct_conn.pdbx_ptnr2_PDB_ins_code 
_struct_conn.ptnr1_auth_asym_id 
_struct_conn.ptnr1_auth_comp_id 
_struct_conn.ptnr1_auth_seq_id 
_struct_conn.ptnr2_auth_asym_id 
_struct_conn.ptnr2_auth_comp_id 
_struct_conn.ptnr2_auth_seq_id 
_struct_conn.ptnr2_symmetry 
_struct_conn.pdbx_ptnr3_label_atom_id 
_struct_conn.pdbx_ptnr3_label_seq_id 
_struct_conn.pdbx_ptnr3_label_comp_id 
_struct_conn.pdbx_ptnr3_label_asym_id 
_struct_conn.pdbx_ptnr3_label_alt_id 
_struct_conn.pdbx_ptnr3_PDB_ins_code 
_struct_conn.details 
_struct_conn.pdbx_dist_value 
_struct_conn.pdbx_value_order 
_struct_conn.pdbx_role 
covale1  covale both ? A PRO 1  C ? ? ? 1_555 A HYP 2  N ? ? A PRO 1  A HYP 2  1_555 ? ? ? ? ? ? ? 1.356 ? ? 
covale2  covale both ? A HYP 2  C ? ? ? 1_555 A GLY 3  N ? ? A HYP 2  A GLY 3  1_555 ? ? ? ? ? ? ? 1.329 ? ? 
covale3  covale both ? A PRO 4  C ? ? ? 1_555 A HYP 5  N ? ? A PRO 4  A HYP 5  1_555 ? ? ? ? ? ? ? 1.340 ? ? 
covale4  covale both ? A HYP 5  C ? ? ? 1_555 A GLY 6  N ? ? A HYP 5  A GLY 6  1_555 ? ? ? ? ? ? ? 1.343 ? ? 
covale5  covale both ? A PRO 7  C ? ? ? 1_555 A HYP 8  N ? ? A PRO 7  A HYP 8  1_555 ? ? ? ? ? ? ? 1.334 ? ? 
covale6  covale both ? A HYP 8  C ? ? ? 1_555 A GLY 9  N ? ? A HYP 8  A GLY 9  1_555 ? ? ? ? ? ? ? 1.316 ? ? 
covale7  covale both ? A PRO 19 C ? ? ? 1_555 A HYP 20 N ? ? A PRO 19 A HYP 20 1_555 ? ? ? ? ? ? ? 1.331 ? ? 
covale8  covale both ? A HYP 20 C ? ? ? 1_555 A GLY 21 N ? ? A HYP 20 A GLY 21 1_555 ? ? ? ? ? ? ? 1.332 ? ? 
covale9  covale both ? A PRO 22 C ? ? ? 1_555 A HYP 23 N ? ? A PRO 22 A HYP 23 1_555 ? ? ? ? ? ? ? 1.340 ? ? 
covale10 covale both ? A HYP 23 C ? ? ? 1_555 A GLY 24 N ? ? A HYP 23 A GLY 24 1_555 ? ? ? ? ? ? ? 1.335 ? ? 
covale11 covale both ? A PRO 25 C ? ? ? 1_555 A HYP 26 N ? ? A PRO 25 A HYP 26 1_555 ? ? ? ? ? ? ? 1.333 ? ? 
covale12 covale both ? A HYP 26 C ? ? ? 1_555 A GLY 27 N ? ? A HYP 26 A GLY 27 1_555 ? ? ? ? ? ? ? 1.334 ? ? 
covale13 covale both ? B PRO 1  C ? ? ? 1_555 B HYP 2  N ? ? B PRO 1  B HYP 2  1_555 ? ? ? ? ? ? ? 1.336 ? ? 
covale14 covale both ? B HYP 2  C ? ? ? 1_555 B GLY 3  N ? ? B HYP 2  B GLY 3  1_555 ? ? ? ? ? ? ? 1.350 ? ? 
covale15 covale both ? B PRO 4  C ? ? ? 1_555 B HYP 5  N ? ? B PRO 4  B HYP 5  1_555 ? ? ? ? ? ? ? 1.352 ? ? 
covale16 covale both ? B HYP 5  C ? ? ? 1_555 B GLY 6  N ? ? B HYP 5  B GLY 6  1_555 ? ? ? ? ? ? ? 1.318 ? ? 
covale17 covale both ? B PRO 7  C ? ? ? 1_555 B HYP 8  N ? ? B PRO 7  B HYP 8  1_555 ? ? ? ? ? ? ? 1.358 ? ? 
covale18 covale both ? B HYP 8  C ? ? ? 1_555 B GLY 9  N ? ? B HYP 8  B GLY 9  1_555 ? ? ? ? ? ? ? 1.328 ? ? 
covale19 covale both ? B PRO 19 C ? ? ? 1_555 B HYP 20 N ? ? B PRO 19 B HYP 20 1_555 ? ? ? ? ? ? ? 1.338 ? ? 
covale20 covale both ? B HYP 20 C ? ? ? 1_555 B GLY 21 N ? ? B HYP 20 B GLY 21 1_555 ? ? ? ? ? ? ? 1.340 ? ? 
covale21 covale both ? B PRO 22 C ? ? ? 1_555 B HYP 23 N ? ? B PRO 22 B HYP 23 1_555 ? ? ? ? ? ? ? 1.332 ? ? 
covale22 covale both ? B HYP 23 C ? ? ? 1_555 B GLY 24 N ? ? B HYP 23 B GLY 24 1_555 ? ? ? ? ? ? ? 1.323 ? ? 
covale23 covale both ? B PRO 25 C ? ? ? 1_555 B HYP 26 N ? ? B PRO 25 B HYP 26 1_555 ? ? ? ? ? ? ? 1.334 ? ? 
covale24 covale both ? B HYP 26 C ? ? ? 1_555 B GLY 27 N ? ? B HYP 26 B GLY 27 1_555 ? ? ? ? ? ? ? 1.365 ? ? 
covale25 covale both ? C PRO 1  C ? ? ? 1_555 C HYP 2  N ? ? C PRO 1  C HYP 2  1_555 ? ? ? ? ? ? ? 1.367 ? ? 
covale26 covale both ? C HYP 2  C ? ? ? 1_555 C GLY 3  N ? ? C HYP 2  C GLY 3  1_555 ? ? ? ? ? ? ? 1.325 ? ? 
covale27 covale both ? C PRO 4  C ? ? ? 1_555 C HYP 5  N ? ? C PRO 4  C HYP 5  1_555 ? ? ? ? ? ? ? 1.365 ? ? 
covale28 covale both ? C HYP 5  C ? ? ? 1_555 C GLY 6  N ? ? C HYP 5  C GLY 6  1_555 ? ? ? ? ? ? ? 1.308 ? ? 
covale29 covale both ? C PRO 7  C ? ? ? 1_555 C HYP 8  N ? ? C PRO 7  C HYP 8  1_555 ? ? ? ? ? ? ? 1.348 ? ? 
covale30 covale both ? C HYP 8  C ? ? ? 1_555 C GLY 9  N ? ? C HYP 8  C GLY 9  1_555 ? ? ? ? ? ? ? 1.337 ? ? 
covale31 covale both ? C PRO 19 C ? ? ? 1_555 C HYP 20 N ? ? C PRO 19 C HYP 20 1_555 ? ? ? ? ? ? ? 1.349 ? ? 
covale32 covale both ? C HYP 20 C ? ? ? 1_555 C GLY 21 N ? ? C HYP 20 C GLY 21 1_555 ? ? ? ? ? ? ? 1.315 ? ? 
covale33 covale both ? C PRO 22 C ? ? ? 1_555 C HYP 23 N ? ? C PRO 22 C HYP 23 1_555 ? ? ? ? ? ? ? 1.342 ? ? 
covale34 covale both ? C HYP 23 C ? ? ? 1_555 C GLY 24 N ? ? C HYP 23 C GLY 24 1_555 ? ? ? ? ? ? ? 1.328 ? ? 
covale35 covale both ? C PRO 25 C ? ? ? 1_555 C HYP 26 N ? ? C PRO 25 C HYP 26 1_555 ? ? ? ? ? ? ? 1.350 ? ? 
covale36 covale both ? C HYP 26 C ? ? ? 1_555 C GLY 27 N ? ? C HYP 26 C GLY 27 1_555 ? ? ? ? ? ? ? 1.324 ? ? 
# 
_struct_conn_type.id          covale 
_struct_conn_type.criteria    ? 
_struct_conn_type.reference   ? 
# 
_atom_sites.entry_id                    7WWS 
_atom_sites.Cartn_transf_matrix[1][1]   ? 
_atom_sites.Cartn_transf_matrix[1][2]   ? 
_atom_sites.Cartn_transf_matrix[1][3]   ? 
_atom_sites.Cartn_transf_matrix[2][1]   ? 
_atom_sites.Cartn_transf_matrix[2][2]   ? 
_atom_sites.Cartn_transf_matrix[2][3]   ? 
_atom_sites.Cartn_transf_matrix[3][1]   ? 
_atom_sites.Cartn_transf_matrix[3][2]   ? 
_atom_sites.Cartn_transf_matrix[3][3]   ? 
_atom_sites.Cartn_transf_vector[1]      ? 
_atom_sites.Cartn_transf_vector[2]      ? 
_atom_sites.Cartn_transf_vector[3]      ? 
_atom_sites.fract_transf_matrix[1][1]   0.03889583 
_atom_sites.fract_transf_matrix[1][2]   0.03762463 
_atom_sites.fract_transf_matrix[1][3]   -0.00314657 
_atom_sites.fract_transf_matrix[2][1]   -0.03585097 
_atom_sites.fract_transf_matrix[2][2]   0.03725929 
_atom_sites.fract_transf_matrix[2][3]   0.00235618 
_atom_sites.fract_transf_matrix[3][1]   0.00215584 
_atom_sites.fract_transf_matrix[3][2]   0.00123077 
_atom_sites.fract_transf_matrix[3][3]   0.01333999 
_atom_sites.fract_transf_vector[1]      0.598673 
_atom_sites.fract_transf_vector[2]      -0.104486 
_atom_sites.fract_transf_vector[3]      -0.215946 
_atom_sites.solution_primary            ? 
_atom_sites.solution_secondary          ? 
_atom_sites.solution_hydrogens          ? 
_atom_sites.special_details             ? 
# 
loop_
_atom_type.symbol 
_atom_type.pdbx_scat_Z 
_atom_type.pdbx_N_electrons 
_atom_type.scat_Cromer_Mann_a1 
_atom_type.scat_Cromer_Mann_b1 
_atom_type.scat_Cromer_Mann_a2 
_atom_type.scat_Cromer_Mann_b2 
_atom_type.scat_Cromer_Mann_a3 
_atom_type.scat_Cromer_Mann_b3 
_atom_type.scat_Cromer_Mann_a4 
_atom_type.scat_Cromer_Mann_b4 
C 6 6 2.310  20.844 1.020 10.208 1.589 0.569  0.865 51.651 
H 1 1 0.493  10.511 0.323 26.126 0.140 3.142  0.041 57.800 
N 7 7 12.222 0.006  3.135 9.893  2.014 28.997 1.167 0.583  
O 8 8 3.049  13.277 2.287 5.701  1.546 0.324  0.867 32.909 
# 
loop_
_atom_site.group_PDB 
_atom_site.id 
_atom_site.type_symbol 
_atom_site.label_atom_id 
_atom_site.label_alt_id 
_atom_site.label_comp_id 
_atom_site.label_asym_id 
_atom_site.label_entity_id 
_atom_site.label_seq_id 
_atom_site.pdbx_PDB_ins_code 
_atom_site.Cartn_x 
_atom_site.Cartn_y 
_atom_site.Cartn_z 
_atom_site.occupancy 
_atom_site.B_iso_or_equiv 
_atom_site.pdbx_formal_charge 
_atom_site.auth_seq_id 
_atom_site.auth_comp_id 
_atom_site.auth_asym_id 
_atom_site.auth_atom_id 
_atom_site.pdbx_PDB_model_num 
_atom_site.calc_flag 
ATOM   1   N N   . PRO A 1 1  ? 19.327  15.481  33.527  1.000 25.524 0 1   PRO A N   1 ? 
ATOM   2   C CA  . PRO A 1 1  ? 18.074  14.812  33.140  1.000 22.457 0 1   PRO A CA  1 ? 
ATOM   3   C C   . PRO A 1 1  ? 18.002  14.596  31.637  1.000 32.282 0 1   PRO A C   1 ? 
ATOM   4   O O   . PRO A 1 1  ? 18.680  15.284  30.871  1.000 36.997 0 1   PRO A O   1 ? 
ATOM   5   C CB  . PRO A 1 1  ? 16.944  15.774  33.542  1.000 22.988 0 1   PRO A CB  1 ? 
ATOM   6   C CG  . PRO A 1 1  ? 17.555  16.567  34.695  1.000 31.910 0 1   PRO A CG  1 ? 
ATOM   7   C CD  . PRO A 1 1  ? 19.033  16.163  34.797  1.000 25.616 0 1   PRO A CD  1 ? 
HETATM 8   N N   . HYP A 1 2  ? 17.161  13.642  31.167  1.000 34.066 0 2   HYP A N   1 ? 
HETATM 9   C CA  . HYP A 1 2  ? 17.051  13.378  29.731  1.000 31.304 0 2   HYP A CA  1 ? 
HETATM 10  C C   . HYP A 1 2  ? 16.565  14.588  28.920  1.000 27.394 0 2   HYP A C   1 ? 
HETATM 11  O O   . HYP A 1 2  ? 15.851  15.458  29.404  1.000 26.438 0 2   HYP A O   1 ? 
HETATM 12  C CB  . HYP A 1 2  ? 16.054  12.205  29.648  1.000 33.238 0 2   HYP A CB  1 ? 
HETATM 13  C CG  . HYP A 1 2  ? 16.086  11.559  31.031  1.000 32.343 0 2   HYP A CG  1 ? 
HETATM 14  C CD  . HYP A 1 2  ? 16.357  12.713  31.989  1.000 34.681 0 2   HYP A CD  1 ? 
HETATM 15  O OD1 . HYP A 1 2  ? 17.155  10.628  31.065  1.000 45.192 0 2   HYP A OD1 1 ? 
ATOM   16  N N   . GLY A 1 3  ? 17.008  14.641  27.667  1.000 21.940 0 3   GLY A N   1 ? 
ATOM   17  C CA  . GLY A 1 3  ? 16.530  15.592  26.686  1.000 19.967 0 3   GLY A CA  1 ? 
ATOM   18  C C   . GLY A 1 3  ? 15.100  15.318  26.160  1.000 25.046 0 3   GLY A C   1 ? 
ATOM   19  O O   . GLY A 1 3  ? 14.384  14.434  26.619  1.000 21.455 0 3   GLY A O   1 ? 
ATOM   20  N N   . PRO A 1 4  ? 14.590  16.190  25.276  1.000 21.746 0 4   PRO A N   1 ? 
ATOM   21  C CA  . PRO A 1 4  ? 13.238  16.038  24.757  1.000 22.217 0 4   PRO A CA  1 ? 
ATOM   22  C C   . PRO A 1 4  ? 13.104  14.808  23.867  1.000 22.333 0 4   PRO A C   1 ? 
ATOM   23  O O   . PRO A 1 4  ? 14.083  14.244  23.400  1.000 20.259 0 4   PRO A O   1 ? 
ATOM   24  C CB  . PRO A 1 4  ? 12.966  17.273  23.882  1.000 25.583 0 4   PRO A CB  1 ? 
ATOM   25  C CG  . PRO A 1 4  ? 14.192  18.173  24.035  1.000 25.636 0 4   PRO A CG  1 ? 
ATOM   26  C CD  . PRO A 1 4  ? 15.268  17.378  24.748  1.000 26.036 0 4   PRO A CD  1 ? 
HETATM 27  N N   . HYP A 1 5  ? 11.869  14.365  23.593  1.000 18.044 0 5   HYP A N   1 ? 
HETATM 28  C CA  . HYP A 1 5  ? 11.683  13.272  22.639  1.000 15.596 0 5   HYP A CA  1 ? 
HETATM 29  C C   . HYP A 1 5  ? 12.218  13.636  21.262  1.000 17.638 0 5   HYP A C   1 ? 
HETATM 30  O O   . HYP A 1 5  ? 12.181  14.805  20.901  1.000 20.454 0 5   HYP A O   1 ? 
HETATM 31  C CB  . HYP A 1 5  ? 10.157  13.164  22.556  1.000 14.966 0 5   HYP A CB  1 ? 
HETATM 32  C CG  . HYP A 1 5  ? 9.697   13.652  23.928  1.000 13.809 0 5   HYP A CG  1 ? 
HETATM 33  C CD  . HYP A 1 5  ? 10.626  14.818  24.252  1.000 15.711 0 5   HYP A CD  1 ? 
HETATM 34  O OD1 . HYP A 1 5  ? 9.877   12.601  24.868  1.000 15.870 0 5   HYP A OD1 1 ? 
ATOM   35  N N   . GLY A 1 6  ? 12.688  12.616  20.524  1.000 14.676 0 6   GLY A N   1 ? 
ATOM   36  C CA  . GLY A 1 6  ? 13.066  12.766  19.138  1.000 15.380 0 6   GLY A CA  1 ? 
ATOM   37  C C   . GLY A 1 6  ? 11.847  13.047  18.275  1.000 14.983 0 6   GLY A C   1 ? 
ATOM   38  O O   . GLY A 1 6  ? 10.669  13.004  18.718  1.000 15.589 0 6   GLY A O   1 ? 
ATOM   39  N N   . PRO A 1 7  ? 12.106  13.431  17.026  1.000 17.052 0 7   PRO A N   1 ? 
ATOM   40  C CA  . PRO A 1 7  ? 11.014  13.691  16.113  1.000 17.648 0 7   PRO A CA  1 ? 
ATOM   41  C C   . PRO A 1 7  ? 10.268  12.417  15.710  1.000 13.010 0 7   PRO A C   1 ? 
ATOM   42  O O   . PRO A 1 7  ? 10.762  11.299  15.860  1.000 14.225 0 7   PRO A O   1 ? 
ATOM   43  C CB  . PRO A 1 7  ? 11.720  14.291  14.893  1.000 21.697 0 7   PRO A CB  1 ? 
ATOM   44  C CG  . PRO A 1 7  ? 13.101  13.713  14.943  1.000 25.056 0 7   PRO A CG  1 ? 
ATOM   45  C CD  . PRO A 1 7  ? 13.424  13.604  16.417  1.000 18.159 0 7   PRO A CD  1 ? 
HETATM 46  N N   . HYP A 1 8  ? 9.072   12.560  15.136  1.000 15.186 0 8   HYP A N   1 ? 
HETATM 47  C CA  . HYP A 1 8  ? 8.386   11.404  14.604  1.000 14.472 0 8   HYP A CA  1 ? 
HETATM 48  C C   . HYP A 1 8  ? 9.208   10.656  13.561  1.000 13.326 0 8   HYP A C   1 ? 
HETATM 49  O O   . HYP A 1 8  ? 9.962   11.240  12.763  1.000 16.570 0 8   HYP A O   1 ? 
HETATM 50  C CB  . HYP A 1 8  ? 7.156   12.024  13.936  1.000 17.664 0 8   HYP A CB  1 ? 
HETATM 51  C CG  . HYP A 1 8  ? 6.912   13.290  14.738  1.000 20.162 0 8   HYP A CG  1 ? 
HETATM 52  C CD  . HYP A 1 8  ? 8.317   13.808  14.958  1.000 20.967 0 8   HYP A CD  1 ? 
HETATM 53  O OD1 . HYP A 1 8  ? 6.334   13.030  16.015  1.000 18.288 0 8   HYP A OD1 1 ? 
ATOM   54  N N   . GLY A 1 9  ? 9.039   9.352   13.525  1.000 12.698 0 9   GLY A N   1 ? 
ATOM   55  C CA  . GLY A 1 9  ? 9.650   8.566   12.471  1.000 13.203 0 9   GLY A CA  1 ? 
ATOM   56  C C   . GLY A 1 9  ? 9.176   8.945   11.074  1.000 13.331 0 9   GLY A C   1 ? 
ATOM   57  O O   . GLY A 1 9  ? 8.071   9.500   10.902  1.000 13.538 0 9   GLY A O   1 ? 
ATOM   58  N N   . ALA A 1 10 ? 9.910   8.482   10.082  1.000 13.430 0 10  ALA A N   1 ? 
ATOM   59  C CA  . ALA A 1 10 ? 9.584   8.712   8.661   1.000 13.705 0 10  ALA A CA  1 ? 
ATOM   60  C C   . ALA A 1 10 ? 8.319   7.903   8.330   1.000 13.937 0 10  ALA A C   1 ? 
ATOM   61  O O   . ALA A 1 10 ? 8.163   6.771   8.793   1.000 17.038 0 10  ALA A O   1 ? 
ATOM   62  C CB  . ALA A 1 10 ? 10.730  8.296   7.786   1.000 18.004 0 10  ALA A CB  1 ? 
ATOM   63  N N   . ASN A 1 11 ? 7.419   8.426   7.514   1.000 14.615 0 11  ASN A N   1 ? 
ATOM   64  C CA  . ASN A 1 11 ? 6.276   7.611   7.054   1.000 15.535 0 11  ASN A CA  1 ? 
ATOM   65  C C   . ASN A 1 11 ? 6.755   6.569   6.058   1.000 14.794 0 11  ASN A C   1 ? 
ATOM   66  O O   . ASN A 1 11 ? 7.816   6.665   5.460   1.000 15.670 0 11  ASN A O   1 ? 
ATOM   67  C CB  . ASN A 1 11 ? 5.143   8.420   6.447   1.000 21.666 0 11  ASN A CB  1 ? 
ATOM   68  C CG  . ASN A 1 11 ? 4.507   9.306   7.484   1.000 22.867 0 11  ASN A CG  1 ? 
ATOM   69  O OD1 . ASN A 1 11 ? 4.597   9.055   8.720   1.000 25.509 0 11  ASN A OD1 1 ? 
ATOM   70  N ND2 . ASN A 1 11 ? 3.895   10.357  6.993   1.000 29.356 0 11  ASN A ND2 1 ? 
ATOM   71  N N   . GLY A 1 12 ? 6.015   5.489   6.060   1.000 13.896 0 12  GLY A N   1 ? 
ATOM   72  C CA  . GLY A 1 12 ? 6.269   4.392   5.132   1.000 13.627 0 12  GLY A CA  1 ? 
ATOM   73  C C   . GLY A 1 12 ? 5.985   4.834   3.699   1.000 11.868 0 12  GLY A C   1 ? 
ATOM   74  O O   . GLY A 1 12 ? 5.298   5.813   3.404   1.000 14.873 0 12  GLY A O   1 ? 
ATOM   75  N N   . LEU A 1 13 ? 6.495   4.079   2.768   1.000 14.421 0 13  LEU A N   1 ? 
ATOM   76  C CA  . LEU A 1 13 ? 6.244   4.338   1.349   1.000 13.611 0 13  LEU A CA  1 ? 
ATOM   77  C C   . LEU A 1 13 ? 4.860   3.822   0.963   1.000 11.831 0 13  LEU A C   1 ? 
ATOM   78  O O   . LEU A 1 13 ? 4.369   2.850   1.538   1.000 12.114 0 13  LEU A O   1 ? 
ATOM   79  C CB  . LEU A 1 13 ? 7.303   3.632   0.529   1.000 16.028 0 13  LEU A CB  1 ? 
ATOM   80  C CG  . LEU A 1 13 ? 8.716   4.171   0.655   1.000 23.150 0 13  LEU A CG  1 ? 
ATOM   81  C CD1 . LEU A 1 13 ? 9.614   3.593   -0.434  1.000 27.375 0 13  LEU A CD1 1 ? 
ATOM   82  C CD2 . LEU A 1 13 ? 8.759   5.686   0.587   1.000 28.660 0 13  LEU A CD2 1 ? 
ATOM   83  N N   . SER A 1 14 ? 4.302   4.373   -0.101  1.000 12.486 0 14  SER A N   1 ? 
ATOM   84  C CA  . SER A 1 14 ? 3.025   3.866   -0.626  1.000 12.814 0 14  SER A CA  1 ? 
ATOM   85  C C   . SER A 1 14 ? 3.205   2.433   -1.126  1.000 11.029 0 14  SER A C   1 ? 
ATOM   86  O O   . SER A 1 14 ? 4.263   2.032   -1.589  1.000 12.132 0 14  SER A O   1 ? 
ATOM   87  C CB  . SER A 1 14 ? 2.445   4.768   -1.630  1.000 18.411 0 14  SER A CB  1 ? 
ATOM   88  O OG  . SER A 1 14 ? 3.299   4.817   -2.744  1.000 22.561 0 14  SER A OG  1 ? 
ATOM   89  N N   . GLY A 1 15 ? 2.130   1.672   -1.022  1.000 9.028  0 15  GLY A N   1 ? 
ATOM   90  C CA  . GLY A 1 15 ? 2.127   0.296   -1.499  1.000 7.707  0 15  GLY A CA  1 ? 
ATOM   91  C C   . GLY A 1 15 ? 2.171   0.127   -3.014  1.000 7.868  0 15  GLY A C   1 ? 
ATOM   92  O O   . GLY A 1 15 ? 1.981   1.072   -3.774  1.000 9.382  0 15  GLY A O   1 ? 
ATOM   93  N N   . GLU A 1 16 ? 2.459   -1.101  -3.409  1.000 8.878  0 16  GLU A N   1 ? 
ATOM   94  C CA  . GLU A 1 16 ? 2.551   -1.382  -4.850  1.000 9.388  0 16  GLU A CA  1 ? 
ATOM   95  C C   . GLU A 1 16 ? 1.152   -1.563  -5.440  1.000 7.183  0 16  GLU A C   1 ? 
ATOM   96  O O   . GLU A 1 16 ? 0.140   -1.774  -4.775  1.000 6.860  0 16  GLU A O   1 ? 
ATOM   97  C CB  . GLU A 1 16 ? 3.390   -2.608  -5.141  1.000 13.007 0 16  GLU A CB  1 ? 
ATOM   98  C CG  . GLU A 1 16 ? 2.744   -3.885  -4.727  1.000 15.063 0 16  GLU A CG  1 ? 
ATOM   99  C CD  . GLU A 1 16 ? 3.615   -5.126  -4.997  1.000 21.929 0 16  GLU A CD  1 ? 
ATOM   100 O OE1 . GLU A 1 16 ? 4.847   -5.009  -4.819  1.000 29.516 0 16  GLU A OE1 1 ? 
ATOM   101 O OE2 . GLU A 1 16 ? 3.053   -6.244  -5.288  1.000 30.469 0 16  GLU A OE2 1 ? 
ATOM   102 N N   . ARG A 1 17 ? 1.112   -1.462  -6.747  1.000 7.364  0 17  ARG A N   1 ? 
ATOM   103 C CA  . ARG A 1 17 ? -0.095  -1.649  -7.564  1.000 6.508  0 17  ARG A CA  1 ? 
ATOM   104 C C   . ARG A 1 17 ? -0.684  -3.016  -7.301  1.000 4.938  0 17  ARG A C   1 ? 
ATOM   105 O O   . ARG A 1 17 ? 0.041   -3.985  -7.185  1.000 6.143  0 17  ARG A O   1 ? 
ATOM   106 C CB  . ARG A 1 17 ? 0.329   -1.470  -9.011  1.000 7.504  0 17  ARG A CB  1 ? 
ATOM   107 C CG  . ARG A 1 17 ? -0.748  -1.644  -10.030 1.000 7.838  0 17  ARG A CG  1 ? 
ATOM   108 C CD  . ARG A 1 17 ? 0.015   -1.733  -11.384 1.000 9.003  0 17  ARG A CD  1 ? 
ATOM   109 N NE  . ARG A 1 17 ? -0.926  -1.679  -12.501 1.000 7.005  0 17  ARG A NE  1 ? 
ATOM   110 C CZ  . ARG A 1 17 ? -0.675  -2.038  -13.727 1.000 5.992  0 17  ARG A CZ  1 ? 
ATOM   111 N NH1 . ARG A 1 17 ? 0.410   -2.712  -14.038 1.000 7.088  0 17  ARG A NH1 1 ? 
ATOM   112 N NH2 . ARG A 1 17 ? -1.529  -1.785  -14.677 1.000 8.232  0 17  ARG A NH2 1 ? 
ATOM   113 N N   . GLY A 1 18 ? -2.008  -3.082  -7.187  1.000 4.453  0 18  GLY A N   1 ? 
ATOM   114 C CA  . GLY A 1 18 ? -2.714  -4.332  -6.963  1.000 3.986  0 18  GLY A CA  1 ? 
ATOM   115 C C   . GLY A 1 18 ? -2.658  -5.259  -8.178  1.000 3.864  0 18  GLY A C   1 ? 
ATOM   116 O O   . GLY A 1 18 ? -2.288  -4.880  -9.273  1.000 3.875  0 18  GLY A O   1 ? 
ATOM   117 N N   . PRO A 1 19 ? -3.051  -6.520  -7.948  1.000 3.625  0 19  PRO A N   1 ? 
ATOM   118 C CA  . PRO A 1 19 ? -2.988  -7.519  -9.016  1.000 3.143  0 19  PRO A CA  1 ? 
ATOM   119 C C   . PRO A 1 19 ? -4.070  -7.333  -10.074 1.000 2.708  0 19  PRO A C   1 ? 
ATOM   120 O O   . PRO A 1 19 ? -5.094  -6.703  -9.818  1.000 3.106  0 19  PRO A O   1 ? 
ATOM   121 C CB  . PRO A 1 19 ? -3.157  -8.855  -8.261  1.000 4.287  0 19  PRO A CB  1 ? 
ATOM   122 C CG  . PRO A 1 19 ? -3.974  -8.472  -7.055  1.000 4.858  0 19  PRO A CG  1 ? 
ATOM   123 C CD  . PRO A 1 19 ? -3.528  -7.077  -6.683  1.000 4.353  0 19  PRO A CD  1 ? 
HETATM 124 N N   . HYP A 1 20 ? -3.906  -7.954  -11.240 1.000 2.813  0 20  HYP A N   1 ? 
HETATM 125 C CA  . HYP A 1 20 ? -4.935  -7.886  -12.268 1.000 2.785  0 20  HYP A CA  1 ? 
HETATM 126 C C   . HYP A 1 20 ? -6.230  -8.507  -11.803 1.000 2.417  0 20  HYP A C   1 ? 
HETATM 127 O O   . HYP A 1 20 ? -6.246  -9.512  -11.075 1.000 3.058  0 20  HYP A O   1 ? 
HETATM 128 C CB  . HYP A 1 20 ? -4.354  -8.688  -13.454 1.000 3.302  0 20  HYP A CB  1 ? 
HETATM 129 C CG  . HYP A 1 20 ? -2.845  -8.736  -13.196 1.000 3.513  0 20  HYP A CG  1 ? 
HETATM 130 C CD  . HYP A 1 20 ? -2.752  -8.754  -11.685 1.000 3.535  0 20  HYP A CD  1 ? 
HETATM 131 O OD1 . HYP A 1 20 ? -2.262  -7.550  -13.713 1.000 4.873  0 20  HYP A OD1 1 ? 
ATOM   132 N N   . GLY A 1 21 ? -7.339  -7.965  -12.303 1.000 2.436  0 21  GLY A N   1 ? 
ATOM   133 C CA  . GLY A 1 21 ? -8.643  -8.552  -12.050 1.000 2.464  0 21  GLY A CA  1 ? 
ATOM   134 C C   . GLY A 1 21 ? -8.821  -9.945  -12.642 1.000 2.674  0 21  GLY A C   1 ? 
ATOM   135 O O   . GLY A 1 21 ? -8.023  -10.417 -13.456 1.000 2.906  0 21  GLY A O   1 ? 
ATOM   136 N N   . PRO A 1 22 ? -9.899  -10.614 -12.228 1.000 3.255  0 22  PRO A N   1 ? 
ATOM   137 C CA  . PRO A 1 22 ? -10.188 -11.938 -12.767 1.000 3.395  0 22  PRO A CA  1 ? 
ATOM   138 C C   . PRO A 1 22 ? -10.614 -11.873 -14.229 1.000 2.350  0 22  PRO A C   1 ? 
ATOM   139 O O   . PRO A 1 22 ? -11.024 -10.835 -14.752 1.000 3.132  0 22  PRO A O   1 ? 
ATOM   140 C CB  . PRO A 1 22 ? -11.323 -12.438 -11.896 1.000 5.259  0 22  PRO A CB  1 ? 
ATOM   141 C CG  . PRO A 1 22 ? -11.978 -11.200 -11.436 1.000 6.968  0 22  PRO A CG  1 ? 
ATOM   142 C CD  . PRO A 1 22 ? -10.914 -10.132 -11.287 1.000 4.412  0 22  PRO A CD  1 ? 
HETATM 143 N N   . HYP A 1 23 ? -10.526 -13.015 -14.923 1.000 2.489  0 23  HYP A N   1 ? 
HETATM 144 C CA  . HYP A 1 23 ? -11.069 -13.085 -16.270 1.000 2.287  0 23  HYP A CA  1 ? 
HETATM 145 C C   . HYP A 1 23 ? -12.510 -12.622 -16.311 1.000 2.372  0 23  HYP A C   1 ? 
HETATM 146 O O   . HYP A 1 23 ? -13.306 -12.878 -15.389 1.000 2.368  0 23  HYP A O   1 ? 
HETATM 147 C CB  . HYP A 1 23 ? -10.904 -14.562 -16.651 1.000 2.530  0 23  HYP A CB  1 ? 
HETATM 148 C CG  . HYP A 1 23 ? -9.780  -15.085 -15.746 1.000 2.771  0 23  HYP A CG  1 ? 
HETATM 149 C CD  . HYP A 1 23 ? -9.993  -14.311 -14.462 1.000 2.846  0 23  HYP A CD  1 ? 
HETATM 150 O OD1 . HYP A 1 23 ? -8.539  -14.676 -16.347 1.000 3.192  0 23  HYP A OD1 1 ? 
ATOM   151 N N   . GLY A 1 24 ? -12.885 -12.008 -17.436 1.000 2.163  0 24  GLY A N   1 ? 
ATOM   152 C CA  . GLY A 1 24 ? -14.262 -11.557 -17.583 1.000 2.038  0 24  GLY A CA  1 ? 
ATOM   153 C C   . GLY A 1 24 ? -15.253 -12.714 -17.674 1.000 2.445  0 24  GLY A C   1 ? 
ATOM   154 O O   . GLY A 1 24 ? -14.850 -13.880 -17.837 1.000 2.705  0 24  GLY A O   1 ? 
ATOM   155 N N   . PRO A 1 25 ? -16.549 -12.385 -17.648 1.000 3.150  0 25  PRO A N   1 ? 
ATOM   156 C CA  . PRO A 1 25 ? -17.580 -13.396 -17.801 1.000 3.687  0 25  PRO A CA  1 ? 
ATOM   157 C C   . PRO A 1 25 ? -17.527 -14.069 -19.162 1.000 2.712  0 25  PRO A C   1 ? 
ATOM   158 O O   . PRO A 1 25 ? -17.051 -13.473 -20.108 1.000 2.962  0 25  PRO A O   1 ? 
ATOM   159 C CB  . PRO A 1 25 ? -18.850 -12.503 -17.637 1.000 6.327  0 25  PRO A CB  1 ? 
ATOM   160 C CG  . PRO A 1 25 ? -18.508 -11.234 -17.020 1.000 6.568  0 25  PRO A CG  1 ? 
ATOM   161 C CD  . PRO A 1 25 ? -17.099 -11.039 -17.432 1.000 3.829  0 25  PRO A CD  1 ? 
HETATM 162 N N   . HYP A 1 26 ? -18.078 -15.276 -19.294 1.000 3.461  0 26  HYP A N   1 ? 
HETATM 163 C CA  . HYP A 1 26 ? -18.152 -15.913 -20.607 1.000 3.276  0 26  HYP A CA  1 ? 
HETATM 164 C C   . HYP A 1 26 ? -19.063 -15.165 -21.545 1.000 3.322  0 26  HYP A C   1 ? 
HETATM 165 O O   . HYP A 1 26 ? -20.021 -14.520 -21.120 1.000 3.846  0 26  HYP A O   1 ? 
HETATM 166 C CB  . HYP A 1 26 ? -18.731 -17.297 -20.264 1.000 4.711  0 26  HYP A CB  1 ? 
HETATM 167 C CG  . HYP A 1 26 ? -18.468 -17.484 -18.779 1.000 5.645  0 26  HYP A CG  1 ? 
HETATM 168 C CD  . HYP A 1 26 ? -18.714 -16.105 -18.239 1.000 5.089  0 26  HYP A CD  1 ? 
HETATM 169 O OD1 . HYP A 1 26 ? -17.123 -17.862 -18.553 1.000 10.375 0 26  HYP A OD1 1 ? 
ATOM   170 N N   . GLY A 1 27 ? -18.824 -15.371 -22.841 1.000 3.640  0 27  GLY A N   1 ? 
ATOM   171 C CA  . GLY A 1 27 ? -19.737 -14.924 -23.885 1.000 5.384  0 27  GLY A CA  1 ? 
ATOM   172 C C   . GLY A 1 27 ? -21.081 -15.554 -23.853 1.000 5.917  0 27  GLY A C   1 ? 
ATOM   173 O O   . GLY A 1 27 ? -21.350 -16.471 -23.065 1.000 6.290  0 27  GLY A O   1 ? 
ATOM   174 O OXT . GLY A 1 27 ? -21.934 -15.168 -24.672 1.000 9.086  0 27  GLY A OXT 1 ? 
ATOM   175 N N   . PRO B 1 1  ? 20.263  16.634  24.143  1.000 24.472 0 1   PRO B N   1 ? 
ATOM   176 C CA  . PRO B 1 1  ? 19.663  17.032  22.874  1.000 23.077 0 1   PRO B CA  1 ? 
ATOM   177 C C   . PRO B 1 1  ? 18.396  16.215  22.655  1.000 26.124 0 1   PRO B C   1 ? 
ATOM   178 O O   . PRO B 1 1  ? 18.102  15.299  23.413  1.000 23.886 0 1   PRO B O   1 ? 
ATOM   179 C CB  . PRO B 1 1  ? 20.731  16.716  21.813  1.000 22.593 0 1   PRO B CB  1 ? 
ATOM   180 C CG  . PRO B 1 1  ? 22.026  16.867  22.562  1.000 24.546 0 1   PRO B CG  1 ? 
ATOM   181 C CD  . PRO B 1 1  ? 21.686  16.291  23.928  1.000 29.206 0 1   PRO B CD  1 ? 
HETATM 182 N N   . HYP B 1 2  ? 17.632  16.474  21.590  1.000 26.431 0 2   HYP B N   1 ? 
HETATM 183 C CA  . HYP B 1 2  ? 16.498  15.595  21.286  1.000 26.678 0 2   HYP B CA  1 ? 
HETATM 184 C C   . HYP B 1 2  ? 16.916  14.126  21.091  1.000 31.446 0 2   HYP B C   1 ? 
HETATM 185 O O   . HYP B 1 2  ? 18.004  13.853  20.631  1.000 33.238 0 2   HYP B O   1 ? 
HETATM 186 C CB  . HYP B 1 2  ? 15.910  16.276  20.041  1.000 35.184 0 2   HYP B CB  1 ? 
HETATM 187 C CG  . HYP B 1 2  ? 16.406  17.725  20.067  1.000 30.192 0 2   HYP B CG  1 ? 
HETATM 188 C CD  . HYP B 1 2  ? 17.787  17.607  20.664  1.000 34.093 0 2   HYP B CD  1 ? 
HETATM 189 O OD1 . HYP B 1 2  ? 15.599  18.581  20.882  1.000 39.665 0 2   HYP B OD1 1 ? 
ATOM   190 N N   . GLY B 1 3  ? 16.024  13.168  21.419  1.000 24.987 0 3   GLY B N   1 ? 
ATOM   191 C CA  . GLY B 1 3  ? 16.274  11.733  21.273  1.000 20.673 0 3   GLY B CA  1 ? 
ATOM   192 C C   . GLY B 1 3  ? 16.202  11.280  19.814  1.000 21.209 0 3   GLY B C   1 ? 
ATOM   193 O O   . GLY B 1 3  ? 16.028  12.117  18.936  1.000 23.616 0 3   GLY B O   1 ? 
ATOM   194 N N   . PRO B 1 4  ? 16.396  9.975   19.504  1.000 19.488 0 4   PRO B N   1 ? 
ATOM   195 C CA  . PRO B 1 4  ? 16.393  9.528   18.121  1.000 21.470 0 4   PRO B CA  1 ? 
ATOM   196 C C   . PRO B 1 4  ? 15.024  9.744   17.473  1.000 16.675 0 4   PRO B C   1 ? 
ATOM   197 O O   . PRO B 1 4  ? 13.992  9.722   18.129  1.000 16.872 0 4   PRO B O   1 ? 
ATOM   198 C CB  . PRO B 1 4  ? 16.680  8.012   18.222  1.000 24.054 0 4   PRO B CB  1 ? 
ATOM   199 C CG  . PRO B 1 4  ? 17.263  7.774   19.579  1.000 21.889 0 4   PRO B CG  1 ? 
ATOM   200 C CD  . PRO B 1 4  ? 16.661  8.872   20.442  1.000 20.393 0 4   PRO B CD  1 ? 
HETATM 201 N N   . HYP B 1 5  ? 14.924  9.821   16.127  1.000 20.134 0 5   HYP B N   1 ? 
HETATM 202 C CA  . HYP B 1 5  ? 13.625  9.782   15.474  1.000 17.493 0 5   HYP B CA  1 ? 
HETATM 203 C C   . HYP B 1 5  ? 12.963  8.468   15.831  1.000 14.871 0 5   HYP B C   1 ? 
HETATM 204 O O   . HYP B 1 5  ? 13.619  7.452   16.069  1.000 16.820 0 5   HYP B O   1 ? 
HETATM 205 C CB  . HYP B 1 5  ? 13.941  9.798   13.986  1.000 20.383 0 5   HYP B CB  1 ? 
HETATM 206 C CG  . HYP B 1 5  ? 15.354  10.354  13.910  1.000 27.233 0 5   HYP B CG  1 ? 
HETATM 207 C CD  . HYP B 1 5  ? 16.043  9.901   15.178  1.000 24.018 0 5   HYP B CD  1 ? 
HETATM 208 O OD1 . HYP B 1 5  ? 15.204  11.753  13.993  1.000 36.091 0 5   HYP B OD1 1 ? 
ATOM   209 N N   . GLY B 1 6  ? 11.646  8.511   15.825  1.000 12.560 0 6   GLY B N   1 ? 
ATOM   210 C CA  . GLY B 1 6  ? 10.906  7.278   15.953  1.000 13.166 0 6   GLY B CA  1 ? 
ATOM   211 C C   . GLY B 1 6  ? 11.173  6.294   14.805  1.000 16.225 0 6   GLY B C   1 ? 
ATOM   212 O O   . GLY B 1 6  ? 11.784  6.625   13.801  1.000 17.378 0 6   GLY B O   1 ? 
ATOM   213 N N   . PRO B 1 7  ? 10.727  5.030   14.978  1.000 17.989 0 7   PRO B N   1 ? 
ATOM   214 C CA  . PRO B 1 7  ? 10.779  3.997   13.935  1.000 23.509 0 7   PRO B CA  1 ? 
ATOM   215 C C   . PRO B 1 7  ? 10.158  4.438   12.619  1.000 23.751 0 7   PRO B C   1 ? 
ATOM   216 O O   . PRO B 1 7  ? 9.091   5.077   12.631  1.000 20.258 0 7   PRO B O   1 ? 
ATOM   217 C CB  . PRO B 1 7  ? 9.931   2.858   14.529  1.000 26.601 0 7   PRO B CB  1 ? 
ATOM   218 C CG  . PRO B 1 7  ? 10.058  3.039   16.013  1.000 27.366 0 7   PRO B CG  1 ? 
ATOM   219 C CD  . PRO B 1 7  ? 10.138  4.536   16.243  1.000 21.821 0 7   PRO B CD  1 ? 
HETATM 220 N N   . HYP B 1 8  ? 10.737  4.101   11.438  1.000 28.757 0 8   HYP B N   1 ? 
HETATM 221 C CA  . HYP B 1 8  ? 10.004  4.297   10.187  1.000 32.195 0 8   HYP B CA  1 ? 
HETATM 222 C C   . HYP B 1 8  ? 8.654   3.579   10.215  1.000 60.983 0 8   HYP B C   1 ? 
HETATM 223 O O   . HYP B 1 8  ? 8.505   2.556   10.877  1.000 38.934 0 8   HYP B O   1 ? 
HETATM 224 C CB  . HYP B 1 8  ? 10.922  3.679   9.129   1.000 33.466 0 8   HYP B CB  1 ? 
HETATM 225 C CG  . HYP B 1 8  ? 12.315  3.734   9.739   1.000 34.008 0 8   HYP B CG  1 ? 
HETATM 226 C CD  . HYP B 1 8  ? 12.065  3.491   11.205  1.000 31.932 0 8   HYP B CD  1 ? 
HETATM 227 O OD1 . HYP B 1 8  ? 12.878  5.026   9.523   1.000 34.722 0 8   HYP B OD1 1 ? 
ATOM   228 N N   . GLY B 1 9  ? 7.693   4.134   9.487   1.000 27.180 0 9   GLY B N   1 ? 
ATOM   229 C CA  . GLY B 1 9  ? 6.478   3.386   9.226   1.000 21.610 0 9   GLY B CA  1 ? 
ATOM   230 C C   . GLY B 1 9  ? 6.755   2.226   8.280   1.000 16.603 0 9   GLY B C   1 ? 
ATOM   231 O O   . GLY B 1 9  ? 7.740   2.244   7.540   1.000 18.249 0 9   GLY B O   1 ? 
ATOM   232 N N   . ALA B 1 10 ? 5.863   1.258   8.238   1.000 16.750 0 10  ALA B N   1 ? 
ATOM   233 C CA  . ALA B 1 10 ? 5.930   0.149   7.263   1.000 14.218 0 10  ALA B CA  1 ? 
ATOM   234 C C   . ALA B 1 10 ? 5.459   0.672   5.910   1.000 13.633 0 10  ALA B C   1 ? 
ATOM   235 O O   . ALA B 1 10 ? 4.705   1.648   5.847   1.000 14.808 0 10  ALA B O   1 ? 
ATOM   236 C CB  . ALA B 1 10 ? 5.063   -1.000  7.688   1.000 13.634 0 10  ALA B CB  1 ? 
ATOM   237 N N   . ASN B 1 11 ? 5.846   -0.029  4.852   1.000 12.621 0 11  ASN B N   1 ? 
ATOM   238 C CA  . ASN B 1 11 ? 5.309   0.242   3.518   1.000 13.731 0 11  ASN B CA  1 ? 
ATOM   239 C C   . ASN B 1 11 ? 3.843   -0.124  3.471   1.000 11.880 0 11  ASN B C   1 ? 
ATOM   240 O O   . ASN B 1 11 ? 3.381   -0.976  4.203   1.000 12.282 0 11  ASN B O   1 ? 
ATOM   241 C CB  . ASN B 1 11 ? 6.161   -0.395  2.432   1.000 17.416 0 11  ASN B CB  1 ? 
ATOM   242 C CG  . ASN B 1 11 ? 7.513   0.288   2.483   1.000 18.320 0 11  ASN B CG  1 ? 
ATOM   243 O OD1 . ASN B 1 11 ? 7.639   1.435   2.957   1.000 20.295 0 11  ASN B OD1 1 ? 
ATOM   244 N ND2 . ASN B 1 11 ? 8.514   -0.373  1.997   1.000 27.111 0 11  ASN B ND2 1 ? 
ATOM   245 N N   . GLY B 1 12 ? 3.140   0.572   2.597   1.000 11.689 0 12  GLY B N   1 ? 
ATOM   246 C CA  . GLY B 1 12 ? 1.702   0.365   2.461   1.000 11.233 0 12  GLY B CA  1 ? 
ATOM   247 C C   . GLY B 1 12 ? 1.407   -1.025  1.906   1.000 10.060 0 12  GLY B C   1 ? 
ATOM   248 O O   . GLY B 1 12 ? 2.256   -1.679  1.282   1.000 10.563 0 12  GLY B O   1 ? 
ATOM   249 N N   . LEU B 1 13 ? 0.163   -1.450  2.100   1.000 10.489 0 13  LEU B N   1 ? 
ATOM   250 C CA  . LEU B 1 13 ? -0.341  -2.720  1.529   1.000 11.599 0 13  LEU B CA  1 ? 
ATOM   251 C C   . LEU B 1 13 ? -0.399  -2.596  0.025   1.000 8.662  0 13  LEU B C   1 ? 
ATOM   252 O O   . LEU B 1 13 ? -0.631  -1.486  -0.537  1.000 9.209  0 13  LEU B O   1 ? 
ATOM   253 C CB  . LEU B 1 13 ? -1.723  -3.031  2.092   1.000 13.778 0 13  LEU B CB  1 ? 
ATOM   254 C CG  . LEU B 1 13 ? -1.738  -3.736  3.450   1.000 20.400 0 13  LEU B CG  1 ? 
ATOM   255 C CD1 . LEU B 1 13 ? -0.874  -3.069  4.489   1.000 26.257 0 13  LEU B CD1 1 ? 
ATOM   256 C CD2 . LEU B 1 13 ? -3.179  -3.900  3.919   1.000 27.617 0 13  LEU B CD2 1 ? 
ATOM   257 N N   . SER B 1 14 ? -0.323  -3.720  -0.649  1.000 10.034 0 14  SER B N   1 ? 
ATOM   258 C CA  . SER B 1 14 ? -0.626  -3.780  -2.064  1.000 9.956  0 14  SER B CA  1 ? 
ATOM   259 C C   . SER B 1 14 ? -2.056  -3.331  -2.335  1.000 7.014  0 14  SER B C   1 ? 
ATOM   260 O O   . SER B 1 14 ? -2.927  -3.525  -1.491  1.000 8.274  0 14  SER B O   1 ? 
ATOM   261 C CB  . SER B 1 14 ? -0.371  -5.142  -2.619  1.000 13.250 0 14  SER B CB  1 ? 
ATOM   262 O OG  . SER B 1 14 ? 0.981   -5.517  -2.355  1.000 22.426 0 14  SER B OG  1 ? 
ATOM   263 N N   . GLY B 1 15 ? -2.258  -2.743  -3.490  1.000 6.510  0 15  GLY B N   1 ? 
ATOM   264 C CA  . GLY B 1 15 ? -3.579  -2.291  -3.865  1.000 5.844  0 15  GLY B CA  1 ? 
ATOM   265 C C   . GLY B 1 15 ? -4.584  -3.412  -4.022  1.000 4.954  0 15  GLY B C   1 ? 
ATOM   266 O O   . GLY B 1 15 ? -4.243  -4.588  -4.151  1.000 5.893  0 15  GLY B O   1 ? 
ATOM   267 N N   . GLU B 1 16 ? -5.833  -3.002  -4.113  1.000 5.613  0 16  GLU B N   1 ? 
ATOM   268 C CA  . GLU B 1 16 ? -6.946  -3.899  -4.386  1.000 6.813  0 16  GLU B CA  1 ? 
ATOM   269 C C   . GLU B 1 16 ? -6.779  -4.578  -5.747  1.000 4.806  0 16  GLU B C   1 ? 
ATOM   270 O O   . GLU B 1 16 ? -6.237  -4.015  -6.670  1.000 4.352  0 16  GLU B O   1 ? 
ATOM   271 C CB  . GLU B 1 16 ? -8.208  -2.990  -4.423  1.000 11.950 0 16  GLU B CB  1 ? 
ATOM   272 C CG  . GLU B 1 16 ? -9.570  -3.545  -4.637  1.000 16.268 0 16  GLU B CG  1 ? 
ATOM   273 C CD  . GLU B 1 16 ? -10.690 -2.480  -4.614  1.000 19.066 0 16  GLU B CD  1 ? 
ATOM   274 O OE1 . GLU B 1 16 ? -10.423 -1.212  -4.521  1.000 17.597 0 16  GLU B OE1 1 ? 
ATOM   275 O OE2 . GLU B 1 16 ? -11.815 -2.914  -4.765  1.000 26.071 0 16  GLU B OE2 1 ? 
ATOM   276 N N   . ARG B 1 17 ? -7.297  -5.779  -5.876  1.000 4.445  0 17  ARG B N   1 ? 
ATOM   277 C CA  . ARG B 1 17 ? -7.355  -6.472  -7.168  1.000 4.136  0 17  ARG B CA  1 ? 
ATOM   278 C C   . ARG B 1 17 ? -8.202  -5.675  -8.134  1.000 3.277  0 17  ARG B C   1 ? 
ATOM   279 O O   . ARG B 1 17 ? -9.176  -5.020  -7.789  1.000 4.419  0 17  ARG B O   1 ? 
ATOM   280 C CB  . ARG B 1 17 ? -7.939  -7.853  -6.957  1.000 4.929  0 17  ARG B CB  1 ? 
ATOM   281 C CG  . ARG B 1 17 ? -7.908  -8.674  -8.245  1.000 4.753  0 17  ARG B CG  1 ? 
ATOM   282 C CD  . ARG B 1 17 ? -8.332  -10.104 -8.070  1.000 5.506  0 17  ARG B CD  1 ? 
ATOM   283 N NE  . ARG B 1 17 ? -8.003  -10.911 -9.222  1.000 4.898  0 17  ARG B NE  1 ? 
ATOM   284 C CZ  . ARG B 1 17 ? -8.272  -12.198 -9.360  1.000 4.910  0 17  ARG B CZ  1 ? 
ATOM   285 N NH1 . ARG B 1 17 ? -9.050  -12.818 -8.501  1.000 8.906  0 17  ARG B NH1 1 ? 
ATOM   286 N NH2 . ARG B 1 17 ? -7.771  -12.873 -10.389 1.000 6.044  0 17  ARG B NH2 1 ? 
ATOM   287 N N   . GLY B 1 18 ? -7.780  -5.699  -9.394  1.000 2.988  0 18  GLY B N   1 ? 
ATOM   288 C CA  . GLY B 1 18 ? -8.464  -4.948  -10.467 1.000 3.049  0 18  GLY B CA  1 ? 
ATOM   289 C C   . GLY B 1 18 ? -9.882  -5.427  -10.705 1.000 3.540  0 18  GLY B C   1 ? 
ATOM   290 O O   . GLY B 1 18 ? -10.258 -6.505  -10.283 1.000 3.720  0 18  GLY B O   1 ? 
ATOM   291 N N   . PRO B 1 19 ? -10.661 -4.590  -11.435 1.000 3.551  0 19  PRO B N   1 ? 
ATOM   292 C CA  . PRO B 1 19 ? -11.999 -4.972  -11.863 1.000 4.039  0 19  PRO B CA  1 ? 
ATOM   293 C C   . PRO B 1 19 ? -11.999 -6.232  -12.698 1.000 3.609  0 19  PRO B C   1 ? 
ATOM   294 O O   . PRO B 1 19 ? -11.017 -6.643  -13.303 1.000 2.687  0 19  PRO B O   1 ? 
ATOM   295 C CB  . PRO B 1 19 ? -12.413 -3.721  -12.675 1.000 4.156  0 19  PRO B CB  1 ? 
ATOM   296 C CG  . PRO B 1 19 ? -11.650 -2.592  -12.140 1.000 4.121  0 19  PRO B CG  1 ? 
ATOM   297 C CD  . PRO B 1 19 ? -10.315 -3.215  -11.873 1.000 4.038  0 19  PRO B CD  1 ? 
HETATM 298 N N   . HYP B 1 20 ? -13.181 -6.842  -12.843 1.000 4.329  0 20  HYP B N   1 ? 
HETATM 299 C CA  . HYP B 1 20 ? -13.340 -7.998  -13.747 1.000 4.373  0 20  HYP B CA  1 ? 
HETATM 300 C C   . HYP B 1 20 ? -12.945 -7.613  -15.146 1.000 3.471  0 20  HYP B C   1 ? 
HETATM 301 O O   . HYP B 1 20 ? -13.093 -6.471  -15.572 1.000 4.512  0 20  HYP B O   1 ? 
HETATM 302 C CB  . HYP B 1 20 ? -14.864 -8.250  -13.689 1.000 5.380  0 20  HYP B CB  1 ? 
HETATM 303 C CG  . HYP B 1 20 ? -15.246 -7.758  -12.317 1.000 6.024  0 20  HYP B CG  1 ? 
HETATM 304 C CD  . HYP B 1 20 ? -14.440 -6.483  -12.166 1.000 5.024  0 20  HYP B CD  1 ? 
HETATM 305 O OD1 . HYP B 1 20 ? -14.834 -8.757  -11.384 1.000 7.445  0 20  HYP B OD1 1 ? 
ATOM   306 N N   . GLY B 1 21 ? -12.500 -8.620  -15.909 1.000 2.347  0 21  GLY B N   1 ? 
ATOM   307 C CA  . GLY B 1 21 ? -12.279 -8.334  -17.315 1.000 2.603  0 21  GLY B CA  1 ? 
ATOM   308 C C   . GLY B 1 21 ? -13.568 -8.149  -18.106 1.000 2.367  0 21  GLY B C   1 ? 
ATOM   309 O O   . GLY B 1 21 ? -14.664 -8.428  -17.610 1.000 3.035  0 21  GLY B O   1 ? 
ATOM   310 N N   . PRO B 1 22 ? -13.420 -7.720  -19.354 1.000 2.836  0 22  PRO B N   1 ? 
ATOM   311 C CA  . PRO B 1 22 ? -14.581 -7.544  -20.223 1.000 3.234  0 22  PRO B CA  1 ? 
ATOM   312 C C   . PRO B 1 22 ? -15.266 -8.882  -20.492 1.000 3.027  0 22  PRO B C   1 ? 
ATOM   313 O O   . PRO B 1 22 ? -14.628 -9.941  -20.521 1.000 2.785  0 22  PRO B O   1 ? 
ATOM   314 C CB  . PRO B 1 22 ? -13.983 -6.959  -21.504 1.000 3.817  0 22  PRO B CB  1 ? 
ATOM   315 C CG  . PRO B 1 22 ? -12.730 -6.275  -21.040 1.000 3.815  0 22  PRO B CG  1 ? 
ATOM   316 C CD  . PRO B 1 22 ? -12.180 -7.182  -19.975 1.000 3.492  0 22  PRO B CD  1 ? 
HETATM 317 N N   . HYP B 1 23 ? -16.560 -8.868  -20.810 1.000 3.600  0 23  HYP B N   1 ? 
HETATM 318 C CA  . HYP B 1 23 ? -17.251 -10.063 -21.264 1.000 3.400  0 23  HYP B CA  1 ? 
HETATM 319 C C   . HYP B 1 23 ? -16.576 -10.715 -22.462 1.000 2.693  0 23  HYP B C   1 ? 
HETATM 320 O O   . HYP B 1 23 ? -16.082 -10.045 -23.383 1.000 2.558  0 23  HYP B O   1 ? 
HETATM 321 C CB  . HYP B 1 23 ? -18.613 -9.510  -21.670 1.000 4.182  0 23  HYP B CB  1 ? 
HETATM 322 C CG  . HYP B 1 23 ? -18.862 -8.393  -20.709 1.000 4.264  0 23  HYP B CG  1 ? 
HETATM 323 C CD  . HYP B 1 23 ? -17.493 -7.737  -20.686 1.000 4.838  0 23  HYP B CD  1 ? 
HETATM 324 O OD1 . HYP B 1 23 ? -19.319 -9.029  -19.503 1.000 8.037  0 23  HYP B OD1 1 ? 
ATOM   325 N N   . GLY B 1 24 ? -16.574 -12.038 -22.462 1.000 2.565  0 24  GLY B N   1 ? 
ATOM   326 C CA  . GLY B 1 24 ? -16.060 -12.833 -23.565 1.000 2.672  0 24  GLY B CA  1 ? 
ATOM   327 C C   . GLY B 1 24 ? -16.914 -12.713 -24.828 1.000 3.094  0 24  GLY B C   1 ? 
ATOM   328 O O   . GLY B 1 24 ? -18.050 -12.236 -24.774 1.000 3.672  0 24  GLY B O   1 ? 
ATOM   329 N N   . PRO B 1 25 ? -16.402 -13.216 -25.949 1.000 4.098  0 25  PRO B N   1 ? 
ATOM   330 C CA  . PRO B 1 25 ? -17.095 -13.108 -27.222 1.000 5.268  0 25  PRO B CA  1 ? 
ATOM   331 C C   . PRO B 1 25 ? -18.174 -14.153 -27.357 1.000 5.308  0 25  PRO B C   1 ? 
ATOM   332 O O   . PRO B 1 25 ? -18.176 -15.203 -26.725 1.000 5.426  0 25  PRO B O   1 ? 
ATOM   333 C CB  . PRO B 1 25 ? -16.011 -13.289 -28.244 1.000 8.872  0 25  PRO B CB  1 ? 
ATOM   334 C CG  . PRO B 1 25 ? -14.921 -13.962 -27.588 1.000 10.103 0 25  PRO B CG  1 ? 
ATOM   335 C CD  . PRO B 1 25 ? -15.040 -13.768 -26.114 1.000 4.798  0 25  PRO B CD  1 ? 
HETATM 336 N N   . HYP B 1 26 ? -19.135 -13.870 -28.238 1.000 8.039  0 26  HYP B N   1 ? 
HETATM 337 C CA  . HYP B 1 26 ? -20.232 -14.793 -28.508 1.000 9.868  0 26  HYP B CA  1 ? 
HETATM 338 C C   . HYP B 1 26 ? -19.755 -16.127 -29.054 1.000 8.718  0 26  HYP B C   1 ? 
HETATM 339 O O   . HYP B 1 26 ? -18.731 -16.164 -29.752 1.000 11.569 0 26  HYP B O   1 ? 
HETATM 340 C CB  . HYP B 1 26 ? -21.120 -14.030 -29.492 1.000 12.881 0 26  HYP B CB  1 ? 
HETATM 341 C CG  . HYP B 1 26 ? -20.678 -12.586 -29.392 1.000 11.922 0 26  HYP B CG  1 ? 
HETATM 342 C CD  . HYP B 1 26 ? -19.215 -12.675 -29.096 1.000 8.941  0 26  HYP B CD  1 ? 
HETATM 343 O OD1 . HYP B 1 26 ? -21.325 -11.995 -28.286 1.000 18.175 0 26  HYP B OD1 1 ? 
ATOM   344 N N   . GLY B 1 27 ? -20.470 -17.224 -28.671 1.000 11.380 0 27  GLY B N   1 ? 
ATOM   345 C CA  . GLY B 1 27 ? -20.178 -18.565 -29.191 1.000 14.337 0 27  GLY B CA  1 ? 
ATOM   346 C C   . GLY B 1 27 ? -20.200 -18.667 -30.694 1.000 17.136 0 27  GLY B C   1 ? 
ATOM   347 O O   . GLY B 1 27 ? -19.548 -19.616 -31.176 1.000 16.783 0 27  GLY B O   1 ? 
ATOM   348 O OXT . GLY B 1 27 ? -20.907 -17.879 -31.375 1.000 22.451 0 27  GLY B OXT 1 ? 
ATOM   349 N N   . PRO C 1 1  ? 21.753  14.981  27.720  1.000 38.112 0 1   PRO C N   1 ? 
ATOM   350 C CA  . PRO C 1 1  ? 21.901  13.881  26.737  1.000 36.593 0 1   PRO C CA  1 ? 
ATOM   351 C C   . PRO C 1 1  ? 20.641  13.751  25.881  1.000 37.735 0 1   PRO C C   1 ? 
ATOM   352 O O   . PRO C 1 1  ? 19.687  14.496  26.117  1.000 34.904 0 1   PRO C O   1 ? 
ATOM   353 C CB  . PRO C 1 1  ? 22.195  12.640  27.618  1.000 43.077 0 1   PRO C CB  1 ? 
ATOM   354 C CG  . PRO C 1 1  ? 21.679  12.990  29.016  1.000 41.745 0 1   PRO C CG  1 ? 
ATOM   355 C CD  . PRO C 1 1  ? 21.161  14.415  28.933  1.000 42.502 0 1   PRO C CD  1 ? 
HETATM 356 N N   . HYP C 1 2  ? 20.598  12.855  24.849  1.000 27.827 0 2   HYP C N   1 ? 
HETATM 357 C CA  . HYP C 1 2  ? 19.434  12.718  23.968  1.000 26.753 0 2   HYP C CA  1 ? 
HETATM 358 C C   . HYP C 1 2  ? 18.203  12.205  24.713  1.000 25.050 0 2   HYP C C   1 ? 
HETATM 359 O O   . HYP C 1 2  ? 18.293  11.310  25.535  1.000 29.146 0 2   HYP C O   1 ? 
HETATM 360 C CB  . HYP C 1 2  ? 19.889  11.727  22.864  1.000 24.655 0 2   HYP C CB  1 ? 
HETATM 361 C CG  . HYP C 1 2  ? 21.408  11.772  22.932  1.000 29.526 0 2   HYP C CG  1 ? 
HETATM 362 C CD  . HYP C 1 2  ? 21.711  11.999  24.403  1.000 34.913 0 2   HYP C CD  1 ? 
HETATM 363 O OD1 . HYP C 1 2  ? 21.901  12.859  22.158  1.000 31.062 0 2   HYP C OD1 1 ? 
ATOM   364 N N   . GLY C 1 3  ? 17.029  12.691  24.339  1.000 30.498 0 3   GLY C N   1 ? 
ATOM   365 C CA  . GLY C 1 3  ? 15.823  12.188  24.973  1.000 30.623 0 3   GLY C CA  1 ? 
ATOM   366 C C   . GLY C 1 3  ? 15.302  10.867  24.413  1.000 25.967 0 3   GLY C C   1 ? 
ATOM   367 O O   . GLY C 1 3  ? 15.952  10.113  23.682  1.000 22.750 0 3   GLY C O   1 ? 
ATOM   368 N N   . PRO C 1 4  ? 14.065  10.537  24.784  1.000 19.060 0 4   PRO C N   1 ? 
ATOM   369 C CA  . PRO C 1 4  ? 13.447  9.303   24.312  1.000 19.538 0 4   PRO C CA  1 ? 
ATOM   370 C C   . PRO C 1 4  ? 13.265  9.281   22.808  1.000 19.903 0 4   PRO C C   1 ? 
ATOM   371 O O   . PRO C 1 4  ? 13.188  10.370  22.233  1.000 18.119 0 4   PRO C O   1 ? 
ATOM   372 C CB  . PRO C 1 4  ? 12.049  9.355   24.917  1.000 18.359 0 4   PRO C CB  1 ? 
ATOM   373 C CG  . PRO C 1 4  ? 12.195  10.304  26.077  1.000 19.436 0 4   PRO C CG  1 ? 
ATOM   374 C CD  . PRO C 1 4  ? 13.173  11.362  25.626  1.000 20.194 0 4   PRO C CD  1 ? 
HETATM 375 N N   . HYP C 1 5  ? 13.178  8.076   22.173  1.000 17.280 0 5   HYP C N   1 ? 
HETATM 376 C CA  . HYP C 1 5  ? 12.821  8.012   20.758  1.000 15.843 0 5   HYP C CA  1 ? 
HETATM 377 C C   . HYP C 1 5  ? 11.519  8.763   20.519  1.000 14.153 0 5   HYP C C   1 ? 
HETATM 378 O O   . HYP C 1 5  ? 10.587  8.716   21.307  1.000 14.161 0 5   HYP C O   1 ? 
HETATM 379 C CB  . HYP C 1 5  ? 12.675  6.494   20.501  1.000 14.448 0 5   HYP C CB  1 ? 
HETATM 380 C CG  . HYP C 1 5  ? 13.597  5.862   21.512  1.000 15.024 0 5   HYP C CG  1 ? 
HETATM 381 C CD  . HYP C 1 5  ? 13.340  6.724   22.734  1.000 18.642 0 5   HYP C CD  1 ? 
HETATM 382 O OD1 . HYP C 1 5  ? 14.944  5.978   21.079  1.000 15.032 0 5   HYP C OD1 1 ? 
ATOM   383 N N   . GLY C 1 6  ? 11.413  9.346   19.352  1.000 12.839 0 6   GLY C N   1 ? 
ATOM   384 C CA  . GLY C 1 6  ? 10.156  9.936   18.960  1.000 11.071 0 6   GLY C CA  1 ? 
ATOM   385 C C   . GLY C 1 6  ? 9.081   8.928   18.583  1.000 10.477 0 6   GLY C C   1 ? 
ATOM   386 O O   . GLY C 1 6  ? 9.333   7.720   18.517  1.000 12.115 0 6   GLY C O   1 ? 
ATOM   387 N N   . PRO C 1 7  ? 7.864   9.422   18.316  1.000 11.549 0 7   PRO C N   1 ? 
ATOM   388 C CA  . PRO C 1 7  ? 6.765   8.547   17.920  1.000 11.923 0 7   PRO C CA  1 ? 
ATOM   389 C C   . PRO C 1 7  ? 7.032   7.779   16.648  1.000 11.009 0 7   PRO C C   1 ? 
ATOM   390 O O   . PRO C 1 7  ? 7.723   8.272   15.755  1.000 10.473 0 7   PRO C O   1 ? 
ATOM   391 C CB  . PRO C 1 7  ? 5.653   9.550   17.605  1.000 16.080 0 7   PRO C CB  1 ? 
ATOM   392 C CG  . PRO C 1 7  ? 5.994   10.737  18.446  1.000 16.184 0 7   PRO C CG  1 ? 
ATOM   393 C CD  . PRO C 1 7  ? 7.489   10.836  18.398  1.000 13.499 0 7   PRO C CD  1 ? 
HETATM 394 N N   . HYP C 1 8  ? 6.430   6.581   16.503  1.000 13.293 0 8   HYP C N   1 ? 
HETATM 395 C CA  . HYP C 1 8  ? 6.568   5.852   15.237  1.000 16.110 0 8   HYP C CA  1 ? 
HETATM 396 C C   . HYP C 1 8  ? 5.991   6.643   14.067  1.000 17.088 0 8   HYP C C   1 ? 
HETATM 397 O O   . HYP C 1 8  ? 5.055   7.422   14.196  1.000 20.021 0 8   HYP C O   1 ? 
HETATM 398 C CB  . HYP C 1 8  ? 5.764   4.580   15.492  1.000 22.240 0 8   HYP C CB  1 ? 
HETATM 399 C CG  . HYP C 1 8  ? 5.685   4.470   17.001  1.000 21.737 0 8   HYP C CG  1 ? 
HETATM 400 C CD  . HYP C 1 8  ? 5.562   5.909   17.468  1.000 19.616 0 8   HYP C CD  1 ? 
HETATM 401 O OD1 . HYP C 1 8  ? 6.894   3.835   17.393  1.000 24.512 0 8   HYP C OD1 1 ? 
ATOM   402 N N   . GLY C 1 9  ? 6.616   6.491   12.894  1.000 16.131 0 9   GLY C N   1 ? 
ATOM   403 C CA  . GLY C 1 9  ? 6.006   6.972   11.666  1.000 17.307 0 9   GLY C CA  1 ? 
ATOM   404 C C   . GLY C 1 9  ? 4.704   6.249   11.342  1.000 15.837 0 9   GLY C C   1 ? 
ATOM   405 O O   . GLY C 1 9  ? 4.483   5.135   11.752  1.000 21.206 0 9   GLY C O   1 ? 
ATOM   406 N N   . ALA C 1 10 ? 3.851   6.880   10.559  1.000 18.687 0 10  ALA C N   1 ? 
ATOM   407 C CA  . ALA C 1 10 ? 2.633   6.222   10.039  1.000 17.179 0 10  ALA C CA  1 ? 
ATOM   408 C C   . ALA C 1 10 ? 3.015   5.257   8.916   1.000 14.441 0 10  ALA C C   1 ? 
ATOM   409 O O   . ALA C 1 10 ? 3.985   5.523   8.193   1.000 16.097 0 10  ALA C O   1 ? 
ATOM   410 C CB  . ALA C 1 10 ? 1.698   7.280   9.518   1.000 17.955 0 10  ALA C CB  1 ? 
ATOM   411 N N   . ASN C 1 11 ? 2.290   4.144   8.785   1.000 15.763 0 11  ASN C N   1 ? 
ATOM   412 C CA  . ASN C 1 11 ? 2.528   3.242   7.642   1.000 14.419 0 11  ASN C CA  1 ? 
ATOM   413 C C   . ASN C 1 11 ? 2.117   3.897   6.319   1.000 12.521 0 11  ASN C C   1 ? 
ATOM   414 O O   . ASN C 1 11 ? 1.346   4.877   6.331   1.000 14.484 0 11  ASN C O   1 ? 
ATOM   415 C CB  . ASN C 1 11 ? 1.801   1.922   7.845   1.000 15.593 0 11  ASN C CB  1 ? 
ATOM   416 C CG  . ASN C 1 11 ? 2.336   1.133   9.016   1.000 17.817 0 11  ASN C CG  1 ? 
ATOM   417 O OD1 . ASN C 1 11 ? 3.448   1.365   9.508   1.000 20.077 0 11  ASN C OD1 1 ? 
ATOM   418 N ND2 . ASN C 1 11 ? 1.495   0.251   9.505   1.000 22.061 0 11  ASN C ND2 1 ? 
ATOM   419 N N   . GLY C 1 12 ? 2.667   3.399   5.211   1.000 13.528 0 12  GLY C N   1 ? 
ATOM   420 C CA  . GLY C 1 12 ? 2.295   3.978   3.927   1.000 12.834 0 12  GLY C CA  1 ? 
ATOM   421 C C   . GLY C 1 12 ? 0.845   3.765   3.538   1.000 12.646 0 12  GLY C C   1 ? 
ATOM   422 O O   . GLY C 1 12 ? 0.170   2.872   4.071   1.000 13.095 0 12  GLY C O   1 ? 
ATOM   423 N N   . LEU C 1 13 ? 0.375   4.580   2.591   1.000 11.787 0 13  LEU C N   1 ? 
ATOM   424 C CA  . LEU C 1 13 ? -0.974  4.386   2.058   1.000 11.877 0 13  LEU C CA  1 ? 
ATOM   425 C C   . LEU C 1 13 ? -0.969  3.165   1.143   1.000 8.978  0 13  LEU C C   1 ? 
ATOM   426 O O   . LEU C 1 13 ? 0.070   2.741   0.603   1.000 9.636  0 13  LEU C O   1 ? 
ATOM   427 C CB  . LEU C 1 13 ? -1.393  5.585   1.224   1.000 14.705 0 13  LEU C CB  1 ? 
ATOM   428 C CG  . LEU C 1 13 ? -1.499  6.925   1.923   1.000 22.745 0 13  LEU C CG  1 ? 
ATOM   429 C CD1 . LEU C 1 13 ? -2.470  7.838   1.251   1.000 27.066 0 13  LEU C CD1 1 ? 
ATOM   430 C CD2 . LEU C 1 13 ? -1.811  6.831   3.397   1.000 27.865 0 13  LEU C CD2 1 ? 
ATOM   431 N N   . SER C 1 14 ? -2.132  2.574   0.985   1.000 10.050 0 14  SER C N   1 ? 
ATOM   432 C CA  A SER C 1 14 ? -2.284  1.391   0.115   0.500 9.648  0 14  SER C CA  1 ? 
ATOM   433 C CA  B SER C 1 14 ? -2.341  1.415   0.105   0.500 8.917  0 14  SER C CA  1 ? 
ATOM   434 C C   . SER C 1 14 ? -1.965  1.786   -1.327  1.000 6.568  0 14  SER C C   1 ? 
ATOM   435 O O   . SER C 1 14 ? -2.147  2.946   -1.748  1.000 7.781  0 14  SER C O   1 ? 
ATOM   436 C CB  A SER C 1 14 ? -3.648  0.771   0.283   0.500 14.631 0 14  SER C CB  1 ? 
ATOM   437 C CB  B SER C 1 14 ? -3.769  0.997   0.294   0.500 11.303 0 14  SER C CB  1 ? 
ATOM   438 O OG  A SER C 1 14 ? -4.664  1.664   -0.100  0.500 19.421 0 14  SER C OG  1 ? 
ATOM   439 O OG  B SER C 1 14 ? -3.956  0.660   1.672   0.500 14.562 0 14  SER C OG  1 ? 
ATOM   440 N N   . GLY C 1 15 ? -1.531  0.804   -2.094  1.000 5.818  0 15  GLY C N   1 ? 
ATOM   441 C CA  . GLY C 1 15 ? -1.287  0.981   -3.514  1.000 5.494  0 15  GLY C CA  1 ? 
ATOM   442 C C   . GLY C 1 15 ? -2.540  1.164   -4.313  1.000 5.040  0 15  GLY C C   1 ? 
ATOM   443 O O   . GLY C 1 15 ? -3.658  1.010   -3.811  1.000 5.758  0 15  GLY C O   1 ? 
ATOM   444 N N   . GLU C 1 16 ? -2.320  1.599   -5.535  1.000 5.039  0 16  GLU C N   1 ? 
ATOM   445 C CA  . GLU C 1 16 ? -3.453  1.770   -6.463  1.000 5.437  0 16  GLU C CA  1 ? 
ATOM   446 C C   . GLU C 1 16 ? -4.068  0.423   -6.806  1.000 4.348  0 16  GLU C C   1 ? 
ATOM   447 O O   . GLU C 1 16 ? -3.419  -0.643  -6.714  1.000 4.454  0 16  GLU C O   1 ? 
ATOM   448 C CB  . GLU C 1 16 ? -3.013  2.526   -7.709  1.000 6.299  0 16  GLU C CB  1 ? 
ATOM   449 C CG  . GLU C 1 16 ? -2.140  1.739   -8.646  1.000 8.333  0 16  GLU C CG  1 ? 
ATOM   450 C CD  . GLU C 1 16 ? -1.743  2.472   -9.920  1.000 8.157  0 16  GLU C CD  1 ? 
ATOM   451 O OE1 . GLU C 1 16 ? -1.677  3.673   -9.869  1.000 8.801  0 16  GLU C OE1 1 ? 
ATOM   452 O OE2 . GLU C 1 16 ? -1.487  1.824   -10.982 1.000 11.970 0 16  GLU C OE2 1 ? 
ATOM   453 N N   . ARG C 1 17 ? -5.302  0.471   -7.243  1.000 4.225  0 17  ARG C N   1 ? 
ATOM   454 C CA  . ARG C 1 17 ? -6.004  -0.746  -7.681  1.000 3.866  0 17  ARG C CA  1 ? 
ATOM   455 C C   . ARG C 1 17 ? -5.331  -1.292  -8.935  1.000 3.333  0 17  ARG C C   1 ? 
ATOM   456 O O   . ARG C 1 17 ? -4.822  -0.563  -9.808  1.000 3.923  0 17  ARG C O   1 ? 
ATOM   457 C CB  . ARG C 1 17 ? -7.464  -0.401  -7.983  1.000 3.601  0 17  ARG C CB  1 ? 
ATOM   458 C CG  . ARG C 1 17 ? -8.304  -1.624  -8.301  1.000 4.368  0 17  ARG C CG  1 ? 
ATOM   459 C CD  . ARG C 1 17 ? -9.759  -1.292  -8.339  1.000 5.501  0 17  ARG C CD  1 ? 
ATOM   460 N NE  . ARG C 1 17 ? -10.533 -2.508  -8.384  1.000 6.687  0 17  ARG C NE  1 ? 
ATOM   461 C CZ  . ARG C 1 17 ? -11.836 -2.536  -8.372  1.000 7.521  0 17  ARG C CZ  1 ? 
ATOM   462 N NH1 . ARG C 1 17 ? -12.506 -1.406  -8.449  1.000 8.375  0 17  ARG C NH1 1 ? 
ATOM   463 N NH2 . ARG C 1 17 ? -12.476 -3.688  -8.344  1.000 8.325  0 17  ARG C NH2 1 ? 
ATOM   464 N N   . GLY C 1 18 ? -5.311  -2.610  -9.035  1.000 3.849  0 18  GLY C N   1 ? 
ATOM   465 C CA  . GLY C 1 18 ? -4.782  -3.274  -10.216 1.000 3.235  0 18  GLY C CA  1 ? 
ATOM   466 C C   . GLY C 1 18 ? -5.623  -3.055  -11.461 1.000 3.003  0 18  GLY C C   1 ? 
ATOM   467 O O   . GLY C 1 18 ? -6.735  -2.490  -11.427 1.000 2.788  0 18  GLY C O   1 ? 
ATOM   468 N N   . PRO C 1 19 ? -5.122  -3.499  -12.614 1.000 2.731  0 19  PRO C N   1 ? 
ATOM   469 C CA  . PRO C 1 19 ? -5.833  -3.280  -13.873 1.000 2.528  0 19  PRO C CA  1 ? 
ATOM   470 C C   . PRO C 1 19 ? -6.984  -4.255  -14.021 1.000 2.275  0 19  PRO C C   1 ? 
ATOM   471 O O   . PRO C 1 19 ? -7.026  -5.317  -13.383 1.000 2.479  0 19  PRO C O   1 ? 
ATOM   472 C CB  . PRO C 1 19 ? -4.760  -3.597  -14.912 1.000 3.700  0 19  PRO C CB  1 ? 
ATOM   473 C CG  . PRO C 1 19 ? -3.881  -4.665  -14.231 1.000 4.407  0 19  PRO C CG  1 ? 
ATOM   474 C CD  . PRO C 1 19 ? -3.840  -4.189  -12.790 1.000 3.589  0 19  PRO C CD  1 ? 
HETATM 475 N N   . HYP C 1 20 ? -7.968  -3.906  -14.875 1.000 2.527  0 20  HYP C N   1 ? 
HETATM 476 C CA  . HYP C 1 20 ? -9.022  -4.880  -15.207 1.000 2.727  0 20  HYP C CA  1 ? 
HETATM 477 C C   . HYP C 1 20 ? -8.428  -6.171  -15.698 1.000 2.498  0 20  HYP C C   1 ? 
HETATM 478 O O   . HYP C 1 20 ? -7.398  -6.175  -16.367 1.000 2.403  0 20  HYP C O   1 ? 
HETATM 479 C CB  . HYP C 1 20 ? -9.834  -4.166  -16.290 1.000 3.544  0 20  HYP C CB  1 ? 
HETATM 480 C CG  . HYP C 1 20 ? -9.561  -2.691  -16.079 1.000 3.789  0 20  HYP C CG  1 ? 
HETATM 481 C CD  . HYP C 1 20 ? -8.129  -2.636  -15.615 1.000 2.598  0 20  HYP C CD  1 ? 
HETATM 482 O OD1 . HYP C 1 20 ? -10.447 -2.178  -15.084 1.000 5.720  0 20  HYP C OD1 1 ? 
ATOM   483 N N   . GLY C 1 21 ? -9.151  -7.241  -15.450 1.000 2.062  0 21  GLY C N   1 ? 
ATOM   484 C CA  . GLY C 1 21 ? -8.747  -8.560  -15.946 1.000 2.197  0 21  GLY C CA  1 ? 
ATOM   485 C C   . GLY C 1 21 ? -8.871  -8.696  -17.448 1.000 2.115  0 21  GLY C C   1 ? 
ATOM   486 O O   . GLY C 1 21 ? -9.317  -7.780  -18.146 1.000 2.417  0 21  GLY C O   1 ? 
ATOM   487 N N   . PRO C 1 22 ? -8.473  -9.849  -17.976 1.000 2.039  0 22  PRO C N   1 ? 
ATOM   488 C CA  . PRO C 1 22 ? -8.504  -10.096 -19.420 1.000 2.133  0 22  PRO C CA  1 ? 
ATOM   489 C C   . PRO C 1 22 ? -9.913  -10.452 -19.847 1.000 2.240  0 22  PRO C C   1 ? 
ATOM   490 O O   . PRO C 1 22 ? -10.752 -10.844 -19.033 1.000 2.497  0 22  PRO C O   1 ? 
ATOM   491 C CB  . PRO C 1 22 ? -7.501  -11.275 -19.557 1.000 3.106  0 22  PRO C CB  1 ? 
ATOM   492 C CG  . PRO C 1 22 ? -7.700  -12.036 -18.279 1.000 2.992  0 22  PRO C CG  1 ? 
ATOM   493 C CD  . PRO C 1 22 ? -7.866  -10.968 -17.225 1.000 2.212  0 22  PRO C CD  1 ? 
HETATM 494 N N   . HYP C 1 23 ? -10.197 -10.380 -21.157 1.000 2.267  0 23  HYP C N   1 ? 
HETATM 495 C CA  . HYP C 1 23 ? -11.531 -10.756 -21.667 1.000 2.473  0 23  HYP C CA  1 ? 
HETATM 496 C C   . HYP C 1 23 ? -11.892 -12.197 -21.321 1.000 2.269  0 23  HYP C C   1 ? 
HETATM 497 O O   . HYP C 1 23 ? -11.028 -13.104 -21.305 1.000 2.792  0 23  HYP C O   1 ? 
HETATM 498 C CB  . HYP C 1 23 ? -11.408 -10.507 -23.165 1.000 2.698  0 23  HYP C CB  1 ? 
HETATM 499 C CG  . HYP C 1 23 ? -10.312 -9.476  -23.274 1.000 2.940  0 23  HYP C CG  1 ? 
HETATM 500 C CD  . HYP C 1 23 ? -9.331  -9.897  -22.218 1.000 2.486  0 23  HYP C CD  1 ? 
HETATM 501 O OD1 . HYP C 1 23 ? -10.839 -8.192  -22.970 1.000 3.308  0 23  HYP C OD1 1 ? 
ATOM   502 N N   . GLY C 1 24 ? -13.180 -12.402 -21.070 1.000 2.050  0 24  GLY C N   1 ? 
ATOM   503 C CA  . GLY C 1 24 ? -13.688 -13.713 -20.738 1.000 2.352  0 24  GLY C CA  1 ? 
ATOM   504 C C   . GLY C 1 24 ? -13.628 -14.681 -21.916 1.000 2.334  0 24  GLY C C   1 ? 
ATOM   505 O O   . GLY C 1 24 ? -13.313 -14.326 -23.042 1.000 2.470  0 24  GLY C O   1 ? 
ATOM   506 N N   . PRO C 1 25 ? -13.905 -15.958 -21.636 1.000 2.671  0 25  PRO C N   1 ? 
ATOM   507 C CA  . PRO C 1 25 ? -13.861 -16.977 -22.664 1.000 3.162  0 25  PRO C CA  1 ? 
ATOM   508 C C   . PRO C 1 25 ? -15.068 -16.829 -23.603 1.000 2.932  0 25  PRO C C   1 ? 
ATOM   509 O O   . PRO C 1 25 ? -16.088 -16.214 -23.282 1.000 3.010  0 25  PRO C O   1 ? 
ATOM   510 C CB  . PRO C 1 25 ? -13.920 -18.281 -21.913 1.000 4.574  0 25  PRO C CB  1 ? 
ATOM   511 C CG  . PRO C 1 25 ? -14.652 -17.941 -20.730 1.000 5.678  0 25  PRO C CG  1 ? 
ATOM   512 C CD  . PRO C 1 25 ? -14.250 -16.510 -20.324 1.000 2.852  0 25  PRO C CD  1 ? 
HETATM 513 N N   . HYP C 1 26 ? -14.978 -17.466 -24.790 1.000 3.552  0 26  HYP C N   1 ? 
HETATM 514 C CA  . HYP C 1 26 ? -16.094 -17.469 -25.719 1.000 4.080  0 26  HYP C CA  1 ? 
HETATM 515 C C   . HYP C 1 26 ? -17.251 -18.240 -25.161 1.000 4.268  0 26  HYP C C   1 ? 
HETATM 516 O O   . HYP C 1 26 ? -17.098 -19.178 -24.386 1.000 5.897  0 26  HYP C O   1 ? 
HETATM 517 C CB  . HYP C 1 26 ? -15.525 -18.145 -26.994 1.000 5.085  0 26  HYP C CB  1 ? 
HETATM 518 C CG  . HYP C 1 26 ? -14.009 -18.057 -26.827 1.000 5.064  0 26  HYP C CG  1 ? 
HETATM 519 C CD  . HYP C 1 26 ? -13.813 -18.189 -25.330 1.000 4.946  0 26  HYP C CD  1 ? 
HETATM 520 O OD1 . HYP C 1 26 ? -13.557 -16.776 -27.258 1.000 4.714  0 26  HYP C OD1 1 ? 
ATOM   521 N N   . GLY C 1 27 ? -18.445 -17.889 -25.614 1.000 4.963  0 27  GLY C N   1 ? 
ATOM   522 C CA  . GLY C 1 27 ? -19.608 -18.706 -25.286 1.000 6.217  0 27  GLY C CA  1 ? 
ATOM   523 C C   . GLY C 1 27 ? -19.617 -20.081 -25.927 1.000 6.782  0 27  GLY C C   1 ? 
ATOM   524 O O   . GLY C 1 27 ? -18.739 -20.409 -26.789 1.000 7.476  0 27  GLY C O   1 ? 
ATOM   525 O OXT . GLY C 1 27 ? -20.519 -20.842 -25.588 1.000 10.383 0 27  GLY C OXT 1 ? 
HETATM 526 O O   . HOH D 2 .  ? -16.608 -20.087 -19.020 1.000 26.518 0 101 HOH A O   1 ? 
HETATM 527 O O   . HOH D 2 .  ? 16.691  8.688   32.488  1.000 23.038 0 102 HOH A O   1 ? 
HETATM 528 O O   . HOH D 2 .  ? 9.844   13.447  11.645  1.000 31.311 0 103 HOH A O   1 ? 
HETATM 529 O O   . HOH D 2 .  ? 3.863   12.180  15.644  1.000 25.911 0 104 HOH A O   1 ? 
HETATM 530 O O   . HOH D 2 .  ? 9.571   13.413  27.384  1.000 14.587 0 105 HOH A O   1 ? 
HETATM 531 O O   . HOH D 2 .  ? 8.874   8.634   3.957   1.000 29.174 0 106 HOH A O   1 ? 
HETATM 532 O O   . HOH D 2 .  ? 12.202  14.159  28.177  1.000 21.301 0 107 HOH A O   1 ? 
HETATM 533 O O   . HOH D 2 .  ? 8.589   14.654  19.261  1.000 29.770 0 108 HOH A O   1 ? 
HETATM 534 O O   . HOH D 2 .  ? 0.139   -5.501  -10.309 1.000 16.600 0 109 HOH A O   1 ? 
HETATM 535 O O   . HOH D 2 .  ? -23.249 -18.294 -23.826 1.000 9.708  0 110 HOH A O   1 ? 
HETATM 536 O O   . HOH D 2 .  ? 2.497   12.550  7.862   1.000 35.013 0 111 HOH A O   1 ? 
HETATM 537 O O   . HOH D 2 .  ? 8.158   10.532  24.314  1.000 13.587 0 112 HOH A O   1 ? 
HETATM 538 O O   . HOH D 2 .  ? -13.276 -15.112 -13.785 1.000 5.019  0 113 HOH A O   1 ? 
HETATM 539 O O   . HOH D 2 .  ? 4.381   2.099   -4.685  1.000 36.479 0 114 HOH A O   1 ? 
HETATM 540 O O   . HOH D 2 .  ? -6.465  -14.767 -14.512 1.000 3.346  0 115 HOH A O   1 ? 
HETATM 541 O O   . HOH D 2 .  ? 0.249   -6.555  -6.162  1.000 15.592 0 116 HOH A O   1 ? 
HETATM 542 O O   . HOH D 2 .  ? -6.051  -12.345 -13.135 1.000 8.969  0 117 HOH A O   1 ? 
HETATM 543 O O   . HOH D 2 .  ? 7.501   11.036  6.568   1.000 43.184 0 118 HOH A O   1 ? 
HETATM 544 O O   . HOH D 2 .  ? -8.361  -15.605 -18.991 1.000 3.995  0 119 HOH A O   1 ? 
HETATM 545 O O   . HOH D 2 .  ? -4.701  -11.687 -10.197 1.000 9.181  0 120 HOH A O   1 ? 
HETATM 546 O O   . HOH D 2 .  ? 6.763   15.222  17.718  1.000 24.815 0 121 HOH A O   1 ? 
HETATM 547 O O   . HOH D 2 .  ? 12.525  17.061  19.265  1.000 38.345 0 122 HOH A O   1 ? 
HETATM 548 O O   . HOH D 2 .  ? 1.481   -4.580  -12.227 1.000 21.471 0 123 HOH A O   1 ? 
HETATM 549 O O   . HOH D 2 .  ? -15.774 -11.917 -14.382 1.000 7.258  0 124 HOH A O   1 ? 
HETATM 550 O O   . HOH D 2 .  ? 0.512   1.768   -6.127  1.000 11.183 0 125 HOH A O   1 ? 
HETATM 551 O O   . HOH D 2 .  ? 6.082   3.643   -3.099  1.000 35.250 0 126 HOH A O   1 ? 
HETATM 552 O O   . HOH D 2 .  ? 5.191   -7.499  -6.741  1.000 20.118 0 127 HOH A O   1 ? 
HETATM 553 O O   . HOH D 2 .  ? -1.088  -5.839  -11.701 1.000 27.480 0 128 HOH A O   1 ? 
HETATM 554 O O   . HOH D 2 .  ? 2.223   -4.346  -15.630 1.000 8.967  0 129 HOH A O   1 ? 
HETATM 555 O O   . HOH D 2 .  ? 6.759   8.023   2.157   1.000 21.834 0 130 HOH A O   1 ? 
HETATM 556 O O   . HOH D 2 .  ? 7.017   12.132  9.974   1.000 40.481 0 131 HOH A O   1 ? 
HETATM 557 O O   . HOH D 2 .  ? 0.963   4.588   -4.589  1.000 48.107 0 132 HOH A O   1 ? 
HETATM 558 O O   . HOH D 2 .  ? 12.263  10.833  10.883  1.000 36.525 0 133 HOH A O   1 ? 
HETATM 559 O O   . HOH D 2 .  ? 5.005   -7.296  -2.826  1.000 45.159 0 134 HOH A O   1 ? 
HETATM 560 O O   . HOH D 2 .  ? 9.551   12.344  9.937   1.000 31.322 0 135 HOH A O   1 ? 
HETATM 561 O O   . HOH D 2 .  ? 5.392   7.190   -0.671  1.000 26.513 0 136 HOH A O   1 ? 
HETATM 562 O O   . HOH D 2 .  ? 6.275   -0.263  -1.161  1.000 36.959 0 137 HOH A O   1 ? 
HETATM 563 O O   . HOH D 2 .  ? 3.604   -0.371  -8.270  1.000 17.710 0 138 HOH A O   1 ? 
HETATM 564 O O   . HOH D 2 .  ? 3.159   -9.193  -6.691  1.000 15.592 0 139 HOH A O   1 ? 
HETATM 565 O O   . HOH D 2 .  ? 4.916   7.203   -4.574  1.000 38.115 0 140 HOH A O   1 ? 
HETATM 566 O O   . HOH D 2 .  ? 5.198   -2.398  -1.607  1.000 64.712 0 141 HOH A O   1 ? 
HETATM 567 O O   . HOH D 2 .  ? 9.043   16.257  21.671  1.000 30.175 0 142 HOH A O   1 ? 
HETATM 568 O O   . HOH D 2 .  ? -4.663  0.262   -14.160 1.000 24.806 0 143 HOH A O   1 ? 
HETATM 569 O O   . HOH D 2 .  ? 13.767  18.594  28.455  1.000 36.794 0 144 HOH A O   1 ? 
HETATM 570 O O   . HOH D 2 .  ? 17.805  16.744  36.968  1.000 24.035 0 145 HOH A O   1 ? 
HETATM 571 O O   . HOH D 2 .  ? 2.019   2.140   -8.429  1.000 14.101 0 146 HOH A O   1 ? 
HETATM 572 O O   . HOH D 2 .  ? 0.676   -8.336  -8.077  1.000 20.491 0 147 HOH A O   1 ? 
HETATM 573 O O   . HOH D 2 .  ? 14.012  9.121   10.426  1.000 36.463 0 148 HOH A O   1 ? 
HETATM 574 O O   . HOH D 2 .  ? 9.701   10.854  28.660  1.000 25.296 0 149 HOH A O   1 ? 
HETATM 575 O O   . HOH D 2 .  ? -0.176  9.069   7.092   1.000 26.614 0 150 HOH A O   1 ? 
HETATM 576 O O   . HOH D 2 .  ? 12.786  11.322  29.405  1.000 34.384 0 151 HOH A O   1 ? 
HETATM 577 O O   . HOH D 2 .  ? 9.008   11.224  4.371   1.000 37.071 0 152 HOH A O   1 ? 
HETATM 578 O O   . HOH E 2 .  ? 3.071   -5.646  -1.518  1.000 27.306 0 101 HOH B O   1 ? 
HETATM 579 O O   . HOH E 2 .  ? -14.050 -2.199  -5.077  1.000 30.744 0 102 HOH B O   1 ? 
HETATM 580 O O   . HOH E 2 .  ? 6.778   2.614   12.520  1.000 26.511 0 103 HOH B O   1 ? 
HETATM 581 O O   . HOH E 2 .  ? 14.240  12.123  11.827  1.000 33.845 0 104 HOH B O   1 ? 
HETATM 582 O O   . HOH E 2 .  ? 9.000   1.591   5.605   1.000 37.313 0 105 HOH B O   1 ? 
HETATM 583 O O   . HOH E 2 .  ? 1.430   -7.926  -2.155  1.000 30.307 0 106 HOH B O   1 ? 
HETATM 584 O O   . HOH E 2 .  ? -23.151 -17.142 -30.594 1.000 32.793 0 107 HOH B O   1 ? 
HETATM 585 O O   . HOH E 2 .  ? -20.610 -7.595  -17.763 1.000 9.482  0 108 HOH B O   1 ? 
HETATM 586 O O   . HOH E 2 .  ? 12.430  7.211   10.993  1.000 27.637 0 109 HOH B O   1 ? 
HETATM 587 O O   . HOH E 2 .  ? -14.706 -4.344  -15.696 1.000 8.258  0 110 HOH B O   1 ? 
HETATM 588 O O   . HOH E 2 .  ? -16.587 -17.573 -30.513 1.000 13.058 0 111 HOH B O   1 ? 
HETATM 589 O O   . HOH E 2 .  ? -5.254  -2.536  -0.523  1.000 23.482 0 112 HOH B O   1 ? 
HETATM 590 O O   . HOH E 2 .  ? -11.790 -7.591  -8.327  1.000 18.269 0 113 HOH B O   1 ? 
HETATM 591 O O   . HOH E 2 .  ? -3.745  -7.046  -3.063  1.000 20.491 0 114 HOH B O   1 ? 
HETATM 592 O O   . HOH E 2 .  ? -16.738 -6.631  -17.593 1.000 30.605 0 115 HOH B O   1 ? 
HETATM 593 O O   . HOH E 2 .  ? -9.852  -15.443 -8.976  1.000 13.021 0 116 HOH B O   1 ? 
HETATM 594 O O   . HOH E 2 .  ? -8.626  0.905   -4.759  1.000 12.769 0 117 HOH B O   1 ? 
HETATM 595 O O   . HOH E 2 .  ? 1.420   -1.182  6.176   1.000 20.686 0 118 HOH B O   1 ? 
HETATM 596 O O   . HOH E 2 .  ? -15.450 -11.462 -11.711 1.000 8.952  0 119 HOH B O   1 ? 
HETATM 597 O O   . HOH E 2 .  ? -14.654 -10.234 -25.795 1.000 8.583  0 120 HOH B O   1 ? 
HETATM 598 O O   . HOH E 2 .  ? -18.898 -9.553  -25.087 1.000 13.886 0 121 HOH B O   1 ? 
HETATM 599 O O   . HOH E 2 .  ? 11.107  0.671   1.530   1.000 25.875 0 122 HOH B O   1 ? 
HETATM 600 O O   . HOH E 2 .  ? -1.526  0.391   3.505   1.000 16.373 0 123 HOH B O   1 ? 
HETATM 601 O O   . HOH E 2 .  ? -3.488  -5.935  -0.041  1.000 23.541 0 124 HOH B O   1 ? 
HETATM 602 O O   . HOH E 2 .  ? -22.652 -16.918 -26.834 1.000 15.992 0 125 HOH B O   1 ? 
HETATM 603 O O   . HOH E 2 .  ? -8.428  -7.047  -3.555  1.000 24.667 0 126 HOH B O   1 ? 
HETATM 604 O O   . HOH E 2 .  ? 13.029  19.868  20.644  1.000 33.761 0 127 HOH B O   1 ? 
HETATM 605 O O   . HOH E 2 .  ? -11.146 -5.587  -5.673  1.000 33.612 0 128 HOH B O   1 ? 
HETATM 606 O O   . HOH E 2 .  ? 16.020  6.240   14.958  1.000 32.535 0 129 HOH B O   1 ? 
HETATM 607 O O   . HOH E 2 .  ? 0.340   -6.018  1.014   1.000 21.240 0 130 HOH B O   1 ? 
HETATM 608 O O   . HOH E 2 .  ? 2.867   -3.025  -1.231  1.000 13.666 0 131 HOH B O   1 ? 
HETATM 609 O O   . HOH E 2 .  ? 13.277  4.719   17.078  1.000 16.338 0 132 HOH B O   1 ? 
HETATM 610 O O   . HOH E 2 .  ? -13.200 -5.011  -3.102  1.000 31.040 0 133 HOH B O   1 ? 
HETATM 611 O O   . HOH E 2 .  ? -14.075 -4.941  -5.687  1.000 13.365 0 134 HOH B O   1 ? 
HETATM 612 O O   . HOH E 2 .  ? 9.649   -2.869  3.621   1.000 28.696 0 135 HOH B O   1 ? 
HETATM 613 O O   . HOH E 2 .  ? 20.802  18.710  26.761  1.000 38.918 0 136 HOH B O   1 ? 
HETATM 614 O O   . HOH E 2 .  ? -6.799  -13.671 -6.086  1.000 26.141 0 137 HOH B O   1 ? 
HETATM 615 O O   . HOH E 2 .  ? -5.257  -12.196 -7.522  1.000 17.392 0 138 HOH B O   1 ? 
HETATM 616 O O   . HOH E 2 .  ? -0.818  -7.959  -4.160  1.000 27.868 0 139 HOH B O   1 ? 
HETATM 617 O O   . HOH E 2 .  ? 18.465  12.496  15.323  1.000 42.096 0 140 HOH B O   1 ? 
HETATM 618 O O   . HOH E 2 .  ? 15.116  2.148   8.946   1.000 36.507 0 141 HOH B O   1 ? 
HETATM 619 O O   . HOH E 2 .  ? -16.821 -9.978  -27.931 1.000 15.645 0 142 HOH B O   1 ? 
HETATM 620 O O   . HOH E 2 .  ? -21.159 -5.466  -19.482 1.000 5.655  0 143 HOH B O   1 ? 
HETATM 621 O O   . HOH E 2 .  ? -5.579  -8.868  -3.507  1.000 39.324 0 144 HOH B O   1 ? 
HETATM 622 O O   . HOH E 2 .  ? -14.624 -6.012  -3.927  1.000 14.331 0 145 HOH B O   1 ? 
HETATM 623 O O   . HOH E 2 .  ? -10.392 -8.235  -3.822  1.000 26.441 0 146 HOH B O   1 ? 
HETATM 624 O O   . HOH E 2 .  ? 14.731  2.946   13.224  1.000 27.922 0 147 HOH B O   1 ? 
HETATM 625 O O   . HOH E 2 .  ? -6.213  -10.617 -5.026  1.000 37.059 0 148 HOH B O   1 ? 
HETATM 626 O O   . HOH E 2 .  ? -14.496 -9.774  -28.459 1.000 15.213 0 149 HOH B O   1 ? 
HETATM 627 O O   . HOH F 2 .  ? 17.444  9.980   26.718  1.000 30.059 0 101 HOH C O   1 ? 
HETATM 628 O O   . HOH F 2 .  ? 20.191  10.050  25.934  1.000 40.326 0 102 HOH C O   1 ? 
HETATM 629 O O   . HOH F 2 .  ? 19.630  12.374  27.383  1.000 35.679 0 103 HOH C O   1 ? 
HETATM 630 O O   . HOH F 2 .  ? 17.232  7.960   24.010  1.000 36.823 0 104 HOH C O   1 ? 
HETATM 631 O O   . HOH F 2 .  ? 8.792   5.356   19.433  1.000 30.541 0 105 HOH C O   1 ? 
HETATM 632 O O   . HOH F 2 .  ? 24.407  13.666  22.370  1.000 28.057 0 106 HOH C O   1 ? 
HETATM 633 O O   . HOH F 2 .  ? -1.403  5.103   -12.093 1.000 8.178  0 107 HOH C O   1 ? 
HETATM 634 O O   . HOH F 2 .  ? -1.374  2.380   6.185   1.000 19.376 0 108 HOH C O   1 ? 
HETATM 635 O O   . HOH F 2 .  ? -3.262  -0.144  -11.941 1.000 9.377  0 109 HOH C O   1 ? 
HETATM 636 O O   . HOH F 2 .  ? -21.939 -20.724 -23.320 1.000 7.899  0 110 HOH C O   1 ? 
HETATM 637 O O   . HOH F 2 .  ? 3.802   2.552   12.130  1.000 33.159 0 111 HOH C O   1 ? 
HETATM 638 O O   . HOH F 2 .  ? 4.365   9.923   13.445  1.000 35.037 0 112 HOH C O   1 ? 
HETATM 639 O O   . HOH F 2 .  ? 15.252  4.435   18.870  1.000 14.152 0 113 HOH C O   1 ? 
HETATM 640 O O   . HOH F 2 .  ? -7.307  0.107   -12.030 1.000 12.947 0 114 HOH C O   1 ? 
HETATM 641 O O   . HOH F 2 .  ? -11.221 -13.723 -24.698 1.000 8.452  0 115 HOH C O   1 ? 
HETATM 642 O O   . HOH F 2 .  ? 8.065   9.718   21.694  1.000 12.461 0 116 HOH C O   1 ? 
HETATM 643 O O   . HOH F 2 .  ? -9.006  -6.177  -22.618 1.000 3.504  0 117 HOH C O   1 ? 
HETATM 644 O O   . HOH F 2 .  ? -4.213  4.694   -1.251  1.000 22.050 0 118 HOH C O   1 ? 
HETATM 645 O O   . HOH F 2 .  ? -2.832  5.797   -8.538  1.000 16.026 0 119 HOH C O   1 ? 
HETATM 646 O O   . HOH F 2 .  ? -12.429 -6.895  -24.839 1.000 8.283  0 120 HOH C O   1 ? 
HETATM 647 O O   . HOH F 2 .  ? -8.026  -6.275  -20.095 1.000 6.329  0 121 HOH C O   1 ? 
HETATM 648 O O   . HOH F 2 .  ? 10.044  6.921   23.361  1.000 19.978 0 122 HOH C O   1 ? 
HETATM 649 O O   . HOH F 2 .  ? -6.838  -4.406  -18.443 1.000 3.253  0 123 HOH C O   1 ? 
HETATM 650 O O   . HOH F 2 .  ? 1.259   2.286   -11.045 1.000 17.035 0 124 HOH C O   1 ? 
HETATM 651 O O   . HOH F 2 .  ? -6.216  -0.127  -3.963  1.000 8.940  0 125 HOH C O   1 ? 
HETATM 652 O O   . HOH F 2 .  ? -14.185 -16.344 -29.973 1.000 5.866  0 126 HOH C O   1 ? 
HETATM 653 O O   . HOH F 2 .  ? -1.229  4.951   -3.539  1.000 27.930 0 127 HOH C O   1 ? 
HETATM 654 O O   . HOH F 2 .  ? 1.789   7.614   5.708   1.000 24.044 0 128 HOH C O   1 ? 
HETATM 655 O O   . HOH F 2 .  ? -5.611  -8.134  -17.450 1.000 8.617  0 129 HOH C O   1 ? 
HETATM 656 O O   . HOH F 2 .  ? -10.726 -15.814 -20.344 1.000 4.344  0 130 HOH C O   1 ? 
HETATM 657 O O   . HOH F 2 .  ? 2.060   6.707   1.544   1.000 24.823 0 131 HOH C O   1 ? 
HETATM 658 O O   . HOH F 2 .  ? -4.401  3.575   2.526   1.000 22.119 0 132 HOH C O   1 ? 
HETATM 659 O O   . HOH F 2 .  ? -0.203  5.401   -7.863  1.000 28.270 0 133 HOH C O   1 ? 
HETATM 660 O O   . HOH F 2 .  ? -6.630  -0.350  -1.283  1.000 23.574 0 134 HOH C O   1 ? 
HETATM 661 O O   . HOH F 2 .  ? -15.393 -0.908  -7.573  1.000 17.705 0 135 HOH C O   1 ? 
HETATM 662 O O   . HOH F 2 .  ? 2.076   5.192   13.656  1.000 27.159 0 136 HOH C O   1 ? 
HETATM 663 O O   . HOH F 2 .  ? -11.432 1.485   -8.527  1.000 8.604  0 137 HOH C O   1 ? 
HETATM 664 O O   . HOH F 2 .  ? -0.208  1.551   12.084  1.000 21.046 0 138 HOH C O   1 ? 
HETATM 665 O O   . HOH F 2 .  ? -0.717  -0.163  6.910   1.000 32.367 0 139 HOH C O   1 ? 
HETATM 666 O O   . HOH F 2 .  ? -4.580  -0.596  4.875   1.000 42.133 0 140 HOH C O   1 ? 
HETATM 667 O O   . HOH F 2 .  ? -14.383 0.559   -10.939 1.000 11.041 0 141 HOH C O   1 ? 
HETATM 668 O O   . HOH F 2 .  ? -5.680  5.099   0.779   1.000 32.111 0 142 HOH C O   1 ? 
HETATM 669 O O   . HOH F 2 .  ? -7.289  -7.652  -24.287 1.000 5.438  0 143 HOH C O   1 ? 
HETATM 670 O O   . HOH F 2 .  ? -5.793  -8.029  -20.019 1.000 12.832 0 144 HOH C O   1 ? 
HETATM 671 O O   . HOH F 2 .  ? -1.779  -1.689  8.927   1.000 35.596 0 145 HOH C O   1 ? 
HETATM 672 O O   . HOH F 2 .  ? -2.292  5.561   -5.678  1.000 22.626 0 146 HOH C O   1 ? 
HETATM 673 O O   . HOH F 2 .  ? -1.488  -0.973  11.817  1.000 30.026 0 147 HOH C O   1 ? 
HETATM 674 O O   . HOH F 2 .  ? -11.770 1.307   -11.307 1.000 10.600 0 148 HOH C O   1 ? 
HETATM 675 O O   . HOH F 2 .  ? 5.044   5.627   20.642  1.000 42.099 0 149 HOH C O   1 ? 
HETATM 676 O O   . HOH F 2 .  ? 6.298   7.770   21.969  1.000 36.226 0 150 HOH C O   1 ? 
HETATM 677 O O   . HOH F 2 .  ? -15.414 1.767   -8.659  1.000 10.987 0 151 HOH C O   1 ? 
HETATM 678 O O   . HOH F 2 .  ? -10.313 -18.454 -21.403 1.000 9.605  0 152 HOH C O   1 ? 
HETATM 679 O O   . HOH F 2 .  ? -9.230  2.471   -6.964  1.000 7.793  0 153 HOH C O   1 ? 
HETATM 680 O O   . HOH F 2 .  ? -1.341  7.284   -2.426  1.000 33.452 0 154 HOH C O   1 ? 
HETATM 681 O O   . HOH F 2 .  ? -4.737  5.336   -4.868  1.000 27.056 0 155 HOH C O   1 ? 
# 
loop_
_atom_site_anisotrop.id 
_atom_site_anisotrop.type_symbol 
_atom_site_anisotrop.pdbx_label_atom_id 
_atom_site_anisotrop.pdbx_label_alt_id 
_atom_site_anisotrop.pdbx_label_comp_id 
_atom_site_anisotrop.pdbx_label_asym_id 
_atom_site_anisotrop.pdbx_label_seq_id 
_atom_site_anisotrop.pdbx_PDB_ins_code 
_atom_site_anisotrop.U[1][1] 
_atom_site_anisotrop.U[2][2] 
_atom_site_anisotrop.U[3][3] 
_atom_site_anisotrop.U[1][2] 
_atom_site_anisotrop.U[1][3] 
_atom_site_anisotrop.U[2][3] 
_atom_site_anisotrop.pdbx_auth_seq_id 
_atom_site_anisotrop.pdbx_auth_comp_id 
_atom_site_anisotrop.pdbx_auth_asym_id 
_atom_site_anisotrop.pdbx_auth_atom_id 
1   N N   . PRO A 1  ? 0.1945 0.3363 0.4402 -0.0197 -0.0519 -0.0972 1   PRO A N   
2   C CA  . PRO A 1  ? 0.1576 0.3370 0.3583 -0.0285 -0.0098 -0.0012 1   PRO A CA  
3   C C   . PRO A 1  ? 0.4591 0.3668 0.4010 -0.0934 -0.0688 -0.1628 1   PRO A C   
4   O O   . PRO A 1  ? 0.2246 0.6664 0.5159 -0.0967 -0.1504 -0.0171 1   PRO A O   
5   C CB  . PRO A 1  ? 0.2397 0.4235 0.2108 0.0432  -0.0209 -0.0169 1   PRO A CB  
6   C CG  . PRO A 1  ? 0.2820 0.5064 0.4237 0.0031  -0.0671 -0.1171 1   PRO A CG  
7   C CD  . PRO A 1  ? 0.2920 0.2927 0.3883 -0.0194 -0.0685 -0.0794 1   PRO A CD  
8   N N   . HYP A 2  ? 0.4258 0.4605 0.4076 -0.1962 -0.0666 -0.0396 2   HYP A N   
9   C CA  . HYP A 2  ? 0.4276 0.3716 0.3899 -0.0927 -0.0177 -0.0307 2   HYP A CA  
10  C C   . HYP A 2  ? 0.2831 0.4070 0.3509 0.0255  0.0509  -0.0578 2   HYP A C   
11  O O   . HYP A 2  ? 0.3867 0.3365 0.2808 0.0261  -0.0043 -0.1029 2   HYP A O   
12  C CB  . HYP A 2  ? 0.5773 0.2620 0.4227 -0.1064 -0.0577 0.0718  2   HYP A CB  
13  C CG  . HYP A 2  ? 0.5157 0.3480 0.3653 -0.0708 -0.0780 0.0306  2   HYP A CG  
14  C CD  . HYP A 2  ? 0.5103 0.4566 0.3510 -0.2088 -0.1170 0.0036  2   HYP A CD  
15  O OD1 . HYP A 2  ? 0.6673 0.4881 0.5625 0.0686  -0.1780 0.1516  2   HYP A OD1 
16  N N   . GLY A 3  ? 0.2421 0.2975 0.2935 -0.0279 0.0239  -0.0947 3   GLY A N   
17  C CA  . GLY A 3  ? 0.2236 0.3330 0.2024 -0.0568 0.0359  -0.0704 3   GLY A CA  
18  C C   . GLY A 3  ? 0.2382 0.4147 0.2992 -0.0778 0.0598  -0.0842 3   GLY A C   
19  O O   . GLY A 3  ? 0.1696 0.3744 0.2710 -0.0433 0.0212  -0.1494 3   GLY A O   
20  N N   . PRO A 4  ? 0.2092 0.3839 0.2329 -0.1652 0.0104  -0.1348 4   PRO A N   
21  C CA  . PRO A 4  ? 0.1949 0.3820 0.2671 -0.1022 0.0282  -0.0789 4   PRO A CA  
22  C C   . PRO A 4  ? 0.1766 0.3875 0.2839 -0.0482 -0.0038 -0.0978 4   PRO A C   
23  O O   . PRO A 4  ? 0.1930 0.3660 0.2100 -0.0732 0.0210  -0.0971 4   PRO A O   
24  C CB  . PRO A 4  ? 0.2230 0.3706 0.3774 -0.0967 -0.0105 -0.0585 4   PRO A CB  
25  C CG  . PRO A 4  ? 0.2460 0.4391 0.2889 -0.1412 0.0242  -0.0533 4   PRO A CG  
26  C CD  . PRO A 4  ? 0.2884 0.4480 0.2526 -0.1481 -0.0083 -0.0348 4   PRO A CD  
27  N N   . HYP A 5  ? 0.2151 0.2663 0.2046 -0.0910 -0.0019 -0.0681 5   HYP A N   
28  C CA  . HYP A 5  ? 0.1321 0.2393 0.2206 -0.0561 0.0045  -0.0689 5   HYP A CA  
29  C C   . HYP A 5  ? 0.1533 0.2872 0.2295 -0.0679 0.0091  -0.0611 5   HYP A C   
30  O O   . HYP A 5  ? 0.2520 0.3075 0.2176 -0.1085 -0.0128 -0.0563 5   HYP A O   
31  C CB  . HYP A 5  ? 0.1280 0.2539 0.1871 -0.0494 -0.0227 -0.0317 5   HYP A CB  
32  C CG  . HYP A 5  ? 0.1324 0.1976 0.1950 -0.0436 -0.0025 -0.0302 5   HYP A CG  
33  C CD  . HYP A 5  ? 0.2112 0.2227 0.1642 -0.0554 -0.0437 -0.0762 5   HYP A CD  
34  O OD1 . HYP A 5  ? 0.1956 0.2332 0.1742 -0.0428 0.0158  -0.0108 5   HYP A OD1 
35  N N   . GLY A 6  ? 0.1800 0.2264 0.1506 -0.0494 -0.0114 0.0002  6   GLY A N   
36  C CA  . GLY A 6  ? 0.2130 0.2127 0.1593 -0.0562 0.0035  -0.0089 6   GLY A CA  
37  C C   . GLY A 6  ? 0.2054 0.2032 0.1605 -0.0477 0.0027  -0.0079 6   GLY A C   
38  O O   . GLY A 6  ? 0.2191 0.2325 0.1414 -0.0957 0.0022  -0.0337 6   GLY A O   
39  N N   . PRO A 7  ? 0.2305 0.2468 0.1698 -0.1213 -0.0008 -0.0122 7   PRO A N   
40  C CA  . PRO A 7  ? 0.2821 0.2035 0.1845 -0.1132 -0.0357 0.0412  7   PRO A CA  
41  C C   . PRO A 7  ? 0.2021 0.1868 0.1061 -0.0720 -0.0049 0.0136  7   PRO A C   
42  O O   . PRO A 7  ? 0.2378 0.1988 0.1035 -0.0684 -0.0347 0.0347  7   PRO A O   
43  C CB  . PRO A 7  ? 0.3406 0.2814 0.2020 -0.1034 -0.0339 0.1089  7   PRO A CB  
44  C CG  . PRO A 7  ? 0.3158 0.4115 0.2257 -0.0963 0.0226  0.0182  7   PRO A CG  
45  C CD  . PRO A 7  ? 0.1873 0.2594 0.2442 -0.1373 -0.0362 -0.0148 7   PRO A CD  
46  N N   . HYP A 8  ? 0.2417 0.2032 0.1322 -0.0667 -0.0397 0.0381  8   HYP A N   
47  C CA  . HYP A 8  ? 0.2345 0.1586 0.1560 -0.0257 -0.0441 0.0254  8   HYP A CA  
48  C C   . HYP A 8  ? 0.2347 0.1548 0.1175 -0.0271 -0.0379 0.0384  8   HYP A C   
49  O O   . HYP A 8  ? 0.2868 0.2403 0.1029 -0.0740 -0.0251 0.0353  8   HYP A O   
50  C CB  . HYP A 8  ? 0.2452 0.2212 0.2056 0.0026  -0.0549 0.0523  8   HYP A CB  
51  C CG  . HYP A 8  ? 0.3120 0.1823 0.2707 -0.0086 -0.0311 0.0727  8   HYP A CG  
52  C CD  . HYP A 8  ? 0.3082 0.2288 0.2590 -0.0330 -0.0085 0.0707  8   HYP A CD  
53  O OD1 . HYP A 8  ? 0.2522 0.1978 0.2451 0.0202  -0.0252 0.0082  8   HYP A OD1 
54  N N   . GLY A 9  ? 0.2276 0.1650 0.0894 -0.0362 -0.0166 0.0153  9   GLY A N   
55  C CA  . GLY A 9  ? 0.2350 0.1481 0.1189 -0.0299 -0.0147 0.0078  9   GLY A CA  
56  C C   . GLY A 9  ? 0.2098 0.1788 0.1184 -0.0256 -0.0204 -0.0061 9   GLY A C   
57  O O   . GLY A 9  ? 0.2433 0.1591 0.1116 -0.0088 -0.0556 -0.0261 9   GLY A O   
58  N N   . ALA A 10 ? 0.2105 0.1785 0.1210 -0.0185 -0.0177 -0.0040 10  ALA A N   
59  C CA  . ALA A 10 ? 0.2626 0.1394 0.1190 -0.0387 -0.0183 0.0114  10  ALA A CA  
60  C C   . ALA A 10 ? 0.2669 0.2105 0.0526 -0.0485 -0.0366 -0.0139 10  ALA A C   
61  O O   . ALA A 10 ? 0.3532 0.2065 0.0873 -0.0892 -0.0440 -0.0205 10  ALA A O   
62  C CB  . ALA A 10 ? 0.3000 0.2637 0.1203 -0.0300 0.0059  -0.0057 10  ALA A CB  
63  N N   . ASN A 11 ? 0.2582 0.1600 0.1368 -0.0272 -0.0459 -0.0164 11  ASN A N   
64  C CA  . ASN A 11 ? 0.2840 0.1832 0.1218 -0.0358 -0.0567 -0.0260 11  ASN A CA  
65  C C   . ASN A 11 ? 0.2473 0.2247 0.0900 -0.0521 -0.0532 -0.0389 11  ASN A C   
66  O O   . ASN A 11 ? 0.3001 0.1697 0.1252 -0.0355 -0.0187 -0.0118 11  ASN A O   
67  C CB  . ASN A 11 ? 0.2448 0.2755 0.3038 -0.0484 -0.1120 -0.0317 11  ASN A CB  
68  C CG  . ASN A 11 ? 0.3976 0.2804 0.1900 -0.0037 -0.0861 0.0226  11  ASN A CG  
69  O OD1 . ASN A 11 ? 0.5461 0.1981 0.2249 0.0000  -0.0973 0.0429  11  ASN A OD1 
70  N ND2 . ASN A 11 ? 0.4869 0.2401 0.3890 -0.0103 -0.0588 0.0638  11  ASN A ND2 
71  N N   . GLY A 12 ? 0.2299 0.1896 0.1084 -0.0257 -0.0401 0.0006  12  GLY A N   
72  C CA  . GLY A 12 ? 0.2220 0.2064 0.0886 -0.0445 -0.0499 -0.0173 12  GLY A CA  
73  C C   . GLY A 12 ? 0.1854 0.1649 0.1007 -0.0829 -0.0484 -0.0045 12  GLY A C   
74  O O   . GLY A 12 ? 0.2773 0.1916 0.0961 -0.0341 -0.0621 -0.0062 12  GLY A O   
75  N N   . LEU A 13 ? 0.2767 0.1639 0.1064 -0.0637 -0.0294 0.0105  13  LEU A N   
76  C CA  . LEU A 13 ? 0.2476 0.1757 0.0937 -0.0914 -0.0197 0.0085  13  LEU A CA  
77  C C   . LEU A 13 ? 0.2468 0.1219 0.0813 -0.0670 -0.0299 0.0082  13  LEU A C   
78  O O   . LEU A 13 ? 0.2221 0.1153 0.1226 -0.0691 -0.0506 0.0210  13  LEU A O   
79  C CB  . LEU A 13 ? 0.2398 0.2522 0.1171 -0.0667 0.0106  0.0187  13  LEU A CB  
80  C CG  . LEU A 13 ? 0.2308 0.4314 0.2178 -0.0606 -0.0556 -0.0097 13  LEU A CG  
81  C CD1 . LEU A 13 ? 0.1187 0.6212 0.3000 0.0033  0.0017  0.0296  13  LEU A CD1 
82  C CD2 . LEU A 13 ? 0.3115 0.4171 0.3604 -0.1010 -0.0323 0.0300  13  LEU A CD2 
83  N N   . SER A 14 ? 0.2438 0.1399 0.0903 -0.0651 -0.0290 0.0246  14  SER A N   
84  C CA  . SER A 14 ? 0.2224 0.1359 0.1277 -0.0533 -0.0276 0.0113  14  SER A CA  
85  C C   . SER A 14 ? 0.1702 0.1685 0.0813 -0.0212 -0.0181 -0.0056 14  SER A C   
86  O O   . SER A 14 ? 0.1645 0.1967 0.0989 -0.0470 -0.0219 -0.0344 14  SER A O   
87  C CB  . SER A 14 ? 0.2942 0.2557 0.1491 0.0064  -0.0531 0.0322  14  SER A CB  
88  O OG  . SER A 14 ? 0.3628 0.3696 0.1246 -0.0184 -0.0352 0.0554  14  SER A OG  
89  N N   . GLY A 15 ? 0.1444 0.1310 0.0665 -0.0018 -0.0178 -0.0191 15  GLY A N   
90  C CA  . GLY A 15 ? 0.1004 0.1194 0.0732 -0.0195 -0.0243 -0.0174 15  GLY A CA  
91  C C   . GLY A 15 ? 0.0719 0.1471 0.0810 -0.0088 -0.0313 -0.0406 15  GLY A C   
92  O O   . GLY A 15 ? 0.1062 0.1666 0.0832 -0.0150 -0.0110 -0.0316 15  GLY A O   
93  N N   . GLU A 16 ? 0.0888 0.1489 0.0993 0.0165  -0.0397 -0.0309 16  GLU A N   
94  C CA  . GLU A 16 ? 0.0679 0.1744 0.1147 0.0000  -0.0171 -0.0654 16  GLU A CA  
95  C C   . GLU A 16 ? 0.0595 0.1225 0.0910 -0.0007 -0.0032 -0.0473 16  GLU A C   
96  O O   . GLU A 16 ? 0.0595 0.1169 0.0847 -0.0044 -0.0078 -0.0322 16  GLU A O   
97  C CB  . GLU A 16 ? 0.1276 0.2067 0.1607 0.0479  -0.0662 -0.0614 16  GLU A CB  
98  C CG  . GLU A 16 ? 0.1702 0.2315 0.1703 0.0510  -0.0096 0.0041  16  GLU A CG  
99  C CD  . GLU A 16 ? 0.3056 0.2290 0.2984 0.1014  0.0047  0.0088  16  GLU A CD  
100 O OE1 . GLU A 16 ? 0.3085 0.3692 0.4433 0.1486  0.0839  -0.0268 16  GLU A OE1 
101 O OE2 . GLU A 16 ? 0.3847 0.3612 0.4110 0.1141  -0.1832 -0.1123 16  GLU A OE2 
102 N N   . ARG A 17 ? 0.0939 0.1036 0.0814 -0.0143 -0.0019 -0.0500 17  ARG A N   
103 C CA  . ARG A 17 ? 0.0867 0.0929 0.0674 -0.0096 0.0062  -0.0321 17  ARG A CA  
104 C C   . ARG A 17 ? 0.0516 0.0757 0.0606 0.0141  0.0099  -0.0226 17  ARG A C   
105 O O   . ARG A 17 ? 0.0620 0.0752 0.0968 0.0169  -0.0196 -0.0344 17  ARG A O   
106 C CB  . ARG A 17 ? 0.1052 0.1025 0.0774 -0.0277 0.0350  -0.0471 17  ARG A CB  
107 C CG  . ARG A 17 ? 0.1267 0.0829 0.0884 -0.0425 0.0193  -0.0172 17  ARG A CG  
108 C CD  . ARG A 17 ? 0.1042 0.1244 0.1133 -0.0308 0.0311  -0.0227 17  ARG A CD  
109 N NE  . ARG A 17 ? 0.0951 0.0763 0.0956 0.0012  0.0426  -0.0382 17  ARG A NE  
110 C CZ  . ARG A 17 ? 0.0854 0.0659 0.0756 -0.0209 0.0403  -0.0100 17  ARG A CZ  
111 N NH1 . ARG A 17 ? 0.1242 0.0684 0.0774 0.0071  0.0649  0.0001  17  ARG A NH1 
112 N NH2 . ARG A 17 ? 0.0717 0.1483 0.0929 -0.0134 0.0319  0.0031  17  ARG A NH2 
113 N N   . GLY A 18 ? 0.0530 0.0589 0.0581 0.0073  0.0053  -0.0216 18  GLY A N   
114 C CA  . GLY A 18 ? 0.0507 0.0565 0.0438 0.0132  -0.0099 -0.0020 18  GLY A CA  
115 C C   . GLY A 18 ? 0.0472 0.0541 0.0447 0.0121  -0.0060 -0.0015 18  GLY A C   
116 O O   . GLY A 18 ? 0.0402 0.0563 0.0505 0.0209  -0.0015 0.0033  18  GLY A O   
117 N N   . PRO A 19 ? 0.0462 0.0569 0.0349 0.0130  -0.0053 -0.0006 19  PRO A N   
118 C CA  . PRO A 19 ? 0.0298 0.0430 0.0462 0.0238  -0.0010 -0.0007 19  PRO A CA  
119 C C   . PRO A 19 ? 0.0286 0.0378 0.0366 0.0049  0.0020  0.0100  19  PRO A C   
120 O O   . PRO A 19 ? 0.0239 0.0498 0.0443 -0.0012 0.0095  0.0012  19  PRO A O   
121 C CB  . PRO A 19 ? 0.0686 0.0557 0.0387 0.0196  -0.0160 0.0104  19  PRO A CB  
122 C CG  . PRO A 19 ? 0.0692 0.0658 0.0490 0.0093  -0.0069 0.0070  19  PRO A CG  
123 C CD  . PRO A 19 ? 0.0696 0.0617 0.0347 0.0123  -0.0074 0.0063  19  PRO A CD  
124 N N   . HYP A 20 ? 0.0176 0.0500 0.0384 0.0005  0.0036  0.0047  20  HYP A N   
125 C CA  . HYP A 20 ? 0.0264 0.0450 0.0346 -0.0039 0.0010  0.0019  20  HYP A CA  
126 C C   . HYP A 20 ? 0.0328 0.0359 0.0233 0.0004  0.0069  0.0068  20  HYP A C   
127 O O   . HYP A 20 ? 0.0428 0.0413 0.0319 0.0052  0.0125  0.0151  20  HYP A O   
128 C CB  . HYP A 20 ? 0.0341 0.0593 0.0315 0.0042  0.0062  0.0062  20  HYP A CB  
129 C CG  . HYP A 20 ? 0.0322 0.0554 0.0454 0.0038  0.0141  0.0073  20  HYP A CG  
130 C CD  . HYP A 20 ? 0.0311 0.0565 0.0473 0.0079  0.0103  0.0030  20  HYP A CD  
131 O OD1 . HYP A 20 ? 0.0494 0.0808 0.0558 -0.0054 0.0162  0.0293  20  HYP A OD1 
132 N N   . GLY A 21 ? 0.0249 0.0399 0.0272 -0.0090 0.0046  0.0091  21  GLY A N   
133 C CA  . GLY A 21 ? 0.0271 0.0381 0.0278 -0.0078 0.0145  0.0048  21  GLY A CA  
134 C C   . GLY A 21 ? 0.0403 0.0396 0.0211 -0.0041 0.0049  0.0048  21  GLY A C   
135 O O   . GLY A 21 ? 0.0521 0.0269 0.0310 0.0007  0.0132  0.0076  21  GLY A O   
136 N N   . PRO A 22 ? 0.0541 0.0373 0.0316 -0.0185 0.0075  -0.0055 22  PRO A N   
137 C CA  . PRO A 22 ? 0.0614 0.0339 0.0337 -0.0200 0.0002  0.0003  22  PRO A CA  
138 C C   . PRO A 22 ? 0.0324 0.0264 0.0312 -0.0138 0.0065  0.0064  22  PRO A C   
139 O O   . PRO A 22 ? 0.0519 0.0332 0.0339 -0.0063 0.0025  0.0113  22  PRO A O   
140 C CB  . PRO A 22 ? 0.0933 0.0617 0.0450 -0.0398 0.0202  -0.0030 22  PRO A CB  
141 C CG  . PRO A 22 ? 0.0803 0.0931 0.0916 -0.0348 0.0308  -0.0110 22  PRO A CG  
142 C CD  . PRO A 22 ? 0.0552 0.0568 0.0560 -0.0031 0.0106  -0.0068 22  PRO A CD  
143 N N   . HYP A 23 ? 0.0387 0.0319 0.0244 0.0026  -0.0024 0.0047  23  HYP A N   
144 C CA  . HYP A 23 ? 0.0305 0.0302 0.0263 -0.0026 -0.0045 0.0117  23  HYP A CA  
145 C C   . HYP A 23 ? 0.0305 0.0327 0.0257 -0.0011 0.0033  0.0061  23  HYP A C   
146 O O   . HYP A 23 ? 0.0309 0.0337 0.0255 0.0038  0.0021  0.0088  23  HYP A O   
147 C CB  . HYP A 23 ? 0.0291 0.0356 0.0312 0.0038  0.0018  0.0063  23  HYP A CB  
148 C CG  . HYP A 23 ? 0.0367 0.0377 0.0306 0.0002  -0.0028 0.0117  23  HYP A CG  
149 C CD  . HYP A 23 ? 0.0347 0.0362 0.0371 0.0051  0.0003  0.0095  23  HYP A CD  
150 O OD1 . HYP A 23 ? 0.0384 0.0487 0.0339 0.0129  0.0090  0.0097  23  HYP A OD1 
151 N N   . GLY A 24 ? 0.0203 0.0332 0.0285 0.0020  0.0097  0.0088  24  GLY A N   
152 C CA  . GLY A 24 ? 0.0225 0.0252 0.0293 0.0044  0.0129  0.0041  24  GLY A CA  
153 C C   . GLY A 24 ? 0.0274 0.0376 0.0281 -0.0042 0.0148  0.0021  24  GLY A C   
154 O O   . GLY A 24 ? 0.0415 0.0304 0.0311 -0.0121 0.0105  -0.0015 24  GLY A O   
155 N N   . PRO A 25 ? 0.0232 0.0564 0.0404 -0.0098 0.0100  0.0060  25  PRO A N   
156 C CA  . PRO A 25 ? 0.0410 0.0575 0.0415 -0.0180 0.0108  0.0030  25  PRO A CA  
157 C C   . PRO A 25 ? 0.0262 0.0456 0.0312 -0.0026 0.0113  0.0130  25  PRO A C   
158 O O   . PRO A 25 ? 0.0377 0.0431 0.0312 -0.0028 0.0074  0.0184  25  PRO A O   
159 C CB  . PRO A 25 ? 0.0230 0.1544 0.0636 -0.0041 0.0095  -0.0404 25  PRO A CB  
160 C CG  . PRO A 25 ? 0.0472 0.0855 0.1163 -0.0014 0.0200  0.0252  25  PRO A CG  
161 C CD  . PRO A 25 ? 0.0398 0.0642 0.0410 0.0027  0.0041  0.0084  25  PRO A CD  
162 N N   . HYP A 26 ? 0.0408 0.0569 0.0344 -0.0163 -0.0016 0.0239  26  HYP A N   
163 C CA  . HYP A 26 ? 0.0295 0.0584 0.0372 -0.0026 0.0046  0.0196  26  HYP A CA  
164 C C   . HYP A 26 ? 0.0278 0.0584 0.0397 -0.0003 0.0058  0.0202  26  HYP A C   
165 O O   . HYP A 26 ? 0.0309 0.0701 0.0460 0.0083  0.0002  0.0161  26  HYP A O   
166 C CB  . HYP A 26 ? 0.0399 0.0534 0.0857 0.0053  0.0065  0.0256  26  HYP A CB  
167 C CG  . HYP A 26 ? 0.0527 0.0638 0.0975 0.0017  -0.0009 0.0627  26  HYP A CG  
168 C CD  . HYP A 26 ? 0.0538 0.0739 0.0662 -0.0187 0.0027  0.0490  26  HYP A CD  
169 O OD1 . HYP A 26 ? 0.0463 0.1453 0.2024 -0.0070 -0.0187 0.0903  26  HYP A OD1 
170 N N   . GLY A 27 ? 0.0303 0.0645 0.0431 -0.0066 0.0132  0.0174  27  GLY A N   
171 C CA  . GLY A 27 ? 0.0454 0.1015 0.0571 0.0042  0.0105  0.0361  27  GLY A CA  
172 C C   . GLY A 27 ? 0.0426 0.1285 0.0529 -0.0017 0.0052  0.0232  27  GLY A C   
173 O O   . GLY A 27 ? 0.0526 0.1260 0.0614 -0.0234 -0.0017 0.0139  27  GLY A O   
174 O OXT . GLY A 27 ? 0.0661 0.1841 0.0948 -0.0105 -0.0202 0.0603  27  GLY A OXT 
175 N N   . PRO B 1  ? 0.2374 0.4248 0.2678 -0.0375 0.0114  -0.0492 1   PRO B N   
176 C CA  . PRO B 1  ? 0.2658 0.3952 0.2151 -0.0913 0.0358  -0.0694 1   PRO B CA  
177 C C   . PRO B 1  ? 0.2678 0.4195 0.3057 -0.0939 0.0411  -0.0998 1   PRO B C   
178 O O   . PRO B 1  ? 0.2222 0.4045 0.2813 -0.1077 0.0635  -0.1099 1   PRO B O   
179 C CB  . PRO B 1  ? 0.2598 0.3867 0.2115 -0.1069 0.0319  -0.0620 1   PRO B CB  
180 C CG  . PRO B 1  ? 0.2399 0.4105 0.2826 -0.0550 0.0123  -0.0997 1   PRO B CG  
181 C CD  . PRO B 1  ? 0.2807 0.4899 0.3394 -0.0035 0.0744  -0.0463 1   PRO B CD  
182 N N   . HYP B 2  ? 0.2037 0.5351 0.2652 -0.1552 0.0846  -0.0609 2   HYP B N   
183 C CA  . HYP B 2  ? 0.1740 0.5245 0.3145 -0.1427 0.1012  -0.0739 2   HYP B CA  
184 C C   . HYP B 2  ? 0.2568 0.5353 0.4029 -0.1538 -0.0030 -0.1065 2   HYP B C   
185 O O   . HYP B 2  ? 0.3415 0.6307 0.2908 -0.1027 0.0968  -0.1912 2   HYP B O   
186 C CB  . HYP B 2  ? 0.3106 0.5495 0.4769 -0.1566 0.0436  0.0427  2   HYP B CB  
187 C CG  . HYP B 2  ? 0.3608 0.5303 0.2558 -0.1388 -0.0130 0.1420  2   HYP B CG  
188 C CD  . HYP B 2  ? 0.3036 0.6464 0.3450 -0.1456 0.0004  0.0541  2   HYP B CD  
189 O OD1 . HYP B 2  ? 0.4090 0.6716 0.4265 -0.0792 0.1573  0.1968  2   HYP B OD1 
190 N N   . GLY B 3  ? 0.2471 0.4174 0.2855 -0.0749 0.0537  -0.1023 3   GLY B N   
191 C CA  . GLY B 3  ? 0.1746 0.4136 0.1978 -0.1042 -0.0233 -0.0884 3   GLY B CA  
192 C C   . GLY B 3  ? 0.2061 0.3803 0.2186 -0.0704 -0.0119 -0.1114 3   GLY B C   
193 O O   . GLY B 3  ? 0.1877 0.5306 0.1788 -0.0865 0.0068  -0.0477 3   GLY B O   
194 N N   . PRO B 4  ? 0.1734 0.3613 0.2063 -0.0816 -0.0030 -0.0528 4   PRO B N   
195 C CA  . PRO B 4  ? 0.1721 0.3958 0.2471 -0.0459 -0.0169 -0.1222 4   PRO B CA  
196 C C   . PRO B 4  ? 0.1562 0.3092 0.1686 -0.0255 0.0241  -0.0969 4   PRO B C   
197 O O   . PRO B 4  ? 0.1479 0.3225 0.1706 -0.0357 0.0164  -0.0752 4   PRO B O   
198 C CB  . PRO B 4  ? 0.1799 0.4073 0.3268 -0.0448 -0.0159 -0.0868 4   PRO B CB  
199 C CG  . PRO B 4  ? 0.2258 0.3163 0.2899 -0.0382 0.0423  -0.0650 4   PRO B CG  
200 C CD  . PRO B 4  ? 0.2421 0.3046 0.2283 -0.0412 -0.0244 -0.0924 4   PRO B CD  
201 N N   . HYP B 5  ? 0.1918 0.4006 0.1726 -0.1173 0.0543  -0.0986 5   HYP B N   
202 C CA  . HYP B 5  ? 0.2124 0.3080 0.1446 -0.0949 0.0403  -0.0592 5   HYP B CA  
203 C C   . HYP B 5  ? 0.1592 0.2467 0.1590 -0.0292 0.0170  -0.0404 5   HYP B C   
204 O O   . HYP B 5  ? 0.1769 0.3330 0.1292 0.0273  -0.0014 -0.0694 5   HYP B O   
205 C CB  . HYP B 5  ? 0.2947 0.3368 0.1424 -0.0969 0.0523  -0.0698 5   HYP B CB  
206 C CG  . HYP B 5  ? 0.2728 0.4999 0.2623 -0.0902 0.0676  -0.0171 5   HYP B CG  
207 C CD  . HYP B 5  ? 0.1526 0.5076 0.2529 -0.1016 0.0679  -0.0881 5   HYP B CD  
208 O OD1 . HYP B 5  ? 0.4797 0.4745 0.4178 -0.1523 0.0849  -0.0672 5   HYP B OD1 
209 N N   . GLY B 6  ? 0.1557 0.2114 0.1099 -0.0075 0.0142  -0.0009 6   GLY B N   
210 C CA  . GLY B 6  ? 0.1744 0.1809 0.1457 -0.0040 -0.0231 -0.0021 6   GLY B CA  
211 C C   . GLY B 6  ? 0.1992 0.2210 0.1968 0.0399  -0.0491 -0.0274 6   GLY B C   
212 O O   . GLY B 6  ? 0.2476 0.2603 0.1520 0.0302  -0.0784 -0.0434 6   GLY B O   
213 N N   . PRO B 7  ? 0.2604 0.2034 0.2202 0.0284  -0.1512 -0.0152 7   PRO B N   
214 C CA  . PRO B 7  ? 0.3830 0.1954 0.3146 0.0181  -0.1574 -0.0543 7   PRO B CA  
215 C C   . PRO B 7  ? 0.4274 0.1370 0.3386 0.1022  -0.1026 0.0106  7   PRO B C   
216 O O   . PRO B 7  ? 0.3238 0.1771 0.2681 0.0185  -0.1530 -0.0140 7   PRO B O   
217 C CB  . PRO B 7  ? 0.3618 0.2753 0.3738 0.0144  -0.2163 0.0416  7   PRO B CB  
218 C CG  . PRO B 7  ? 0.4203 0.2460 0.3737 -0.0415 -0.1852 0.0012  7   PRO B CG  
219 C CD  . PRO B 7  ? 0.3765 0.2425 0.2100 -0.0845 -0.1975 0.0091  7   PRO B CD  
220 N N   . HYP B 8  ? 0.3835 0.3225 0.3860 0.1192  -0.2018 -0.0719 8   HYP B N   
221 C CA  . HYP B 8  ? 0.5485 0.3595 0.3150 0.2502  -0.1522 0.0118  8   HYP B CA  
222 C C   . HYP B 8  ? 0.1842 1.3684 0.7644 0.4536  -0.2537 -0.3619 8   HYP B C   
223 O O   . HYP B 8  ? 0.6426 0.5683 0.2681 -0.0565 -0.0118 0.3604  8   HYP B O   
224 C CB  . HYP B 8  ? 0.4299 0.3991 0.4420 0.1464  -0.1533 -0.1326 8   HYP B CB  
225 C CG  . HYP B 8  ? 0.4293 0.4795 0.3832 0.1622  -0.1251 -0.1276 8   HYP B CG  
226 C CD  . HYP B 8  ? 0.4991 0.3461 0.3678 0.1742  -0.0886 -0.1585 8   HYP B CD  
227 O OD1 . HYP B 8  ? 0.4703 0.5780 0.2707 0.0772  -0.1490 -0.1847 8   HYP B OD1 
228 N N   . GLY B 9  ? 0.4439 0.2416 0.3475 -0.1398 -0.1439 -0.1127 9   GLY B N   
229 C CA  . GLY B 9  ? 0.3967 0.1843 0.2400 -0.0869 -0.0819 -0.0025 9   GLY B CA  
230 C C   . GLY B 9  ? 0.2947 0.1880 0.1484 -0.0304 -0.1015 0.0179  9   GLY B C   
231 O O   . GLY B 9  ? 0.3053 0.1912 0.1965 -0.0755 -0.1067 -0.0150 9   GLY B O   
232 N N   . ALA B 10 ? 0.3092 0.1739 0.1539 -0.0205 -0.0584 0.0162  10  ALA B N   
233 C CA  . ALA B 10 ? 0.2161 0.1651 0.1588 -0.0137 -0.0937 0.0133  10  ALA B CA  
234 C C   . ALA B 10 ? 0.2069 0.1610 0.1501 -0.0378 -0.1120 0.0028  10  ALA B C   
235 O O   . ALA B 10 ? 0.2690 0.1308 0.1632 -0.0317 -0.1103 0.0043  10  ALA B O   
236 C CB  . ALA B 10 ? 0.2376 0.1462 0.1342 -0.0264 -0.0974 0.0074  10  ALA B CB  
237 N N   . ASN B 11 ? 0.1904 0.1410 0.1486 -0.0516 -0.0791 0.0428  11  ASN B N   
238 C CA  . ASN B 11 ? 0.2020 0.1637 0.1553 -0.0917 -0.0838 0.0799  11  ASN B CA  
239 C C   . ASN B 11 ? 0.1937 0.1545 0.1028 -0.0804 -0.0815 0.0237  11  ASN B C   
240 O O   . ASN B 11 ? 0.1905 0.1790 0.0975 -0.0722 -0.0481 0.0256  11  ASN B O   
241 C CB  . ASN B 11 ? 0.2513 0.2238 0.1868 -0.0706 -0.0735 0.0461  11  ASN B CB  
242 C CG  . ASN B 11 ? 0.2732 0.1474 0.2765 -0.0727 -0.0483 0.0833  11  ASN B CG  
243 O OD1 . ASN B 11 ? 0.2639 0.2044 0.3027 -0.0484 -0.1319 0.0657  11  ASN B OD1 
244 N ND2 . ASN B 11 ? 0.3024 0.2964 0.4312 0.0236  0.0334  0.1235  11  ASN B ND2 
245 N N   . GLY B 12 ? 0.2059 0.1482 0.0899 -0.0764 -0.0672 0.0276  12  GLY B N   
246 C CA  . GLY B 12 ? 0.2070 0.1451 0.0749 -0.0546 -0.0571 0.0200  12  GLY B CA  
247 C C   . GLY B 12 ? 0.1838 0.1354 0.0628 -0.0321 -0.0632 0.0234  12  GLY B C   
248 O O   . GLY B 12 ? 0.1814 0.1249 0.0947 -0.0389 -0.0529 0.0140  12  GLY B O   
249 N N   . LEU B 13 ? 0.1847 0.1316 0.0817 -0.0393 -0.0445 0.0465  13  LEU B N   
250 C CA  . LEU B 13 ? 0.1806 0.1414 0.1190 -0.0468 -0.0678 0.0436  13  LEU B CA  
251 C C   . LEU B 13 ? 0.1204 0.0952 0.1134 -0.0338 -0.0596 0.0345  13  LEU B C   
252 O O   . LEU B 13 ? 0.1464 0.1106 0.0930 -0.0219 -0.0583 0.0415  13  LEU B O   
253 C CB  . LEU B 13 ? 0.2108 0.2035 0.1087 -0.0370 -0.0030 0.0168  13  LEU B CB  
254 C CG  . LEU B 13 ? 0.3635 0.3450 0.0665 -0.0420 0.0790  0.0125  13  LEU B CG  
255 C CD1 . LEU B 13 ? 0.4181 0.3663 0.2125 -0.0466 0.0054  0.0150  13  LEU B CD1 
256 C CD2 . LEU B 13 ? 0.3403 0.3903 0.3183 -0.1518 0.0597  0.0798  13  LEU B CD2 
257 N N   . SER B 14 ? 0.1306 0.1090 0.1413 -0.0117 -0.0673 0.0256  14  SER B N   
258 C CA  . SER B 14 ? 0.1325 0.1127 0.1328 -0.0005 -0.0462 0.0213  14  SER B CA  
259 C C   . SER B 14 ? 0.1188 0.0673 0.0808 -0.0134 -0.0255 0.0149  14  SER B C   
260 O O   . SER B 14 ? 0.1247 0.1262 0.0642 -0.0353 -0.0412 -0.0018 14  SER B O   
261 C CB  . SER B 14 ? 0.2083 0.1333 0.1614 0.0438  -0.0349 0.0017  14  SER B CB  
262 O OG  . SER B 14 ? 0.2333 0.3028 0.3159 0.1099  0.0407  0.0864  14  SER B OG  
263 N N   . GLY B 15 ? 0.1043 0.0782 0.0645 -0.0220 -0.0117 0.0095  15  GLY B N   
264 C CA  . GLY B 15 ? 0.0936 0.0751 0.0533 -0.0111 -0.0033 -0.0178 15  GLY B CA  
265 C C   . GLY B 15 ? 0.0846 0.0651 0.0393 -0.0052 0.0008  0.0071  15  GLY B C   
266 O O   . GLY B 15 ? 0.0903 0.0704 0.0633 -0.0035 -0.0055 0.0042  15  GLY B O   
267 N N   . GLU B 16 ? 0.0855 0.0790 0.0495 -0.0057 0.0010  -0.0099 16  GLU B N   
268 C CA  . GLU B 16 ? 0.0877 0.1199 0.0514 -0.0302 0.0083  -0.0145 16  GLU B CA  
269 C C   . GLU B 16 ? 0.0453 0.0923 0.0454 -0.0156 -0.0016 -0.0047 16  GLU B C   
270 O O   . GLU B 16 ? 0.0586 0.0616 0.0458 -0.0001 0.0008  -0.0029 16  GLU B O   
271 C CB  . GLU B 16 ? 0.1357 0.1995 0.1188 0.0125  0.0708  -0.1031 16  GLU B CB  
272 C CG  . GLU B 16 ? 0.1670 0.2546 0.1975 0.0205  0.0323  -0.0441 16  GLU B CG  
273 C CD  . GLU B 16 ? 0.2061 0.2125 0.3053 0.0377  0.0828  -0.0281 16  GLU B CD  
274 O OE1 . GLU B 16 ? 0.1560 0.2412 0.2718 0.0315  0.0896  -0.0197 16  GLU B OE1 
275 O OE2 . GLU B 16 ? 0.2595 0.3090 0.4215 0.0009  0.0902  0.0017  16  GLU B OE2 
276 N N   . ARG B 17 ? 0.0604 0.0852 0.0234 -0.0125 0.0148  0.0051  17  ARG B N   
277 C CA  . ARG B 17 ? 0.0442 0.0741 0.0397 -0.0087 -0.0001 -0.0047 17  ARG B CA  
278 C C   . ARG B 17 ? 0.0310 0.0514 0.0416 -0.0054 0.0111  -0.0043 17  ARG B C   
279 O O   . ARG B 17 ? 0.0409 0.0680 0.0591 0.0056  0.0080  -0.0133 17  ARG B O   
280 C CB  . ARG B 17 ? 0.0530 0.0804 0.0546 -0.0173 0.0040  -0.0032 17  ARG B CB  
281 C CG  . ARG B 17 ? 0.0651 0.0648 0.0511 -0.0068 0.0180  0.0058  17  ARG B CG  
282 C CD  . ARG B 17 ? 0.0798 0.0791 0.0501 -0.0346 0.0148  0.0016  17  ARG B CD  
283 N NE  . ARG B 17 ? 0.0626 0.0670 0.0564 -0.0067 0.0187  0.0097  17  ARG B NE  
284 C CZ  . ARG B 17 ? 0.0719 0.0726 0.0425 -0.0157 -0.0162 0.0171  17  ARG B CZ  
285 N NH1 . ARG B 17 ? 0.1836 0.0801 0.0753 -0.0713 0.0289  -0.0004 17  ARG B NH1 
286 N NH2 . ARG B 17 ? 0.0858 0.0665 0.0767 0.0111  0.0084  0.0123  17  ARG B NH2 
287 N N   . GLY B 18 ? 0.0277 0.0464 0.0389 0.0043  0.0092  0.0074  18  GLY B N   
288 C CA  . GLY B 18 ? 0.0400 0.0371 0.0389 0.0044  0.0024  0.0009  18  GLY B CA  
289 C C   . GLY B 18 ? 0.0440 0.0412 0.0498 0.0052  0.0059  -0.0146 18  GLY B C   
290 O O   . GLY B 18 ? 0.0361 0.0513 0.0527 -0.0064 0.0214  -0.0154 18  GLY B O   
291 N N   . PRO B 19 ? 0.0336 0.0597 0.0407 0.0040  0.0032  -0.0155 19  PRO B N   
292 C CA  . PRO B 19 ? 0.0458 0.0670 0.0412 -0.0089 -0.0034 -0.0126 19  PRO B CA  
293 C C   . PRO B 19 ? 0.0298 0.0735 0.0337 -0.0003 0.0121  -0.0152 19  PRO B C   
294 O O   . PRO B 19 ? 0.0186 0.0487 0.0347 0.0006  0.0047  -0.0050 19  PRO B O   
295 C CB  . PRO B 19 ? 0.0553 0.0478 0.0539 0.0025  0.0036  -0.0115 19  PRO B CB  
296 C CG  . PRO B 19 ? 0.0513 0.0521 0.0536 0.0068  -0.0080 -0.0069 19  PRO B CG  
297 C CD  . PRO B 19 ? 0.0496 0.0648 0.0397 0.0094  -0.0003 -0.0017 19  PRO B CD  
298 N N   . HYP B 20 ? 0.0367 0.0804 0.0469 -0.0093 0.0151  -0.0248 20  HYP B N   
299 C CA  . HYP B 20 ? 0.0444 0.0773 0.0452 -0.0138 0.0126  -0.0225 20  HYP B CA  
300 C C   . HYP B 20 ? 0.0488 0.0442 0.0379 -0.0047 -0.0044 -0.0210 20  HYP B C   
301 O O   . HYP B 20 ? 0.0448 0.0524 0.0739 0.0173  -0.0125 -0.0198 20  HYP B O   
302 C CB  . HYP B 20 ? 0.0470 0.1058 0.0522 -0.0215 0.0112  -0.0189 20  HYP B CB  
303 C CG  . HYP B 20 ? 0.0712 0.0943 0.0625 -0.0273 0.0208  -0.0319 20  HYP B CG  
304 C CD  . HYP B 20 ? 0.0444 0.0921 0.0535 -0.0115 0.0238  -0.0321 20  HYP B CD  
305 O OD1 . HYP B 20 ? 0.1230 0.0816 0.0774 -0.0244 0.0543  -0.0048 20  HYP B OD1 
306 N N   . GLY B 21 ? 0.0309 0.0275 0.0316 0.0009  0.0045  0.0003  21  GLY B N   
307 C CA  . GLY B 21 ? 0.0422 0.0231 0.0337 0.0012  0.0046  0.0037  21  GLY B CA  
308 C C   . GLY B 21 ? 0.0476 0.0098 0.0326 0.0044  0.0003  0.0058  21  GLY B C   
309 O O   . GLY B 21 ? 0.0510 0.0284 0.0356 -0.0006 0.0037  0.0052  21  GLY B O   
310 N N   . PRO B 22 ? 0.0569 0.0136 0.0375 -0.0021 -0.0077 0.0149  22  PRO B N   
311 C CA  . PRO B 22 ? 0.0560 0.0242 0.0419 0.0079  -0.0086 0.0134  22  PRO B CA  
312 C C   . PRO B 22 ? 0.0500 0.0241 0.0409 0.0081  0.0049  0.0126  22  PRO B C   
313 O O   . PRO B 22 ? 0.0381 0.0278 0.0400 0.0080  0.0028  0.0057  22  PRO B O   
314 C CB  . PRO B 22 ? 0.0711 0.0313 0.0426 0.0085  -0.0028 0.0135  22  PRO B CB  
315 C CG  . PRO B 22 ? 0.0776 0.0184 0.0490 0.0076  -0.0014 0.0096  22  PRO B CG  
316 C CD  . PRO B 22 ? 0.0551 0.0236 0.0534 0.0017  -0.0015 0.0127  22  PRO B CD  
317 N N   . HYP B 23 ? 0.0520 0.0319 0.0531 0.0149  -0.0019 0.0017  23  HYP B N   
318 C CA  . HYP B 23 ? 0.0509 0.0349 0.0432 0.0001  0.0090  0.0161  23  HYP B CA  
319 C C   . HYP B 23 ? 0.0413 0.0331 0.0277 -0.0109 0.0002  0.0180  23  HYP B C   
320 O O   . HYP B 23 ? 0.0357 0.0335 0.0278 -0.0057 0.0138  0.0100  23  HYP B O   
321 C CB  . HYP B 23 ? 0.0472 0.0522 0.0586 0.0020  0.0128  0.0150  23  HYP B CB  
322 C CG  . HYP B 23 ? 0.0739 0.0659 0.0212 0.0242  -0.0011 0.0210  23  HYP B CG  
323 C CD  . HYP B 23 ? 0.0690 0.0509 0.0641 0.0331  -0.0068 0.0001  23  HYP B CD  
324 O OD1 . HYP B 23 ? 0.1274 0.1143 0.0633 0.0731  0.0546  0.0587  23  HYP B OD1 
325 N N   . GLY B 24 ? 0.0403 0.0340 0.0227 -0.0047 0.0006  0.0208  24  GLY B N   
326 C CA  . GLY B 24 ? 0.0345 0.0305 0.0369 -0.0137 -0.0040 0.0101  24  GLY B CA  
327 C C   . GLY B 24 ? 0.0528 0.0325 0.0327 -0.0056 -0.0045 0.0133  24  GLY B C   
328 O O   . GLY B 24 ? 0.0575 0.0355 0.0460 0.0044  -0.0078 0.0118  24  GLY B O   
329 N N   . PRO B 25 ? 0.0763 0.0428 0.0369 -0.0079 -0.0012 0.0036  25  PRO B N   
330 C CA  . PRO B 25 ? 0.1071 0.0542 0.0387 -0.0086 -0.0135 -0.0002 25  PRO B CA  
331 C C   . PRO B 25 ? 0.0935 0.0480 0.0605 -0.0039 -0.0037 0.0003  25  PRO B C   
332 O O   . PRO B 25 ? 0.0783 0.0639 0.0638 -0.0089 -0.0133 0.0072  25  PRO B O   
333 C CB  . PRO B 25 ? 0.1417 0.1475 0.0477 0.0030  0.0064  0.0280  25  PRO B CB  
334 C CG  . PRO B 25 ? 0.1836 0.1389 0.0616 0.0657  0.0199  0.0090  25  PRO B CG  
335 C CD  . PRO B 25 ? 0.0850 0.0439 0.0541 0.0020  0.0087  0.0138  25  PRO B CD  
336 N N   . HYP B 26 ? 0.1509 0.0484 0.1056 0.0058  -0.0532 -0.0048 26  HYP B N   
337 C CA  . HYP B 26 ? 0.1333 0.0909 0.1508 0.0038  -0.0471 -0.0238 26  HYP B CA  
338 C C   . HYP B 26 ? 0.1307 0.0934 0.1079 0.0147  -0.0435 -0.0065 26  HYP B C   
339 O O   . HYP B 26 ? 0.1747 0.1372 0.1281 0.0118  -0.0133 -0.0197 26  HYP B O   
340 C CB  . HYP B 26 ? 0.1389 0.1797 0.1704 -0.0019 -0.0565 0.0224  26  HYP B CB  
341 C CG  . HYP B 26 ? 0.1459 0.1477 0.1594 0.0488  -0.0427 0.0168  26  HYP B CG  
342 C CD  . HYP B 26 ? 0.1361 0.0791 0.1247 0.0059  -0.0443 0.0226  26  HYP B CD  
343 O OD1 . HYP B 26 ? 0.2050 0.2869 0.1981 0.1093  0.0385  0.0608  26  HYP B OD1 
344 N N   . GLY B 27 ? 0.1690 0.1059 0.1582 -0.0001 0.0007  0.0100  27  GLY B N   
345 C CA  . GLY B 27 ? 0.2121 0.1374 0.1955 -0.0108 0.0256  -0.0233 27  GLY B CA  
346 C C   . GLY B 27 ? 0.2023 0.2290 0.2197 0.0121  0.0247  -0.0078 27  GLY B C   
347 O O   . GLY B 27 ? 0.1791 0.2236 0.2343 0.0123  -0.0081 0.0077  27  GLY B O   
348 O OXT . GLY B 27 ? 0.3123 0.2404 0.2993 0.0653  -0.0046 -0.0031 27  GLY B OXT 
349 N N   . PRO C 1  ? 0.4742 0.7683 0.2054 0.1033  -0.0461 -0.1370 1   PRO C N   
350 C CA  . PRO C 1  ? 0.4277 0.6632 0.3001 0.1130  -0.0757 -0.1004 1   PRO C CA  
351 C C   . PRO C 1  ? 0.4472 0.6413 0.3455 0.1080  -0.1048 -0.0833 1   PRO C C   
352 O O   . PRO C 1  ? 0.4592 0.4371 0.4298 0.0354  -0.0292 -0.0643 1   PRO C O   
353 C CB  . PRO C 1  ? 0.6055 0.8522 0.1783 0.1825  -0.0941 -0.0363 1   PRO C CB  
354 C CG  . PRO C 1  ? 0.4613 0.9006 0.2241 0.1835  -0.0593 -0.0639 1   PRO C CG  
355 C CD  . PRO C 1  ? 0.6050 0.8540 0.1571 0.1757  -0.0407 -0.0530 1   PRO C CD  
356 N N   . HYP C 2  ? 0.2692 0.4912 0.2966 0.0444  -0.0510 0.0122  2   HYP C N   
357 C CA  . HYP C 2  ? 0.2542 0.4859 0.2769 -0.0764 0.0000  -0.0382 2   HYP C CA  
358 C C   . HYP C 2  ? 0.2082 0.4280 0.3158 -0.0367 -0.0127 -0.0110 2   HYP C C   
359 O O   . HYP C 2  ? 0.4692 0.4909 0.1468 -0.0520 -0.0046 0.0008  2   HYP C O   
360 C CB  . HYP C 2  ? 0.1812 0.4627 0.2931 -0.0827 0.0713  -0.0198 2   HYP C CB  
361 C CG  . HYP C 2  ? 0.1943 0.4862 0.4415 -0.0314 0.0529  -0.0012 2   HYP C CG  
362 C CD  . HYP C 2  ? 0.3325 0.5556 0.4389 0.1222  -0.0199 0.0646  2   HYP C CD  
363 O OD1 . HYP C 2  ? 0.2404 0.3745 0.5661 -0.0233 0.1028  -0.0209 2   HYP C OD1 
364 N N   . GLY C 3  ? 0.2300 0.5044 0.4245 0.0355  -0.0081 -0.1333 3   GLY C N   
365 C CA  . GLY C 3  ? 0.2924 0.5222 0.3485 -0.0716 -0.0133 -0.1641 3   GLY C CA  
366 C C   . GLY C 3  ? 0.2028 0.4337 0.3504 0.0697  -0.0157 -0.1262 3   GLY C C   
367 O O   . GLY C 3  ? 0.1942 0.4438 0.2270 0.0497  -0.0339 -0.1393 3   GLY C O   
368 N N   . PRO C 4  ? 0.2148 0.3435 0.1658 0.0334  -0.0513 -0.0807 4   PRO C N   
369 C CA  . PRO C 4  ? 0.2572 0.3359 0.1499 0.0366  -0.0527 -0.0544 4   PRO C CA  
370 C C   . PRO C 4  ? 0.2934 0.3308 0.1328 0.0108  0.0000  -0.0714 4   PRO C C   
371 O O   . PRO C 4  ? 0.2179 0.3248 0.1463 -0.0019 -0.0299 -0.0742 4   PRO C O   
372 C CB  . PRO C 4  ? 0.2720 0.3230 0.1030 0.0084  -0.0162 0.0041  4   PRO C CB  
373 C CG  . PRO C 4  ? 0.2520 0.3736 0.1134 0.0769  -0.0037 -0.0509 4   PRO C CG  
374 C CD  . PRO C 4  ? 0.2013 0.4728 0.0929 0.0621  -0.0302 -0.0568 4   PRO C CD  
375 N N   . HYP C 5  ? 0.2023 0.3146 0.1401 0.0531  -0.0433 -0.0625 5   HYP C N   
376 C CA  . HYP C 5  ? 0.1887 0.2871 0.1262 0.0118  -0.0112 -0.0222 5   HYP C CA  
377 C C   . HYP C 5  ? 0.1916 0.2217 0.1238 -0.0063 0.0064  -0.0285 5   HYP C C   
378 O O   . HYP C 5  ? 0.2140 0.2329 0.0911 0.0113  0.0076  -0.0115 5   HYP C O   
379 C CB  . HYP C 5  ? 0.1398 0.2853 0.1240 -0.0046 -0.0274 -0.0225 5   HYP C CB  
380 C CG  . HYP C 5  ? 0.1454 0.3108 0.1148 0.0292  -0.0142 -0.0428 5   HYP C CG  
381 C CD  . HYP C 5  ? 0.2250 0.3319 0.1521 0.0742  -0.0242 -0.0729 5   HYP C CD  
382 O OD1 . HYP C 5  ? 0.1452 0.2860 0.1398 0.0472  -0.0040 -0.0352 5   HYP C OD1 
383 N N   . GLY C 6  ? 0.1475 0.2318 0.1086 -0.0334 0.0304  -0.0233 6   GLY C N   
384 C CA  . GLY C 6  ? 0.1657 0.1810 0.0743 -0.0283 0.0180  -0.0075 6   GLY C CA  
385 C C   . GLY C 6  ? 0.1699 0.1513 0.0768 -0.0099 0.0142  -0.0163 6   GLY C C   
386 O O   . GLY C 6  ? 0.1842 0.1510 0.1248 -0.0139 -0.0203 -0.0157 6   GLY C O   
387 N N   . PRO C 7  ? 0.1875 0.1701 0.0814 -0.0151 -0.0120 -0.0315 7   PRO C N   
388 C CA  . PRO C 7  ? 0.1603 0.1894 0.1032 -0.0160 0.0124  -0.0382 7   PRO C CA  
389 C C   . PRO C 7  ? 0.1778 0.1772 0.0629 -0.0449 -0.0215 -0.0211 7   PRO C C   
390 O O   . PRO C 7  ? 0.1726 0.1510 0.0744 -0.0034 -0.0148 0.0070  7   PRO C O   
391 C CB  . PRO C 7  ? 0.1612 0.2679 0.1818 0.0123  -0.0161 -0.0356 7   PRO C CB  
392 C CG  . PRO C 7  ? 0.2193 0.2739 0.1218 0.0161  0.0047  -0.0307 7   PRO C CG  
393 C CD  . PRO C 7  ? 0.2101 0.1921 0.1108 0.0160  -0.0288 -0.0528 7   PRO C CD  
394 N N   . HYP C 8  ? 0.1989 0.2024 0.1037 -0.0856 -0.0214 -0.0042 8   HYP C N   
395 C CA  . HYP C 8  ? 0.2474 0.2751 0.0896 -0.1006 -0.0344 -0.0136 8   HYP C CA  
396 C C   . HYP C 8  ? 0.2792 0.3086 0.0622 -0.0581 -0.0414 -0.0395 8   HYP C C   
397 O O   . HYP C 8  ? 0.2166 0.4646 0.0798 -0.0203 -0.0308 -0.0460 8   HYP C O   
398 C CB  . HYP C 8  ? 0.3723 0.3142 0.1585 -0.1589 -0.0005 -0.0193 8   HYP C CB  
399 C CG  . HYP C 8  ? 0.3459 0.3103 0.1708 -0.2045 0.0303  -0.0167 8   HYP C CG  
400 C CD  . HYP C 8  ? 0.2626 0.3108 0.1716 -0.1548 0.0056  0.0094  8   HYP C CD  
401 O OD1 . HYP C 8  ? 0.5389 0.2019 0.1902 -0.0467 0.0140  0.0273  8   HYP C OD1 
402 N N   . GLY C 9  ? 0.2845 0.2258 0.1037 -0.0566 -0.0148 -0.0170 9   GLY C N   
403 C CA  . GLY C 9  ? 0.3318 0.2026 0.1236 -0.0375 -0.0283 -0.0090 9   GLY C CA  
404 C C   . GLY C 9  ? 0.3436 0.1699 0.0875 -0.0479 -0.0464 -0.0267 9   GLY C C   
405 O O   . GLY C 9  ? 0.4190 0.2725 0.1145 -0.1736 -0.1690 0.0580  9   GLY C O   
406 N N   . ALA C 10 ? 0.3128 0.2276 0.1696 -0.0308 -0.0431 0.0035  10  ALA C N   
407 C CA  . ALA C 10 ? 0.2959 0.2359 0.1212 -0.0243 -0.0215 -0.0457 10  ALA C CA  
408 C C   . ALA C 10 ? 0.2827 0.1824 0.0839 -0.0465 -0.0413 -0.0196 10  ALA C C   
409 O O   . ALA C 10 ? 0.2726 0.2104 0.1290 -0.0680 -0.0423 -0.0232 10  ALA C O   
410 C CB  . ALA C 10 ? 0.3081 0.2183 0.1556 -0.0145 -0.0705 -0.0479 10  ALA C CB  
411 N N   . ASN C 11 ? 0.3130 0.1558 0.1313 -0.0308 -0.0326 0.0169  11  ASN C N   
412 C CA  . ASN C 11 ? 0.2706 0.1753 0.1021 -0.0149 -0.0559 0.0110  11  ASN C CA  
413 C C   . ASN C 11 ? 0.1959 0.1920 0.0880 -0.0184 -0.0740 -0.0110 11  ASN C C   
414 O O   . ASN C 11 ? 0.2622 0.2041 0.0837 0.0159  -0.0554 -0.0356 11  ASN C O   
415 C CB  . ASN C 11 ? 0.2910 0.1538 0.1482 -0.0002 0.0023  -0.0254 11  ASN C CB  
416 C CG  . ASN C 11 ? 0.3208 0.2020 0.1533 0.0165  0.0318  0.0095  11  ASN C CG  
417 O OD1 . ASN C 11 ? 0.3547 0.2580 0.1503 0.0115  -0.0201 0.0314  11  ASN C OD1 
418 N ND2 . ASN C 11 ? 0.4103 0.2235 0.2042 -0.0244 0.0239  0.0320  11  ASN C ND2 
419 N N   . GLY C 12 ? 0.2512 0.1436 0.1192 -0.0183 -0.0559 -0.0152 12  GLY C N   
420 C CA  . GLY C 12 ? 0.2148 0.1620 0.1102 -0.0224 -0.0726 -0.0332 12  GLY C CA  
421 C C   . GLY C 12 ? 0.2169 0.1390 0.1241 -0.0120 -0.0871 -0.0279 12  GLY C C   
422 O O   . GLY C 12 ? 0.2293 0.1668 0.1008 -0.0137 -0.0678 -0.0395 12  GLY C O   
423 N N   . LEU C 13 ? 0.2119 0.1148 0.1213 -0.0102 -0.0518 -0.0281 13  LEU C N   
424 C CA  . LEU C 13 ? 0.2213 0.1388 0.0908 0.0285  -0.0536 -0.0651 13  LEU C CA  
425 C C   . LEU C 13 ? 0.1501 0.1317 0.0592 0.0133  -0.0502 -0.0495 13  LEU C C   
426 O O   . LEU C 13 ? 0.1552 0.1248 0.0860 0.0012  -0.0267 -0.0267 13  LEU C O   
427 C CB  . LEU C 13 ? 0.2531 0.1543 0.1515 0.0498  -0.0981 -0.0501 13  LEU C CB  
428 C CG  . LEU C 13 ? 0.4060 0.1898 0.2692 0.0487  -0.1977 -0.1159 13  LEU C CG  
429 C CD1 . LEU C 13 ? 0.3843 0.1987 0.4450 0.1272  -0.1524 -0.1374 13  LEU C CD1 
430 C CD2 . LEU C 13 ? 0.4738 0.2367 0.3476 0.1317  -0.0112 -0.1689 13  LEU C CD2 
431 N N   . SER C 14 ? 0.1463 0.1533 0.0824 0.0087  -0.0313 -0.0171 14  SER C N   
432 C CA  A SER C 14 ? 0.1605 0.1451 0.0614 0.0021  -0.0181 -0.0055 14  SER C CA  
433 C CA  B SER C 14 ? 0.1369 0.1335 0.0686 -0.0033 -0.0117 -0.0006 14  SER C CA  
434 C C   . SER C 14 ? 0.1068 0.0867 0.0555 0.0146  -0.0311 -0.0100 14  SER C C   
435 O O   . SER C 14 ? 0.1473 0.0796 0.0691 0.0095  -0.0360 -0.0124 14  SER C O   
436 C CB  A SER C 14 ? 0.1882 0.2259 0.1419 -0.0356 -0.0003 -0.0319 14  SER C CB  
437 C CB  B SER C 14 ? 0.1533 0.1612 0.1155 -0.0202 0.0202  -0.0030 14  SER C CB  
438 O OG  A SER C 14 ? 0.2611 0.2476 0.2303 0.0032  -0.0293 -0.0403 14  SER C OG  
439 O OG  B SER C 14 ? 0.1980 0.2346 0.1204 -0.0239 0.0584  0.0009  14  SER C OG  
440 N N   . GLY C 15 ? 0.0990 0.0717 0.0503 0.0009  -0.0202 -0.0023 15  GLY C N   
441 C CA  . GLY C 15 ? 0.0752 0.0818 0.0531 0.0052  -0.0100 0.0007  15  GLY C CA  
442 C C   . GLY C 15 ? 0.0715 0.0614 0.0591 -0.0014 -0.0072 -0.0008 15  GLY C C   
443 O O   . GLY C 15 ? 0.0707 0.0832 0.0651 0.0076  -0.0059 -0.0154 15  GLY C O   
444 N N   . GLU C 16 ? 0.0689 0.0693 0.0538 -0.0107 -0.0115 -0.0078 16  GLU C N   
445 C CA  . GLU C 16 ? 0.0809 0.0661 0.0590 -0.0089 -0.0186 -0.0030 16  GLU C CA  
446 C C   . GLU C 16 ? 0.0614 0.0583 0.0463 0.0098  -0.0128 -0.0116 16  GLU C C   
447 O O   . GLU C 16 ? 0.0635 0.0547 0.0508 0.0111  0.0023  0.0044  16  GLU C O   
448 C CB  . GLU C 16 ? 0.0952 0.0766 0.0682 -0.0083 -0.0242 0.0106  16  GLU C CB  
449 C CG  . GLU C 16 ? 0.1085 0.0909 0.1166 0.0018  0.0053  0.0116  16  GLU C CG  
450 C CD  . GLU C 16 ? 0.0787 0.1025 0.1288 -0.0039 0.0025  0.0170  16  GLU C CD  
451 O OE1 . GLU C 16 ? 0.1122 0.0963 0.1265 0.0050  0.0212  0.0357  16  GLU C OE1 
452 O OE2 . GLU C 16 ? 0.1292 0.1398 0.1860 -0.0134 0.0403  -0.0245 16  GLU C OE2 
453 N N   . ARG C 17 ? 0.0660 0.0506 0.0433 0.0173  -0.0203 -0.0008 17  ARG C N   
454 C CA  . ARG C 17 ? 0.0572 0.0542 0.0357 0.0110  0.0019  -0.0072 17  ARG C CA  
455 C C   . ARG C 17 ? 0.0523 0.0520 0.0217 -0.0050 -0.0025 -0.0042 17  ARG C C   
456 O O   . ARG C 17 ? 0.0574 0.0526 0.0390 0.0019  -0.0050 0.0108  17  ARG C O   
457 C CB  . ARG C 17 ? 0.0629 0.0512 0.0229 0.0152  -0.0073 -0.0016 17  ARG C CB  
458 C CG  . ARG C 17 ? 0.0537 0.0708 0.0405 0.0088  0.0091  -0.0180 17  ARG C CG  
459 C CD  . ARG C 17 ? 0.0620 0.0773 0.0697 0.0268  -0.0003 -0.0182 17  ARG C CD  
460 N NE  . ARG C 17 ? 0.0660 0.1029 0.0850 0.0083  0.0130  -0.0168 17  ARG C NE  
461 C CZ  . ARG C 17 ? 0.0703 0.1279 0.0878 0.0048  0.0069  0.0167  17  ARG C CZ  
462 N NH1 . ARG C 17 ? 0.0617 0.1534 0.1030 0.0194  0.0157  0.0010  17  ARG C NH1 
463 N NH2 . ARG C 17 ? 0.0491 0.1422 0.1247 -0.0124 0.0003  0.0020  17  ARG C NH2 
464 N N   . GLY C 18 ? 0.0540 0.0537 0.0392 0.0109  -0.0043 -0.0039 18  GLY C N   
465 C CA  . GLY C 18 ? 0.0361 0.0377 0.0503 0.0067  -0.0046 -0.0087 18  GLY C CA  
466 C C   . GLY C 18 ? 0.0395 0.0353 0.0402 0.0028  0.0026  -0.0058 18  GLY C C   
467 O O   . GLY C 18 ? 0.0352 0.0349 0.0359 0.0001  0.0024  0.0023  18  GLY C O   
468 N N   . PRO C 19 ? 0.0334 0.0366 0.0340 -0.0021 0.0033  0.0001  19  PRO C N   
469 C CA  . PRO C 19 ? 0.0320 0.0256 0.0374 -0.0100 0.0005  0.0057  19  PRO C CA  
470 C C   . PRO C 19 ? 0.0308 0.0213 0.0340 -0.0061 0.0004  0.0015  19  PRO C C   
471 O O   . PRO C 19 ? 0.0351 0.0295 0.0304 -0.0072 -0.0021 0.0078  19  PRO C O   
472 C CB  . PRO C 19 ? 0.0427 0.0567 0.0416 -0.0110 0.0071  0.0077  19  PRO C CB  
473 C CG  . PRO C 19 ? 0.0552 0.0532 0.0586 0.0054  0.0113  -0.0010 19  PRO C CG  
474 C CD  . PRO C 19 ? 0.0427 0.0327 0.0616 0.0056  -0.0004 0.0003  19  PRO C CD  
475 N N   . HYP C 20 ? 0.0339 0.0232 0.0389 -0.0057 -0.0004 0.0148  20  HYP C N   
476 C CA  . HYP C 20 ? 0.0326 0.0297 0.0407 -0.0042 -0.0048 0.0068  20  HYP C CA  
477 C C   . HYP C 20 ? 0.0359 0.0285 0.0306 -0.0031 -0.0017 0.0109  20  HYP C C   
478 O O   . HYP C 20 ? 0.0372 0.0227 0.0310 -0.0079 -0.0001 0.0064  20  HYP C O   
479 C CB  . HYP C 20 ? 0.0474 0.0397 0.0478 -0.0068 -0.0068 0.0200  20  HYP C CB  
480 C CG  . HYP C 20 ? 0.0290 0.0359 0.0791 -0.0039 0.0036  0.0252  20  HYP C CG  
481 C CD  . HYP C 20 ? 0.0320 0.0298 0.0372 -0.0043 0.0080  0.0204  20  HYP C CD  
482 O OD1 . HYP C 20 ? 0.0387 0.0432 0.1361 0.0167  0.0193  0.0091  20  HYP C OD1 
483 N N   . GLY C 21 ? 0.0300 0.0231 0.0248 0.0014  0.0044  0.0036  21  GLY C N   
484 C CA  . GLY C 21 ? 0.0291 0.0254 0.0285 -0.0002 0.0051  -0.0004 21  GLY C CA  
485 C C   . GLY C 21 ? 0.0259 0.0269 0.0282 -0.0018 0.0051  0.0019  21  GLY C C   
486 O O   . GLY C 21 ? 0.0371 0.0246 0.0293 -0.0044 0.0053  0.0056  21  GLY C O   
487 N N   . PRO C 22 ? 0.0293 0.0227 0.0260 -0.0021 0.0059  0.0065  22  PRO C N   
488 C CA  . PRO C 22 ? 0.0393 0.0150 0.0277 -0.0063 0.0025  0.0029  22  PRO C CA  
489 C C   . PRO C 22 ? 0.0323 0.0192 0.0336 -0.0011 0.0029  0.0096  22  PRO C C   
490 O O   . PRO C 22 ? 0.0300 0.0308 0.0342 0.0013  0.0067  0.0045  22  PRO C O   
491 C CB  . PRO C 22 ? 0.0446 0.0284 0.0449 0.0019  0.0066  0.0005  22  PRO C CB  
492 C CG  . PRO C 22 ? 0.0383 0.0262 0.0485 -0.0045 -0.0023 0.0043  22  PRO C CG  
493 C CD  . PRO C 22 ? 0.0197 0.0286 0.0357 -0.0059 -0.0001 0.0111  22  PRO C CD  
494 N N   . HYP C 23 ? 0.0277 0.0269 0.0324 -0.0017 0.0079  0.0074  23  HYP C N   
495 C CA  . HYP C 23 ? 0.0295 0.0271 0.0374 -0.0002 0.0009  0.0090  23  HYP C CA  
496 C C   . HYP C 23 ? 0.0213 0.0257 0.0390 0.0029  0.0037  0.0074  23  HYP C C   
497 O O   . HYP C 23 ? 0.0281 0.0244 0.0535 0.0053  0.0000  0.0011  23  HYP C O   
498 C CB  . HYP C 23 ? 0.0360 0.0282 0.0388 0.0037  -0.0018 0.0098  23  HYP C CB  
499 C CG  . HYP C 23 ? 0.0392 0.0277 0.0451 0.0005  0.0011  0.0045  23  HYP C CG  
500 C CD  . HYP C 23 ? 0.0255 0.0294 0.0401 -0.0064 0.0086  0.0101  23  HYP C CD  
501 O OD1 . HYP C 23 ? 0.0452 0.0337 0.0471 0.0078  0.0125  0.0052  23  HYP C OD1 
502 N N   . GLY C 24 ? 0.0205 0.0221 0.0344 0.0009  -0.0005 0.0068  24  GLY C N   
503 C CA  . GLY C 24 ? 0.0214 0.0268 0.0408 -0.0007 0.0096  0.0103  24  GLY C CA  
504 C C   . GLY C 24 ? 0.0231 0.0256 0.0403 -0.0033 0.0073  0.0115  24  GLY C C   
505 O O   . GLY C 24 ? 0.0266 0.0319 0.0355 -0.0068 0.0147  -0.0035 24  GLY C O   
506 N N   . PRO C 25 ? 0.0340 0.0222 0.0458 0.0037  0.0006  0.0133  25  PRO C N   
507 C CA  . PRO C 25 ? 0.0368 0.0263 0.0570 0.0069  -0.0016 0.0061  25  PRO C CA  
508 C C   . PRO C 25 ? 0.0336 0.0254 0.0520 0.0062  0.0030  0.0146  25  PRO C C   
509 O O   . PRO C 25 ? 0.0302 0.0336 0.0502 0.0011  0.0088  0.0095  25  PRO C O   
510 C CB  . PRO C 25 ? 0.0626 0.0334 0.0780 0.0057  -0.0310 0.0183  25  PRO C CB  
511 C CG  . PRO C 25 ? 0.0773 0.0314 0.1074 -0.0079 0.0083  0.0318  25  PRO C CG  
512 C CD  . PRO C 25 ? 0.0278 0.0329 0.0484 0.0066  0.0020  0.0193  25  PRO C CD  
513 N N   . HYP C 26 ? 0.0506 0.0294 0.0550 0.0132  0.0006  0.0097  26  HYP C N   
514 C CA  . HYP C 26 ? 0.0558 0.0354 0.0639 -0.0035 -0.0044 0.0003  26  HYP C CA  
515 C C   . HYP C 26 ? 0.0646 0.0093 0.0881 0.0065  0.0091  0.0005  26  HYP C C   
516 O O   . HYP C 26 ? 0.0992 0.0234 0.1015 -0.0092 0.0040  0.0183  26  HYP C O   
517 C CB  . HYP C 26 ? 0.0677 0.0457 0.0795 -0.0012 0.0033  -0.0054 26  HYP C CB  
518 C CG  . HYP C 26 ? 0.0651 0.0467 0.0813 0.0110  0.0013  -0.0073 26  HYP C CG  
519 C CD  . HYP C 26 ? 0.0615 0.0457 0.0797 0.0215  -0.0003 -0.0142 26  HYP C CD  
520 O OD1 . HYP C 26 ? 0.0572 0.0607 0.0611 -0.0016 0.0075  -0.0018 26  HYP C OD1 
521 N N   . GLY C 27 ? 0.0562 0.0317 0.1000 0.0013  0.0077  0.0179  27  GLY C N   
522 C CA  . GLY C 27 ? 0.0492 0.0541 0.1327 -0.0012 0.0174  0.0150  27  GLY C CA  
523 C C   . GLY C 27 ? 0.0784 0.0596 0.1190 -0.0181 0.0072  0.0101  27  GLY C C   
524 O O   . GLY C 27 ? 0.0891 0.0912 0.1037 -0.0279 -0.0095 -0.0249 27  GLY C O   
525 O OXT . GLY C 27 ? 0.1524 0.0972 0.1454 -0.0625 0.0668  -0.0292 27  GLY C OXT 
526 O O   . HOH D .  ? 0.3000 0.2433 0.4647 0.0010  0.0985  0.0192  101 HOH A O   
527 O O   . HOH D .  ? 0.2895 0.2705 0.3160 0.1159  0.0061  0.0495  102 HOH A O   
528 O O   . HOH D .  ? 0.3558 0.3486 0.4856 0.0132  0.0715  0.1126  103 HOH A O   
529 O O   . HOH D .  ? 0.2239 0.2826 0.4784 -0.0252 -0.1341 0.1302  104 HOH A O   
530 O O   . HOH D .  ? 0.2087 0.2436 0.1017 0.0083  -0.0307 -0.0346 105 HOH A O   
531 O O   . HOH D .  ? 0.5258 0.3549 0.2273 -0.0531 0.0350  -0.0354 106 HOH A O   
532 O O   . HOH D .  ? 0.2209 0.3673 0.2208 -0.0478 -0.0084 -0.1064 107 HOH A O   
533 O O   . HOH D .  ? 0.4028 0.3419 0.3863 0.1998  0.1092  0.0604  108 HOH A O   
534 O O   . HOH D .  ? 0.1094 0.2732 0.2484 0.0438  0.0410  -0.0345 109 HOH A O   
535 O O   . HOH D .  ? 0.0779 0.1046 0.1855 0.0043  -0.0168 -0.0114 110 HOH A O   
536 O O   . HOH D .  ? 0.4943 0.3643 0.4714 -0.0566 0.2239  -0.0025 111 HOH A O   
537 O O   . HOH D .  ? 0.2094 0.2035 0.1041 0.0075  -0.0020 -0.0121 112 HOH A O   
538 O O   . HOH D .  ? 0.0620 0.0613 0.0678 0.0040  0.0216  0.0424  113 HOH A O   
539 O O   . HOH D .  ? 0.5335 0.5055 0.3469 -0.3027 0.0532  -0.0328 114 HOH A O   
540 O O   . HOH D .  ? 0.0308 0.0461 0.0490 0.0067  0.0032  0.0014  115 HOH A O   
541 O O   . HOH D .  ? 0.2453 0.1443 0.2024 0.0503  -0.0377 -0.0316 116 HOH A O   
542 O O   . HOH D .  ? 0.1439 0.0389 0.1582 0.0214  -0.0282 0.0016  117 HOH A O   
543 O O   . HOH D .  ? 0.7466 0.1397 0.7547 0.0387  0.0666  0.1323  118 HOH A O   
544 O O   . HOH D .  ? 0.0502 0.0526 0.0481 0.0028  0.0114  0.0007  119 HOH A O   
545 O O   . HOH D .  ? 0.1059 0.0863 0.1568 -0.0032 -0.0148 0.0158  120 HOH A O   
546 O O   . HOH D .  ? 0.4115 0.2606 0.2709 -0.0047 0.0690  -0.0213 121 HOH A O   
547 O O   . HOH D .  ? 0.3711 0.7525 0.3334 -0.1376 0.0056  0.1147  122 HOH A O   
548 O O   . HOH D .  ? 0.3816 0.2022 0.2322 0.0934  -0.0302 -0.0166 123 HOH A O   
549 O O   . HOH D .  ? 0.0796 0.1016 0.0948 0.0179  0.0245  -0.0092 124 HOH A O   
550 O O   . HOH D .  ? 0.1131 0.1693 0.1416 -0.0360 0.0124  -0.0053 125 HOH A O   
551 O O   . HOH D .  ? 0.3653 0.6010 0.3728 -0.1421 -0.1180 -0.0083 126 HOH A O   
552 O O   . HOH D .  ? 0.2659 0.2942 0.2039 0.0658  -0.0545 0.0109  127 HOH A O   
553 O O   . HOH D .  ? 0.4536 0.2208 0.3696 -0.0016 -0.1315 0.0203  128 HOH A O   
554 O O   . HOH D .  ? 0.1236 0.0846 0.1327 0.0028  -0.0025 0.0033  129 HOH A O   
555 O O   . HOH D .  ? 0.3430 0.2633 0.2237 0.0100  0.0897  0.0484  130 HOH A O   
556 O O   . HOH D .  ? 0.7446 0.4461 0.3463 -0.2740 -0.0362 0.0057  131 HOH A O   
557 O O   . HOH D .  ? 0.7467 0.6988 0.3825 -0.0837 0.1869  0.1105  132 HOH A O   
558 O O   . HOH D .  ? 0.5147 0.5672 0.3051 -0.1153 0.0739  0.0487  133 HOH A O   
559 O O   . HOH D .  ? 0.4730 0.6381 0.6039 0.1249  0.0292  0.1764  134 HOH A O   
560 O O   . HOH D .  ? 0.4977 0.3233 0.3689 -0.0639 0.0648  0.0493  135 HOH A O   
561 O O   . HOH D .  ? 0.5449 0.2631 0.2000 -0.0115 0.0827  0.0691  136 HOH A O   
562 O O   . HOH D .  ? 0.4884 0.6698 0.2469 0.1549  0.0599  0.1424  137 HOH A O   
563 O O   . HOH D .  ? 0.1314 0.2908 0.2508 0.0155  0.0361  -0.1450 138 HOH A O   
564 O O   . HOH D .  ? 0.2422 0.2085 0.1413 0.0444  0.0109  0.0221  139 HOH A O   
565 O O   . HOH D .  ? 0.6528 0.6537 0.1415 -0.0380 0.1145  -0.0296 140 HOH A O   
566 O O   . HOH D .  ? 0.6442 0.5872 1.2276 -0.1213 0.0736  0.1959  141 HOH A O   
567 O O   . HOH D .  ? 0.4408 0.4111 0.2942 -0.0619 0.0729  -0.0944 142 HOH A O   
568 O O   . HOH D .  ? 0.5219 0.2459 0.1742 -0.0416 0.0498  0.0678  143 HOH A O   
569 O O   . HOH D .  ? 0.5722 0.5072 0.3187 -0.3059 0.1156  -0.0558 144 HOH A O   
570 O O   . HOH D .  ? 0.2867 0.2882 0.3381 0.0066  -0.0101 0.0203  145 HOH A O   
571 O O   . HOH D .  ? 0.1516 0.2419 0.1425 -0.0227 0.0232  0.0383  146 HOH A O   
572 O O   . HOH D .  ? 0.1411 0.2496 0.3873 0.0001  0.0580  -0.1686 147 HOH A O   
573 O O   . HOH D .  ? 0.2989 0.8638 0.2223 -0.0624 -0.0122 -0.1903 148 HOH A O   
574 O O   . HOH D .  ? 0.4739 0.2329 0.2552 0.0044  -0.0301 -0.0013 149 HOH A O   
575 O O   . HOH D .  ? 0.4200 0.3108 0.2811 -0.0045 -0.0492 0.0652  150 HOH A O   
576 O O   . HOH D .  ? 0.3007 0.6084 0.3978 0.1710  -0.0681 0.0125  151 HOH A O   
577 O O   . HOH D .  ? 0.6095 0.4588 0.3397 -0.0493 -0.1106 0.0308  152 HOH A O   
578 O O   . HOH E .  ? 0.4183 0.2766 0.3421 0.0006  -0.0019 0.0117  101 HOH B O   
579 O O   . HOH E .  ? 0.4310 0.3849 0.3522 -0.0468 -0.0059 0.0154  102 HOH B O   
580 O O   . HOH E .  ? 0.4142 0.2981 0.2947 -0.0335 0.0220  -0.0429 103 HOH B O   
581 O O   . HOH E .  ? 0.2478 0.5600 0.4782 -0.0898 -0.1076 0.1917  104 HOH B O   
582 O O   . HOH E .  ? 0.3725 0.4110 0.6345 -0.1083 0.0750  -0.1420 105 HOH B O   
583 O O   . HOH E .  ? 0.5093 0.2956 0.3471 0.0059  0.0256  -0.0559 106 HOH B O   
584 O O   . HOH E .  ? 0.4118 0.5183 0.3160 -0.1687 0.0610  -0.0630 107 HOH B O   
585 O O   . HOH E .  ? 0.1247 0.0859 0.1494 0.0111  0.1028  0.0297  108 HOH B O   
586 O O   . HOH E .  ? 0.2907 0.5852 0.1740 0.0898  -0.0354 -0.0723 109 HOH B O   
587 O O   . HOH E .  ? 0.1398 0.0624 0.1118 0.0184  0.0188  0.0141  110 HOH B O   
588 O O   . HOH E .  ? 0.1217 0.1955 0.1788 -0.0217 -0.0360 0.0302  111 HOH B O   
589 O O   . HOH E .  ? 0.3540 0.3467 0.1913 0.0514  0.0943  0.0192  112 HOH B O   
590 O O   . HOH E .  ? 0.1233 0.3872 0.1836 -0.0492 0.0104  0.0978  113 HOH B O   
591 O O   . HOH E .  ? 0.4488 0.1644 0.1649 0.0280  0.0134  0.0448  114 HOH B O   
592 O O   . HOH E .  ? 0.3986 0.5419 0.2215 0.1759  0.1013  0.0039  115 HOH B O   
593 O O   . HOH E .  ? 0.2059 0.1290 0.1600 -0.0505 0.0704  -0.0139 116 HOH B O   
594 O O   . HOH E .  ? 0.1692 0.2156 0.1002 0.0981  0.0333  0.0273  117 HOH B O   
595 O O   . HOH E .  ? 0.3369 0.2713 0.1767 -0.0590 0.0551  0.0164  118 HOH B O   
596 O O   . HOH E .  ? 0.1151 0.1053 0.1197 0.0029  -0.0308 -0.0161 119 HOH B O   
597 O O   . HOH E .  ? 0.1666 0.0532 0.1062 0.0143  0.0676  0.0125  120 HOH B O   
598 O O   . HOH E .  ? 0.1982 0.1315 0.1983 -0.0240 -0.0514 -0.0281 121 HOH B O   
599 O O   . HOH E .  ? 0.2392 0.2251 0.5188 -0.0874 -0.0875 0.1208  122 HOH B O   
600 O O   . HOH E .  ? 0.2674 0.2334 0.1212 -0.0066 0.0220  -0.0254 123 HOH B O   
601 O O   . HOH E .  ? 0.2807 0.3211 0.2922 -0.0204 0.0326  0.1080  124 HOH B O   
602 O O   . HOH E .  ? 0.1505 0.3297 0.1278 0.0856  -0.0133 -0.0577 125 HOH B O   
603 O O   . HOH E .  ? 0.5517 0.2199 0.1654 -0.0674 0.0925  -0.0201 126 HOH B O   
604 O O   . HOH E .  ? 0.4218 0.5881 0.2731 -0.0684 -0.0006 0.0771  127 HOH B O   
605 O O   . HOH E .  ? 0.2251 0.6661 0.3859 0.0181  0.0751  -0.0173 128 HOH B O   
606 O O   . HOH E .  ? 0.3517 0.5258 0.3585 -0.1167 0.0840  -0.0760 129 HOH B O   
607 O O   . HOH E .  ? 0.3425 0.2020 0.2625 0.0727  0.0278  0.0572  130 HOH B O   
608 O O   . HOH E .  ? 0.1774 0.2139 0.1276 0.0376  -0.0612 -0.0089 131 HOH B O   
609 O O   . HOH E .  ? 0.1747 0.2625 0.1839 -0.0218 -0.0180 -0.0002 132 HOH B O   
610 O O   . HOH E .  ? 0.3527 0.4938 0.3325 -0.1859 -0.0578 0.0791  133 HOH B O   
611 O O   . HOH E .  ? 0.1367 0.2041 0.1673 -0.0410 0.0099  0.0464  134 HOH B O   
612 O O   . HOH E .  ? 0.3405 0.4668 0.2827 0.1550  0.1014  0.1695  135 HOH B O   
613 O O   . HOH E .  ? 0.2633 0.2750 0.9407 -0.0218 -0.0930 -0.1427 136 HOH B O   
614 O O   . HOH E .  ? 0.3468 0.2363 0.4109 -0.0075 0.0784  -0.0343 137 HOH B O   
615 O O   . HOH E .  ? 0.2202 0.2825 0.1582 -0.0143 0.0155  0.0659  138 HOH B O   
616 O O   . HOH E .  ? 0.4881 0.1956 0.3753 0.1022  -0.0433 -0.0172 139 HOH B O   
617 O O   . HOH E .  ? 0.5355 0.4865 0.5780 -0.0997 0.2561  -0.1138 140 HOH B O   
618 O O   . HOH E .  ? 0.5986 0.6051 0.1833 -0.1378 0.0612  0.0204  141 HOH B O   
619 O O   . HOH E .  ? 0.1995 0.1133 0.2822 0.0029  -0.0057 -0.0226 142 HOH B O   
620 O O   . HOH E .  ? 0.0876 0.0745 0.0528 -0.0385 -0.0080 0.0042  143 HOH B O   
621 O O   . HOH E .  ? 0.6123 0.5200 0.3627 -0.1286 0.0263  0.0682  144 HOH B O   
622 O O   . HOH E .  ? 0.2403 0.1581 0.1466 -0.0706 -0.0485 0.0457  145 HOH B O   
623 O O   . HOH E .  ? 0.4371 0.2834 0.2835 -0.0636 -0.0912 -0.0509 146 HOH B O   
624 O O   . HOH E .  ? 0.2917 0.5571 0.2123 -0.0770 0.0308  0.0477  147 HOH B O   
625 O O   . HOH E .  ? 0.2742 0.7018 0.4320 -0.0354 -0.0921 0.2105  148 HOH B O   
626 O O   . HOH E .  ? 0.2426 0.1117 0.2237 0.0267  0.0042  -0.0129 149 HOH B O   
627 O O   . HOH F .  ? 0.4385 0.2540 0.4495 0.0477  -0.1788 -0.1017 101 HOH C O   
628 O O   . HOH F .  ? 0.4694 0.8233 0.2393 0.0105  -0.2883 0.0610  102 HOH C O   
629 O O   . HOH F .  ? 0.4742 0.5499 0.3319 -0.0807 -0.0423 -0.0659 103 HOH C O   
630 O O   . HOH F .  ? 0.5923 0.4888 0.3178 -0.2399 -0.1463 -0.0087 104 HOH C O   
631 O O   . HOH F .  ? 0.5489 0.2685 0.3425 -0.1327 -0.1283 0.0828  105 HOH C O   
632 O O   . HOH F .  ? 0.2825 0.5144 0.2691 -0.0909 -0.0174 -0.0977 106 HOH C O   
633 O O   . HOH F .  ? 0.0990 0.1270 0.0840 -0.0059 0.0179  0.0270  107 HOH C O   
634 O O   . HOH F .  ? 0.3264 0.2463 0.1633 -0.0055 -0.0096 -0.0107 108 HOH C O   
635 O O   . HOH F .  ? 0.0883 0.1805 0.0872 0.0227  0.0008  -0.0051 109 HOH C O   
636 O O   . HOH F .  ? 0.0886 0.1263 0.0850 -0.0198 -0.0002 0.0009  110 HOH C O   
637 O O   . HOH F .  ? 0.5201 0.5227 0.2162 0.0457  -0.0924 0.0292  111 HOH C O   
638 O O   . HOH F .  ? 0.4273 0.2969 0.6068 -0.0984 0.0447  -0.0215 112 HOH C O   
639 O O   . HOH F .  ? 0.1729 0.2464 0.1187 -0.0043 -0.0320 -0.0334 113 HOH C O   
640 O O   . HOH F .  ? 0.2005 0.0838 0.2077 0.0033  -0.1302 0.0006  114 HOH C O   
641 O O   . HOH F .  ? 0.1086 0.1010 0.1114 -0.0701 0.0354  -0.0354 115 HOH C O   
642 O O   . HOH F .  ? 0.1992 0.1947 0.0801 0.0269  -0.0195 -0.0154 116 HOH C O   
643 O O   . HOH F .  ? 0.0413 0.0417 0.0500 0.0003  0.0004  0.0124  117 HOH C O   
644 O O   . HOH F .  ? 0.3061 0.2577 0.2733 0.1065  -0.0501 -0.0135 118 HOH C O   
645 O O   . HOH F .  ? 0.2340 0.1878 0.1872 -0.0388 -0.0043 0.0171  119 HOH C O   
646 O O   . HOH F .  ? 0.0957 0.1515 0.0678 0.0343  -0.0076 0.0178  120 HOH C O   
647 O O   . HOH F .  ? 0.1132 0.0836 0.0431 -0.0514 0.0012  0.0162  121 HOH C O   
648 O O   . HOH F .  ? 0.3008 0.2651 0.1930 0.1067  0.0752  0.0622  122 HOH C O   
649 O O   . HOH F .  ? 0.0615 0.0242 0.0383 0.0057  0.0068  -0.0003 123 HOH C O   
650 O O   . HOH F .  ? 0.0785 0.4189 0.1496 0.0467  0.0375  0.0442  124 HOH C O   
651 O O   . HOH F .  ? 0.1103 0.1111 0.1186 0.0118  0.0049  0.0046  125 HOH C O   
652 O O   . HOH F .  ? 0.0858 0.0827 0.0545 0.0086  0.0036  -0.0048 126 HOH C O   
653 O O   . HOH F .  ? 0.5905 0.2167 0.2538 -0.0174 0.0471  -0.0069 127 HOH C O   
654 O O   . HOH F .  ? 0.3887 0.1668 0.3574 -0.0492 -0.0429 0.0233  128 HOH C O   
655 O O   . HOH F .  ? 0.0403 0.0572 0.2305 0.0056  0.0199  -0.0092 129 HOH C O   
656 O O   . HOH F .  ? 0.0468 0.0505 0.0677 -0.0068 0.0116  0.0028  130 HOH C O   
657 O O   . HOH F .  ? 0.3575 0.2007 0.3849 -0.0063 0.0166  -0.0990 131 HOH C O   
658 O O   . HOH F .  ? 0.2658 0.3409 0.2333 0.0739  0.1101  -0.0760 132 HOH C O   
659 O O   . HOH F .  ? 0.2346 0.4617 0.3777 0.1062  0.0208  0.1325  133 HOH C O   
660 O O   . HOH F .  ? 0.3442 0.3910 0.1609 -0.0547 -0.0157 0.0061  134 HOH C O   
661 O O   . HOH F .  ? 0.2682 0.1141 0.2907 -0.0171 0.1155  -0.0017 135 HOH C O   
662 O O   . HOH F .  ? 0.4582 0.3498 0.2240 -0.0541 -0.0243 0.0295  136 HOH C O   
663 O O   . HOH F .  ? 0.1138 0.1251 0.0882 0.0420  0.0138  0.0021  137 HOH C O   
664 O O   . HOH F .  ? 0.3873 0.1838 0.2289 -0.0005 -0.0273 0.0338  138 HOH C O   
665 O O   . HOH F .  ? 0.4288 0.2708 0.5304 -0.0099 0.1695  0.0709  139 HOH C O   
666 O O   . HOH F .  ? 0.8828 0.3275 0.3907 -0.2310 -0.1691 0.0608  140 HOH C O   
667 O O   . HOH F .  ? 0.1621 0.1559 0.1020 -0.0475 0.0120  0.0093  141 HOH C O   
668 O O   . HOH F .  ? 0.3425 0.5443 0.3332 0.1257  -0.1086 -0.1452 142 HOH C O   
669 O O   . HOH F .  ? 0.0655 0.0662 0.0743 0.0148  0.0095  -0.0081 143 HOH C O   
670 O O   . HOH F .  ? 0.0801 0.1628 0.2441 -0.0092 0.0375  0.0744  144 HOH C O   
671 O O   . HOH F .  ? 0.7370 0.3100 0.3050 0.0566  0.2674  0.0835  145 HOH C O   
672 O O   . HOH F .  ? 0.4671 0.1697 0.2232 -0.0011 0.0660  0.0083  146 HOH C O   
673 O O   . HOH F .  ? 0.6318 0.1886 0.3206 -0.0678 0.0472  0.0438  147 HOH C O   
674 O O   . HOH F .  ? 0.1477 0.1602 0.0951 -0.0674 -0.0110 0.0303  148 HOH C O   
675 O O   . HOH F .  ? 0.6368 0.4520 0.5113 0.1273  -0.0408 -0.0216 149 HOH C O   
676 O O   . HOH F .  ? 0.6135 0.2644 0.4981 -0.2296 -0.0841 -0.0405 150 HOH C O   
677 O O   . HOH F .  ? 0.1384 0.1226 0.1560 -0.0048 0.0114  -0.0040 151 HOH C O   
678 O O   . HOH F .  ? 0.0715 0.0400 0.2535 -0.0271 0.0917  -0.0280 152 HOH C O   
679 O O   . HOH F .  ? 0.0891 0.1162 0.0897 0.0200  0.0011  0.0125  153 HOH C O   
680 O O   . HOH F .  ? 0.6119 0.3510 0.3081 -0.0445 -0.0432 -0.0185 154 HOH C O   
681 O O   . HOH F .  ? 0.4734 0.3266 0.2280 0.0204  -0.0524 0.0494  155 HOH C O   
# 
loop_
_pdbx_poly_seq_scheme.asym_id 
_pdbx_poly_seq_scheme.entity_id 
_pdbx_poly_seq_scheme.seq_id 
_pdbx_poly_seq_scheme.mon_id 
_pdbx_poly_seq_scheme.ndb_seq_num 
_pdbx_poly_seq_scheme.pdb_seq_num 
_pdbx_poly_seq_scheme.auth_seq_num 
_pdbx_poly_seq_scheme.pdb_mon_id 
_pdbx_poly_seq_scheme.auth_mon_id 
_pdbx_poly_seq_scheme.pdb_strand_id 
_pdbx_poly_seq_scheme.pdb_ins_code 
_pdbx_poly_seq_scheme.hetero 
A 1 1  PRO 1  1  1  PRO PRO A . n 
A 1 2  HYP 2  2  2  HYP HYP A . n 
A 1 3  GLY 3  3  3  GLY GLY A . n 
A 1 4  PRO 4  4  4  PRO PRO A . n 
A 1 5  HYP 5  5  5  HYP HYP A . n 
A 1 6  GLY 6  6  6  GLY GLY A . n 
A 1 7  PRO 7  7  7  PRO PRO A . n 
A 1 8  HYP 8  8  8  HYP HYP A . n 
A 1 9  GLY 9  9  9  GLY GLY A . n 
A 1 10 ALA 10 10 10 ALA ALA A . n 
A 1 11 ASN 11 11 11 ASN ASN A . n 
A 1 12 GLY 12 12 12 GLY GLY A . n 
A 1 13 LEU 13 13 13 LEU LEU A . n 
A 1 14 SER 14 14 14 SER SER A . n 
A 1 15 GLY 15 15 15 GLY GLY A . n 
A 1 16 GLU 16 16 16 GLU GLU A . n 
A 1 17 ARG 17 17 17 ARG ARG A . n 
A 1 18 GLY 18 18 18 GLY GLY A . n 
A 1 19 PRO 19 19 19 PRO PRO A . n 
A 1 20 HYP 20 20 20 HYP HYP A . n 
A 1 21 GLY 21 21 21 GLY GLY A . n 
A 1 22 PRO 22 22 22 PRO PRO A . n 
A 1 23 HYP 23 23 23 HYP HYP A . n 
A 1 24 GLY 24 24 24 GLY GLY A . n 
A 1 25 PRO 25 25 25 PRO PRO A . n 
A 1 26 HYP 26 26 26 HYP HYP A . n 
A 1 27 GLY 27 27 27 GLY GLY A . n 
B 1 1  PRO 1  1  1  PRO PRO B . n 
B 1 2  HYP 2  2  2  HYP HYP B . n 
B 1 3  GLY 3  3  3  GLY GLY B . n 
B 1 4  PRO 4  4  4  PRO PRO B . n 
B 1 5  HYP 5  5  5  HYP HYP B . n 
B 1 6  GLY 6  6  6  GLY GLY B . n 
B 1 7  PRO 7  7  7  PRO PRO B . n 
B 1 8  HYP 8  8  8  HYP HYP B . n 
B 1 9  GLY 9  9  9  GLY GLY B . n 
B 1 10 ALA 10 10 10 ALA ALA B . n 
B 1 11 ASN 11 11 11 ASN ASN B . n 
B 1 12 GLY 12 12 12 GLY GLY B . n 
B 1 13 LEU 13 13 13 LEU LEU B . n 
B 1 14 SER 14 14 14 SER SER B . n 
B 1 15 GLY 15 15 15 GLY GLY B . n 
B 1 16 GLU 16 16 16 GLU GLU B . n 
B 1 17 ARG 17 17 17 ARG ARG B . n 
B 1 18 GLY 18 18 18 GLY GLY B . n 
B 1 19 PRO 19 19 19 PRO PRO B . n 
B 1 20 HYP 20 20 20 HYP HYP B . n 
B 1 21 GLY 21 21 21 GLY GLY B . n 
B 1 22 PRO 22 22 22 PRO PRO B . n 
B 1 23 HYP 23 23 23 HYP HYP B . n 
B 1 24 GLY 24 24 24 GLY GLY B . n 
B 1 25 PRO 25 25 25 PRO PRO B . n 
B 1 26 HYP 26 26 26 HYP HYP B . n 
B 1 27 GLY 27 27 27 GLY GLY B . n 
C 1 1  PRO 1  1  1  PRO PRO C . n 
C 1 2  HYP 2  2  2  HYP HYP C . n 
C 1 3  GLY 3  3  3  GLY GLY C . n 
C 1 4  PRO 4  4  4  PRO PRO C . n 
C 1 5  HYP 5  5  5  HYP HYP C . n 
C 1 6  GLY 6  6  6  GLY GLY C . n 
C 1 7  PRO 7  7  7  PRO PRO C . n 
C 1 8  HYP 8  8  8  HYP HYP C . n 
C 1 9  GLY 9  9  9  GLY GLY C . n 
C 1 10 ALA 10 10 10 ALA ALA C . n 
C 1 11 ASN 11 11 11 ASN ASN C . n 
C 1 12 GLY 12 12 12 GLY GLY C . n 
C 1 13 LEU 13 13 13 LEU LEU C . n 
C 1 14 SER 14 14 14 SER SER C . n 
C 1 15 GLY 15 15 15 GLY GLY C . n 
C 1 16 GLU 16 16 16 GLU GLU C . n 
C 1 17 ARG 17 17 17 ARG ARG C . n 
C 1 18 GLY 18 18 18 GLY GLY C . n 
C 1 19 PRO 19 19 19 PRO PRO C . n 
C 1 20 HYP 20 20 20 HYP HYP C . n 
C 1 21 GLY 21 21 21 GLY GLY C . n 
C 1 22 PRO 22 22 22 PRO PRO C . n 
C 1 23 HYP 23 23 23 HYP HYP C . n 
C 1 24 GLY 24 24 24 GLY GLY C . n 
C 1 25 PRO 25 25 25 PRO PRO C . n 
C 1 26 HYP 26 26 26 HYP HYP C . n 
C 1 27 GLY 27 27 27 GLY GLY C . n 
# 
_pdbx_contact_author.id                 2 
_pdbx_contact_author.email              chuyun@trausim.com 
_pdbx_contact_author.name_first         Yun 
_pdbx_contact_author.name_last          Chu 
_pdbx_contact_author.name_mi            ? 
_pdbx_contact_author.role               'principal investigator/group leader' 
_pdbx_contact_author.identifier_ORCID   0000-0002-1497-3781 
# 
loop_
_pdbx_nonpoly_scheme.asym_id 
_pdbx_nonpoly_scheme.entity_id 
_pdbx_nonpoly_scheme.mon_id 
_pdbx_nonpoly_scheme.ndb_seq_num 
_pdbx_nonpoly_scheme.pdb_seq_num 
_pdbx_nonpoly_scheme.auth_seq_num 
_pdbx_nonpoly_scheme.pdb_mon_id 
_pdbx_nonpoly_scheme.auth_mon_id 
_pdbx_nonpoly_scheme.pdb_strand_id 
_pdbx_nonpoly_scheme.pdb_ins_code 
D 2 HOH 1  101 156 HOH HOH A . 
D 2 HOH 2  102 37  HOH HOH A . 
D 2 HOH 3  103 78  HOH HOH A . 
D 2 HOH 4  104 112 HOH HOH A . 
D 2 HOH 5  105 89  HOH HOH A . 
D 2 HOH 6  106 133 HOH HOH A . 
D 2 HOH 7  107 73  HOH HOH A . 
D 2 HOH 8  108 94  HOH HOH A . 
D 2 HOH 9  109 55  HOH HOH A . 
D 2 HOH 10 110 10  HOH HOH A . 
D 2 HOH 11 111 145 HOH HOH A . 
D 2 HOH 12 112 53  HOH HOH A . 
D 2 HOH 13 113 8   HOH HOH A . 
D 2 HOH 14 114 128 HOH HOH A . 
D 2 HOH 15 115 4   HOH HOH A . 
D 2 HOH 16 116 41  HOH HOH A . 
D 2 HOH 17 117 20  HOH HOH A . 
D 2 HOH 18 118 81  HOH HOH A . 
D 2 HOH 19 119 15  HOH HOH A . 
D 2 HOH 20 120 17  HOH HOH A . 
D 2 HOH 21 121 80  HOH HOH A . 
D 2 HOH 22 122 141 HOH HOH A . 
D 2 HOH 23 123 111 HOH HOH A . 
D 2 HOH 24 124 7   HOH HOH A . 
D 2 HOH 25 125 36  HOH HOH A . 
D 2 HOH 26 126 130 HOH HOH A . 
D 2 HOH 27 127 50  HOH HOH A . 
D 2 HOH 28 128 153 HOH HOH A . 
D 2 HOH 29 129 35  HOH HOH A . 
D 2 HOH 30 130 104 HOH HOH A . 
D 2 HOH 31 131 129 HOH HOH A . 
D 2 HOH 32 132 70  HOH HOH A . 
D 2 HOH 33 133 113 HOH HOH A . 
D 2 HOH 34 134 125 HOH HOH A . 
D 2 HOH 35 135 136 HOH HOH A . 
D 2 HOH 36 136 102 HOH HOH A . 
D 2 HOH 37 137 42  HOH HOH A . 
D 2 HOH 38 138 40  HOH HOH A . 
D 2 HOH 39 139 90  HOH HOH A . 
D 2 HOH 40 140 69  HOH HOH A . 
D 2 HOH 41 141 106 HOH HOH A . 
D 2 HOH 42 142 109 HOH HOH A . 
D 2 HOH 43 143 100 HOH HOH A . 
D 2 HOH 44 144 105 HOH HOH A . 
D 2 HOH 45 145 149 HOH HOH A . 
D 2 HOH 46 146 101 HOH HOH A . 
D 2 HOH 47 147 97  HOH HOH A . 
D 2 HOH 48 148 139 HOH HOH A . 
D 2 HOH 49 149 91  HOH HOH A . 
D 2 HOH 50 150 65  HOH HOH A . 
D 2 HOH 51 151 123 HOH HOH A . 
D 2 HOH 52 152 132 HOH HOH A . 
E 2 HOH 1  101 118 HOH HOH B . 
E 2 HOH 2  102 155 HOH HOH B . 
E 2 HOH 3  103 56  HOH HOH B . 
E 2 HOH 4  104 110 HOH HOH B . 
E 2 HOH 5  105 148 HOH HOH B . 
E 2 HOH 6  106 137 HOH HOH B . 
E 2 HOH 7  107 107 HOH HOH B . 
E 2 HOH 8  108 31  HOH HOH B . 
E 2 HOH 9  109 116 HOH HOH B . 
E 2 HOH 10 110 13  HOH HOH B . 
E 2 HOH 11 111 38  HOH HOH B . 
E 2 HOH 12 112 21  HOH HOH B . 
E 2 HOH 13 113 24  HOH HOH B . 
E 2 HOH 14 114 49  HOH HOH B . 
E 2 HOH 15 115 147 HOH HOH B . 
E 2 HOH 16 116 87  HOH HOH B . 
E 2 HOH 17 117 46  HOH HOH B . 
E 2 HOH 18 118 67  HOH HOH B . 
E 2 HOH 19 119 23  HOH HOH B . 
E 2 HOH 20 120 14  HOH HOH B . 
E 2 HOH 21 121 39  HOH HOH B . 
E 2 HOH 22 122 30  HOH HOH B . 
E 2 HOH 23 123 26  HOH HOH B . 
E 2 HOH 24 124 63  HOH HOH B . 
E 2 HOH 25 125 33  HOH HOH B . 
E 2 HOH 26 126 28  HOH HOH B . 
E 2 HOH 27 127 142 HOH HOH B . 
E 2 HOH 28 128 68  HOH HOH B . 
E 2 HOH 29 129 146 HOH HOH B . 
E 2 HOH 30 130 52  HOH HOH B . 
E 2 HOH 31 131 32  HOH HOH B . 
E 2 HOH 32 132 45  HOH HOH B . 
E 2 HOH 33 133 74  HOH HOH B . 
E 2 HOH 34 134 79  HOH HOH B . 
E 2 HOH 35 135 95  HOH HOH B . 
E 2 HOH 36 136 126 HOH HOH B . 
E 2 HOH 37 137 75  HOH HOH B . 
E 2 HOH 38 138 25  HOH HOH B . 
E 2 HOH 39 139 115 HOH HOH B . 
E 2 HOH 40 140 127 HOH HOH B . 
E 2 HOH 41 141 114 HOH HOH B . 
E 2 HOH 42 142 96  HOH HOH B . 
E 2 HOH 43 143 82  HOH HOH B . 
E 2 HOH 44 144 121 HOH HOH B . 
E 2 HOH 45 145 152 HOH HOH B . 
E 2 HOH 46 146 151 HOH HOH B . 
E 2 HOH 47 147 76  HOH HOH B . 
E 2 HOH 48 148 34  HOH HOH B . 
E 2 HOH 49 149 59  HOH HOH B . 
F 2 HOH 1  101 122 HOH HOH C . 
F 2 HOH 2  102 138 HOH HOH C . 
F 2 HOH 3  103 150 HOH HOH C . 
F 2 HOH 4  104 58  HOH HOH C . 
F 2 HOH 5  105 135 HOH HOH C . 
F 2 HOH 6  106 131 HOH HOH C . 
F 2 HOH 7  107 88  HOH HOH C . 
F 2 HOH 8  108 47  HOH HOH C . 
F 2 HOH 9  109 16  HOH HOH C . 
F 2 HOH 10 110 22  HOH HOH C . 
F 2 HOH 11 111 119 HOH HOH C . 
F 2 HOH 12 112 143 HOH HOH C . 
F 2 HOH 13 113 29  HOH HOH C . 
F 2 HOH 14 114 9   HOH HOH C . 
F 2 HOH 15 115 12  HOH HOH C . 
F 2 HOH 16 116 27  HOH HOH C . 
F 2 HOH 17 117 18  HOH HOH C . 
F 2 HOH 18 118 57  HOH HOH C . 
F 2 HOH 19 119 51  HOH HOH C . 
F 2 HOH 20 120 83  HOH HOH C . 
F 2 HOH 21 121 3   HOH HOH C . 
F 2 HOH 22 122 92  HOH HOH C . 
F 2 HOH 23 123 2   HOH HOH C . 
F 2 HOH 24 124 99  HOH HOH C . 
F 2 HOH 25 125 6   HOH HOH C . 
F 2 HOH 26 126 11  HOH HOH C . 
F 2 HOH 27 127 61  HOH HOH C . 
F 2 HOH 28 128 60  HOH HOH C . 
F 2 HOH 29 129 1   HOH HOH C . 
F 2 HOH 30 130 5   HOH HOH C . 
F 2 HOH 31 131 64  HOH HOH C . 
F 2 HOH 32 132 44  HOH HOH C . 
F 2 HOH 33 133 103 HOH HOH C . 
F 2 HOH 34 134 62  HOH HOH C . 
F 2 HOH 35 135 54  HOH HOH C . 
F 2 HOH 36 136 66  HOH HOH C . 
F 2 HOH 37 137 85  HOH HOH C . 
F 2 HOH 38 138 71  HOH HOH C . 
F 2 HOH 39 139 124 HOH HOH C . 
F 2 HOH 40 140 120 HOH HOH C . 
F 2 HOH 41 141 43  HOH HOH C . 
F 2 HOH 42 142 117 HOH HOH C . 
F 2 HOH 43 143 84  HOH HOH C . 
F 2 HOH 44 144 140 HOH HOH C . 
F 2 HOH 45 145 134 HOH HOH C . 
F 2 HOH 46 146 72  HOH HOH C . 
F 2 HOH 47 147 93  HOH HOH C . 
F 2 HOH 48 148 19  HOH HOH C . 
F 2 HOH 49 149 144 HOH HOH C . 
F 2 HOH 50 150 108 HOH HOH C . 
F 2 HOH 51 151 48  HOH HOH C . 
F 2 HOH 52 152 98  HOH HOH C . 
F 2 HOH 53 153 86  HOH HOH C . 
F 2 HOH 54 154 154 HOH HOH C . 
F 2 HOH 55 155 77  HOH HOH C . 
# 
loop_
_pdbx_struct_mod_residue.id 
_pdbx_struct_mod_residue.label_asym_id 
_pdbx_struct_mod_residue.label_comp_id 
_pdbx_struct_mod_residue.label_seq_id 
_pdbx_struct_mod_residue.auth_asym_id 
_pdbx_struct_mod_residue.auth_comp_id 
_pdbx_struct_mod_residue.auth_seq_id 
_pdbx_struct_mod_residue.PDB_ins_code 
_pdbx_struct_mod_residue.parent_comp_id 
_pdbx_struct_mod_residue.details 
1 A HYP 8  A HYP 8  ? PRO 'modified residue' 
2 A HYP 20 A HYP 20 ? PRO 'modified residue' 
3 A HYP 26 A HYP 26 ? PRO 'modified residue' 
4 B HYP 8  B HYP 8  ? PRO 'modified residue' 
5 B HYP 20 B HYP 20 ? PRO 'modified residue' 
6 B HYP 26 B HYP 26 ? PRO 'modified residue' 
7 C HYP 8  C HYP 8  ? PRO 'modified residue' 
8 C HYP 20 C HYP 20 ? PRO 'modified residue' 
9 C HYP 26 C HYP 26 ? PRO 'modified residue' 
# 
_pdbx_struct_assembly.id                   1 
_pdbx_struct_assembly.details              author_and_software_defined_assembly 
_pdbx_struct_assembly.method_details       PISA 
_pdbx_struct_assembly.oligomeric_details   trimeric 
_pdbx_struct_assembly.oligomeric_count     3 
# 
_pdbx_struct_assembly_gen.assembly_id       1 
_pdbx_struct_assembly_gen.oper_expression   1 
_pdbx_struct_assembly_gen.asym_id_list      A,B,C,D,E,F 
# 
loop_
_pdbx_struct_assembly_prop.biol_id 
_pdbx_struct_assembly_prop.type 
_pdbx_struct_assembly_prop.value 
_pdbx_struct_assembly_prop.details 
1 'ABSA (A^2)' 4620 ? 
1 MORE         -18  ? 
1 'SSA (A^2)'  5030 ? 
# 
_pdbx_struct_oper_list.id                   1 
_pdbx_struct_oper_list.type                 'identity operation' 
_pdbx_struct_oper_list.name                 1_555 
_pdbx_struct_oper_list.symmetry_operation   x,y,z 
_pdbx_struct_oper_list.matrix[1][1]         1.0000000000 
_pdbx_struct_oper_list.matrix[1][2]         0.0000000000 
_pdbx_struct_oper_list.matrix[1][3]         0.0000000000 
_pdbx_struct_oper_list.vector[1]            0.0000000000 
_pdbx_struct_oper_list.matrix[2][1]         0.0000000000 
_pdbx_struct_oper_list.matrix[2][2]         1.0000000000 
_pdbx_struct_oper_list.matrix[2][3]         0.0000000000 
_pdbx_struct_oper_list.vector[2]            0.0000000000 
_pdbx_struct_oper_list.matrix[3][1]         0.0000000000 
_pdbx_struct_oper_list.matrix[3][2]         0.0000000000 
_pdbx_struct_oper_list.matrix[3][3]         1.0000000000 
_pdbx_struct_oper_list.vector[3]            0.0000000000 
# 
loop_
_pdbx_audit_revision_history.ordinal 
_pdbx_audit_revision_history.data_content_type 
_pdbx_audit_revision_history.major_revision 
_pdbx_audit_revision_history.minor_revision 
_pdbx_audit_revision_history.revision_date 
1 'Structure model' 1 0 2022-04-06 
2 'Structure model' 1 1 2023-06-21 
3 'Structure model' 1 2 2023-11-29 
# 
_pdbx_audit_revision_details.ordinal             1 
_pdbx_audit_revision_details.revision_ordinal    1 
_pdbx_audit_revision_details.data_content_type   'Structure model' 
_pdbx_audit_revision_details.provider            repository 
_pdbx_audit_revision_details.type                'Initial release' 
_pdbx_audit_revision_details.description         ? 
_pdbx_audit_revision_details.details             ? 
# 
loop_
_pdbx_audit_revision_group.ordinal 
_pdbx_audit_revision_group.revision_ordinal 
_pdbx_audit_revision_group.data_content_type 
_pdbx_audit_revision_group.group 
1 2 'Structure model' 'Database references'    
2 2 'Structure model' 'Derived calculations'   
3 2 'Structure model' 'Structure summary'      
4 3 'Structure model' 'Data collection'        
5 3 'Structure model' 'Refinement description' 
# 
loop_
_pdbx_audit_revision_category.ordinal 
_pdbx_audit_revision_category.revision_ordinal 
_pdbx_audit_revision_category.data_content_type 
_pdbx_audit_revision_category.category 
1 2 'Structure model' atom_type                     
2 2 'Structure model' citation                      
3 2 'Structure model' struct                        
4 3 'Structure model' chem_comp_atom                
5 3 'Structure model' chem_comp_bond                
6 3 'Structure model' pdbx_initial_refinement_model 
# 
loop_
_pdbx_audit_revision_item.ordinal 
_pdbx_audit_revision_item.revision_ordinal 
_pdbx_audit_revision_item.data_content_type 
_pdbx_audit_revision_item.item 
1 2 'Structure model' '_atom_type.pdbx_N_electrons' 
2 2 'Structure model' '_atom_type.pdbx_scat_Z'      
3 2 'Structure model' '_citation.title'             
4 2 'Structure model' '_struct.title'               
# 
loop_
_software.citation_id 
_software.classification 
_software.compiler_name 
_software.compiler_version 
_software.contact_author 
_software.contact_author_email 
_software.date 
_software.description 
_software.dependencies 
_software.hardware 
_software.language 
_software.location 
_software.mods 
_software.name 
_software.os 
_software.os_version 
_software.type 
_software.version 
_software.pdbx_ordinal 
? refinement       ? ? ? ? ? ? ? ? ? ? ? REFMAC  ? ? ? 5.8.0267 1 
? 'data reduction' ? ? ? ? ? ? ? ? ? ? ? XDS     ? ? ? .        2 
? 'data scaling'   ? ? ? ? ? ? ? ? ? ? ? Aimless ? ? ? .        3 
? phasing          ? ? ? ? ? ? ? ? ? ? ? PHASER  ? ? ? .        4 
# 
_pdbx_entry_details.entry_id                 7WWS 
_pdbx_entry_details.nonpolymer_details       ? 
_pdbx_entry_details.sequence_details         ? 
_pdbx_entry_details.compound_details         ? 
_pdbx_entry_details.source_details           ? 
_pdbx_entry_details.has_ligand_of_interest   Y 
# 
loop_
_pdbx_validate_close_contact.id 
_pdbx_validate_close_contact.PDB_model_num 
_pdbx_validate_close_contact.auth_atom_id_1 
_pdbx_validate_close_contact.auth_asym_id_1 
_pdbx_validate_close_contact.auth_comp_id_1 
_pdbx_validate_close_contact.auth_seq_id_1 
_pdbx_validate_close_contact.PDB_ins_code_1 
_pdbx_validate_close_contact.label_alt_id_1 
_pdbx_validate_close_contact.auth_atom_id_2 
_pdbx_validate_close_contact.auth_asym_id_2 
_pdbx_validate_close_contact.auth_comp_id_2 
_pdbx_validate_close_contact.auth_seq_id_2 
_pdbx_validate_close_contact.PDB_ins_code_2 
_pdbx_validate_close_contact.label_alt_id_2 
_pdbx_validate_close_contact.dist 
1 1 O A HOH 109 ? ? O A HOH 128 ? ? 1.89 
2 1 O B HOH 133 ? ? O B HOH 145 ? ? 1.93 
3 1 O C HYP 2   ? ? O C HOH 101 ? ? 1.97 
4 1 O A HOH 103 ? ? O A HOH 135 ? ? 2.05 
5 1 O B HOH 134 ? ? O B HOH 145 ? ? 2.13 
# 
loop_
_pdbx_validate_symm_contact.id 
_pdbx_validate_symm_contact.PDB_model_num 
_pdbx_validate_symm_contact.auth_atom_id_1 
_pdbx_validate_symm_contact.auth_asym_id_1 
_pdbx_validate_symm_contact.auth_comp_id_1 
_pdbx_validate_symm_contact.auth_seq_id_1 
_pdbx_validate_symm_contact.PDB_ins_code_1 
_pdbx_validate_symm_contact.label_alt_id_1 
_pdbx_validate_symm_contact.site_symmetry_1 
_pdbx_validate_symm_contact.auth_atom_id_2 
_pdbx_validate_symm_contact.auth_asym_id_2 
_pdbx_validate_symm_contact.auth_comp_id_2 
_pdbx_validate_symm_contact.auth_seq_id_2 
_pdbx_validate_symm_contact.PDB_ins_code_2 
_pdbx_validate_symm_contact.label_alt_id_2 
_pdbx_validate_symm_contact.site_symmetry_2 
_pdbx_validate_symm_contact.dist 
1 1 O A HOH 128 ? ? 1_555 O B HOH 121 ? ? 2_544 1.59 
2 1 O A HOH 101 ? ? 1_555 O B HOH 115 ? ? 2_444 1.90 
3 1 O B HOH 145 ? ? 1_555 O C HOH 133 ? ? 1_455 2.03 
4 1 O A HOH 104 ? ? 1_555 O B HOH 103 ? ? 2_755 2.04 
5 1 O B HOH 145 ? ? 1_555 O C HOH 119 ? ? 1_455 2.08 
6 1 O B HOH 145 ? ? 1_555 O C HOH 146 ? ? 1_455 2.10 
7 1 O B GLY 27  ? ? 1_555 O B HOH 145 ? ? 2_444 2.10 
8 1 O A HOH 123 ? ? 1_555 O B HOH 121 ? ? 2_544 2.17 
9 1 O A HOH 145 ? ? 1_555 O B HOH 149 ? ? 1_756 2.17 
# 
loop_
_chem_comp_atom.comp_id 
_chem_comp_atom.atom_id 
_chem_comp_atom.type_symbol 
_chem_comp_atom.pdbx_aromatic_flag 
_chem_comp_atom.pdbx_stereo_config 
_chem_comp_atom.pdbx_ordinal 
ALA N    N N N 1   
ALA CA   C N S 2   
ALA C    C N N 3   
ALA O    O N N 4   
ALA CB   C N N 5   
ALA OXT  O N N 6   
ALA H    H N N 7   
ALA H2   H N N 8   
ALA HA   H N N 9   
ALA HB1  H N N 10  
ALA HB2  H N N 11  
ALA HB3  H N N 12  
ALA HXT  H N N 13  
ARG N    N N N 14  
ARG CA   C N S 15  
ARG C    C N N 16  
ARG O    O N N 17  
ARG CB   C N N 18  
ARG CG   C N N 19  
ARG CD   C N N 20  
ARG NE   N N N 21  
ARG CZ   C N N 22  
ARG NH1  N N N 23  
ARG NH2  N N N 24  
ARG OXT  O N N 25  
ARG H    H N N 26  
ARG H2   H N N 27  
ARG HA   H N N 28  
ARG HB2  H N N 29  
ARG HB3  H N N 30  
ARG HG2  H N N 31  
ARG HG3  H N N 32  
ARG HD2  H N N 33  
ARG HD3  H N N 34  
ARG HE   H N N 35  
ARG HH11 H N N 36  
ARG HH12 H N N 37  
ARG HH21 H N N 38  
ARG HH22 H N N 39  
ARG HXT  H N N 40  
ASN N    N N N 41  
ASN CA   C N S 42  
ASN C    C N N 43  
ASN O    O N N 44  
ASN CB   C N N 45  
ASN CG   C N N 46  
ASN OD1  O N N 47  
ASN ND2  N N N 48  
ASN OXT  O N N 49  
ASN H    H N N 50  
ASN H2   H N N 51  
ASN HA   H N N 52  
ASN HB2  H N N 53  
ASN HB3  H N N 54  
ASN HD21 H N N 55  
ASN HD22 H N N 56  
ASN HXT  H N N 57  
GLN N    N N N 58  
GLN CA   C N S 59  
GLN C    C N N 60  
GLN O    O N N 61  
GLN CB   C N N 62  
GLN CG   C N N 63  
GLN CD   C N N 64  
GLN OE1  O N N 65  
GLN NE2  N N N 66  
GLN OXT  O N N 67  
GLN H    H N N 68  
GLN H2   H N N 69  
GLN HA   H N N 70  
GLN HB2  H N N 71  
GLN HB3  H N N 72  
GLN HG2  H N N 73  
GLN HG3  H N N 74  
GLN HE21 H N N 75  
GLN HE22 H N N 76  
GLN HXT  H N N 77  
GLU N    N N N 78  
GLU CA   C N S 79  
GLU C    C N N 80  
GLU O    O N N 81  
GLU CB   C N N 82  
GLU CG   C N N 83  
GLU CD   C N N 84  
GLU OE1  O N N 85  
GLU OE2  O N N 86  
GLU OXT  O N N 87  
GLU H    H N N 88  
GLU H2   H N N 89  
GLU HA   H N N 90  
GLU HB2  H N N 91  
GLU HB3  H N N 92  
GLU HG2  H N N 93  
GLU HG3  H N N 94  
GLU HE2  H N N 95  
GLU HXT  H N N 96  
GLY N    N N N 97  
GLY CA   C N N 98  
GLY C    C N N 99  
GLY O    O N N 100 
GLY OXT  O N N 101 
GLY H    H N N 102 
GLY H2   H N N 103 
GLY HA2  H N N 104 
GLY HA3  H N N 105 
GLY HXT  H N N 106 
HOH O    O N N 107 
HOH H1   H N N 108 
HOH H2   H N N 109 
HYP N    N N N 110 
HYP CA   C N S 111 
HYP C    C N N 112 
HYP O    O N N 113 
HYP CB   C N N 114 
HYP CG   C N R 115 
HYP CD   C N N 116 
HYP OD1  O N N 117 
HYP OXT  O N N 118 
HYP H    H N N 119 
HYP HA   H N N 120 
HYP HB2  H N N 121 
HYP HB3  H N N 122 
HYP HG   H N N 123 
HYP HD22 H N N 124 
HYP HD23 H N N 125 
HYP HD1  H N N 126 
HYP HXT  H N N 127 
LEU N    N N N 128 
LEU CA   C N S 129 
LEU C    C N N 130 
LEU O    O N N 131 
LEU CB   C N N 132 
LEU CG   C N N 133 
LEU CD1  C N N 134 
LEU CD2  C N N 135 
LEU OXT  O N N 136 
LEU H    H N N 137 
LEU H2   H N N 138 
LEU HA   H N N 139 
LEU HB2  H N N 140 
LEU HB3  H N N 141 
LEU HG   H N N 142 
LEU HD11 H N N 143 
LEU HD12 H N N 144 
LEU HD13 H N N 145 
LEU HD21 H N N 146 
LEU HD22 H N N 147 
LEU HD23 H N N 148 
LEU HXT  H N N 149 
LYS N    N N N 150 
LYS CA   C N S 151 
LYS C    C N N 152 
LYS O    O N N 153 
LYS CB   C N N 154 
LYS CG   C N N 155 
LYS CD   C N N 156 
LYS CE   C N N 157 
LYS NZ   N N N 158 
LYS OXT  O N N 159 
LYS H    H N N 160 
LYS H2   H N N 161 
LYS HA   H N N 162 
LYS HB2  H N N 163 
LYS HB3  H N N 164 
LYS HG2  H N N 165 
LYS HG3  H N N 166 
LYS HD2  H N N 167 
LYS HD3  H N N 168 
LYS HE2  H N N 169 
LYS HE3  H N N 170 
LYS HZ1  H N N 171 
LYS HZ2  H N N 172 
LYS HZ3  H N N 173 
LYS HXT  H N N 174 
PRO N    N N N 175 
PRO CA   C N S 176 
PRO C    C N N 177 
PRO O    O N N 178 
PRO CB   C N N 179 
PRO CG   C N N 180 
PRO CD   C N N 181 
PRO OXT  O N N 182 
PRO H    H N N 183 
PRO HA   H N N 184 
PRO HB2  H N N 185 
PRO HB3  H N N 186 
PRO HG2  H N N 187 
PRO HG3  H N N 188 
PRO HD2  H N N 189 
PRO HD3  H N N 190 
PRO HXT  H N N 191 
SER N    N N N 192 
SER CA   C N S 193 
SER C    C N N 194 
SER O    O N N 195 
SER CB   C N N 196 
SER OG   O N N 197 
SER OXT  O N N 198 
SER H    H N N 199 
SER H2   H N N 200 
SER HA   H N N 201 
SER HB2  H N N 202 
SER HB3  H N N 203 
SER HG   H N N 204 
SER HXT  H N N 205 
VAL N    N N N 206 
VAL CA   C N S 207 
VAL C    C N N 208 
VAL O    O N N 209 
VAL CB   C N N 210 
VAL CG1  C N N 211 
VAL CG2  C N N 212 
VAL OXT  O N N 213 
VAL H    H N N 214 
VAL H2   H N N 215 
VAL HA   H N N 216 
VAL HB   H N N 217 
VAL HG11 H N N 218 
VAL HG12 H N N 219 
VAL HG13 H N N 220 
VAL HG21 H N N 221 
VAL HG22 H N N 222 
VAL HG23 H N N 223 
VAL HXT  H N N 224 
# 
loop_
_chem_comp_bond.comp_id 
_chem_comp_bond.atom_id_1 
_chem_comp_bond.atom_id_2 
_chem_comp_bond.value_order 
_chem_comp_bond.pdbx_aromatic_flag 
_chem_comp_bond.pdbx_stereo_config 
_chem_comp_bond.pdbx_ordinal 
ALA N   CA   sing N N 1   
ALA N   H    sing N N 2   
ALA N   H2   sing N N 3   
ALA CA  C    sing N N 4   
ALA CA  CB   sing N N 5   
ALA CA  HA   sing N N 6   
ALA C   O    doub N N 7   
ALA C   OXT  sing N N 8   
ALA CB  HB1  sing N N 9   
ALA CB  HB2  sing N N 10  
ALA CB  HB3  sing N N 11  
ALA OXT HXT  sing N N 12  
ARG N   CA   sing N N 13  
ARG N   H    sing N N 14  
ARG N   H2   sing N N 15  
ARG CA  C    sing N N 16  
ARG CA  CB   sing N N 17  
ARG CA  HA   sing N N 18  
ARG C   O    doub N N 19  
ARG C   OXT  sing N N 20  
ARG CB  CG   sing N N 21  
ARG CB  HB2  sing N N 22  
ARG CB  HB3  sing N N 23  
ARG CG  CD   sing N N 24  
ARG CG  HG2  sing N N 25  
ARG CG  HG3  sing N N 26  
ARG CD  NE   sing N N 27  
ARG CD  HD2  sing N N 28  
ARG CD  HD3  sing N N 29  
ARG NE  CZ   sing N N 30  
ARG NE  HE   sing N N 31  
ARG CZ  NH1  sing N N 32  
ARG CZ  NH2  doub N N 33  
ARG NH1 HH11 sing N N 34  
ARG NH1 HH12 sing N N 35  
ARG NH2 HH21 sing N N 36  
ARG NH2 HH22 sing N N 37  
ARG OXT HXT  sing N N 38  
ASN N   CA   sing N N 39  
ASN N   H    sing N N 40  
ASN N   H2   sing N N 41  
ASN CA  C    sing N N 42  
ASN CA  CB   sing N N 43  
ASN CA  HA   sing N N 44  
ASN C   O    doub N N 45  
ASN C   OXT  sing N N 46  
ASN CB  CG   sing N N 47  
ASN CB  HB2  sing N N 48  
ASN CB  HB3  sing N N 49  
ASN CG  OD1  doub N N 50  
ASN CG  ND2  sing N N 51  
ASN ND2 HD21 sing N N 52  
ASN ND2 HD22 sing N N 53  
ASN OXT HXT  sing N N 54  
GLN N   CA   sing N N 55  
GLN N   H    sing N N 56  
GLN N   H2   sing N N 57  
GLN CA  C    sing N N 58  
GLN CA  CB   sing N N 59  
GLN CA  HA   sing N N 60  
GLN C   O    doub N N 61  
GLN C   OXT  sing N N 62  
GLN CB  CG   sing N N 63  
GLN CB  HB2  sing N N 64  
GLN CB  HB3  sing N N 65  
GLN CG  CD   sing N N 66  
GLN CG  HG2  sing N N 67  
GLN CG  HG3  sing N N 68  
GLN CD  OE1  doub N N 69  
GLN CD  NE2  sing N N 70  
GLN NE2 HE21 sing N N 71  
GLN NE2 HE22 sing N N 72  
GLN OXT HXT  sing N N 73  
GLU N   CA   sing N N 74  
GLU N   H    sing N N 75  
GLU N   H2   sing N N 76  
GLU CA  C    sing N N 77  
GLU CA  CB   sing N N 78  
GLU CA  HA   sing N N 79  
GLU C   O    doub N N 80  
GLU C   OXT  sing N N 81  
GLU CB  CG   sing N N 82  
GLU CB  HB2  sing N N 83  
GLU CB  HB3  sing N N 84  
GLU CG  CD   sing N N 85  
GLU CG  HG2  sing N N 86  
GLU CG  HG3  sing N N 87  
GLU CD  OE1  doub N N 88  
GLU CD  OE2  sing N N 89  
GLU OE2 HE2  sing N N 90  
GLU OXT HXT  sing N N 91  
GLY N   CA   sing N N 92  
GLY N   H    sing N N 93  
GLY N   H2   sing N N 94  
GLY CA  C    sing N N 95  
GLY CA  HA2  sing N N 96  
GLY CA  HA3  sing N N 97  
GLY C   O    doub N N 98  
GLY C   OXT  sing N N 99  
GLY OXT HXT  sing N N 100 
HOH O   H1   sing N N 101 
HOH O   H2   sing N N 102 
HYP N   CA   sing N N 103 
HYP N   CD   sing N N 104 
HYP N   H    sing N N 105 
HYP CA  C    sing N N 106 
HYP CA  CB   sing N N 107 
HYP CA  HA   sing N N 108 
HYP C   O    doub N N 109 
HYP C   OXT  sing N N 110 
HYP CB  CG   sing N N 111 
HYP CB  HB2  sing N N 112 
HYP CB  HB3  sing N N 113 
HYP CG  CD   sing N N 114 
HYP CG  OD1  sing N N 115 
HYP CG  HG   sing N N 116 
HYP CD  HD22 sing N N 117 
HYP CD  HD23 sing N N 118 
HYP OD1 HD1  sing N N 119 
HYP OXT HXT  sing N N 120 
LEU N   CA   sing N N 121 
LEU N   H    sing N N 122 
LEU N   H2   sing N N 123 
LEU CA  C    sing N N 124 
LEU CA  CB   sing N N 125 
LEU CA  HA   sing N N 126 
LEU C   O    doub N N 127 
LEU C   OXT  sing N N 128 
LEU CB  CG   sing N N 129 
LEU CB  HB2  sing N N 130 
LEU CB  HB3  sing N N 131 
LEU CG  CD1  sing N N 132 
LEU CG  CD2  sing N N 133 
LEU CG  HG   sing N N 134 
LEU CD1 HD11 sing N N 135 
LEU CD1 HD12 sing N N 136 
LEU CD1 HD13 sing N N 137 
LEU CD2 HD21 sing N N 138 
LEU CD2 HD22 sing N N 139 
LEU CD2 HD23 sing N N 140 
LEU OXT HXT  sing N N 141 
LYS N   CA   sing N N 142 
LYS N   H    sing N N 143 
LYS N   H2   sing N N 144 
LYS CA  C    sing N N 145 
LYS CA  CB   sing N N 146 
LYS CA  HA   sing N N 147 
LYS C   O    doub N N 148 
LYS C   OXT  sing N N 149 
LYS CB  CG   sing N N 150 
LYS CB  HB2  sing N N 151 
LYS CB  HB3  sing N N 152 
LYS CG  CD   sing N N 153 
LYS CG  HG2  sing N N 154 
LYS CG  HG3  sing N N 155 
LYS CD  CE   sing N N 156 
LYS CD  HD2  sing N N 157 
LYS CD  HD3  sing N N 158 
LYS CE  NZ   sing N N 159 
LYS CE  HE2  sing N N 160 
LYS CE  HE3  sing N N 161 
LYS NZ  HZ1  sing N N 162 
LYS NZ  HZ2  sing N N 163 
LYS NZ  HZ3  sing N N 164 
LYS OXT HXT  sing N N 165 
PRO N   CA   sing N N 166 
PRO N   CD   sing N N 167 
PRO N   H    sing N N 168 
PRO CA  C    sing N N 169 
PRO CA  CB   sing N N 170 
PRO CA  HA   sing N N 171 
PRO C   O    doub N N 172 
PRO C   OXT  sing N N 173 
PRO CB  CG   sing N N 174 
PRO CB  HB2  sing N N 175 
PRO CB  HB3  sing N N 176 
PRO CG  CD   sing N N 177 
PRO CG  HG2  sing N N 178 
PRO CG  HG3  sing N N 179 
PRO CD  HD2  sing N N 180 
PRO CD  HD3  sing N N 181 
PRO OXT HXT  sing N N 182 
SER N   CA   sing N N 183 
SER N   H    sing N N 184 
SER N   H2   sing N N 185 
SER CA  C    sing N N 186 
SER CA  CB   sing N N 187 
SER CA  HA   sing N N 188 
SER C   O    doub N N 189 
SER C   OXT  sing N N 190 
SER CB  OG   sing N N 191 
SER CB  HB2  sing N N 192 
SER CB  HB3  sing N N 193 
SER OG  HG   sing N N 194 
SER OXT HXT  sing N N 195 
VAL N   CA   sing N N 196 
VAL N   H    sing N N 197 
VAL N   H2   sing N N 198 
VAL CA  C    sing N N 199 
VAL CA  CB   sing N N 200 
VAL CA  HA   sing N N 201 
VAL C   O    doub N N 202 
VAL C   OXT  sing N N 203 
VAL CB  CG1  sing N N 204 
VAL CB  CG2  sing N N 205 
VAL CB  HB   sing N N 206 
VAL CG1 HG11 sing N N 207 
VAL CG1 HG12 sing N N 208 
VAL CG1 HG13 sing N N 209 
VAL CG2 HG21 sing N N 210 
VAL CG2 HG22 sing N N 211 
VAL CG2 HG23 sing N N 212 
VAL OXT HXT  sing N N 213 
# 
_pdbx_entity_instance_feature.ordinal        1 
_pdbx_entity_instance_feature.comp_id        HYP 
_pdbx_entity_instance_feature.asym_id        ? 
_pdbx_entity_instance_feature.seq_num        ? 
_pdbx_entity_instance_feature.auth_comp_id   HYP 
_pdbx_entity_instance_feature.auth_asym_id   ? 
_pdbx_entity_instance_feature.auth_seq_num   ? 
_pdbx_entity_instance_feature.feature_type   'SUBJECT OF INVESTIGATION' 
_pdbx_entity_instance_feature.details        ? 
# 
_pdbx_entity_nonpoly.entity_id   2 
_pdbx_entity_nonpoly.name        water 
_pdbx_entity_nonpoly.comp_id     HOH 
# 
_pdbx_initial_refinement_model.id               1 
_pdbx_initial_refinement_model.entity_id_list   ? 
_pdbx_initial_refinement_model.type             'experimental model' 
_pdbx_initial_refinement_model.source_name      PDB 
_pdbx_initial_refinement_model.accession_code   2CUO 
_pdbx_initial_refinement_model.details          ? 
# 
_pdbx_struct_assembly_auth_evidence.id                     1 
_pdbx_struct_assembly_auth_evidence.assembly_id            1 
_pdbx_struct_assembly_auth_evidence.experimental_support   homology 
_pdbx_struct_assembly_auth_evidence.details                ? 
# 
